data_6XMN
#
_entry.id   6XMN
#
loop_
_entity.id
_entity.type
_entity.pdbx_description
1 polymer Interleukin-8
2 polymer 'C-X-C chemokine receptor type 1'
#
loop_
_entity_poly.entity_id
_entity_poly.type
_entity_poly.pdbx_seq_one_letter_code
_entity_poly.pdbx_strand_id
1 'polypeptide(L)' SAKELRCQCIKTYSKPFHPKFIKELRVIESGPHCANTEIIVKLSDGRELCLDPKENWVQRVVEKFL A
2 'polypeptide(L)' MSNITDPQMWDFDDLNFTGMPPADEDYSP B
#
# COMPACT_ATOMS: atom_id res chain seq x y z
N SER A 1 -14.84 11.69 9.88
CA SER A 1 -15.43 11.43 11.21
C SER A 1 -14.32 11.25 12.24
N ALA A 2 -14.48 11.88 13.39
CA ALA A 2 -13.47 11.81 14.44
C ALA A 2 -14.10 11.64 15.82
N LYS A 3 -14.87 10.58 15.98
CA LYS A 3 -15.45 10.25 17.27
C LYS A 3 -15.06 8.83 17.65
N GLU A 4 -15.28 7.93 16.72
CA GLU A 4 -14.87 6.56 16.86
C GLU A 4 -14.06 6.16 15.63
N LEU A 5 -12.76 6.02 15.82
CA LEU A 5 -11.88 5.70 14.73
C LEU A 5 -11.27 4.33 14.88
N ARG A 6 -11.42 3.59 13.80
CA ARG A 6 -10.89 2.28 13.65
C ARG A 6 -9.81 2.35 12.61
N CYS A 7 -9.16 1.26 12.37
CA CYS A 7 -8.09 1.17 11.39
C CYS A 7 -8.54 1.80 10.07
N GLN A 8 -7.60 2.41 9.36
CA GLN A 8 -7.88 2.98 8.05
C GLN A 8 -8.05 1.84 7.05
N CYS A 9 -7.40 0.74 7.37
CA CYS A 9 -7.60 -0.51 6.70
C CYS A 9 -7.60 -1.61 7.74
N ILE A 10 -8.78 -2.16 8.01
CA ILE A 10 -8.95 -3.11 9.09
C ILE A 10 -8.34 -4.45 8.71
N LYS A 11 -8.33 -4.72 7.43
CA LYS A 11 -7.65 -5.84 6.89
C LYS A 11 -6.89 -5.40 5.67
N THR A 12 -6.19 -6.32 5.07
CA THR A 12 -5.45 -6.03 3.87
C THR A 12 -5.87 -6.98 2.77
N TYR A 13 -5.65 -6.57 1.54
CA TYR A 13 -6.04 -7.36 0.40
C TYR A 13 -4.77 -7.71 -0.38
N SER A 14 -4.57 -8.99 -0.55
CA SER A 14 -3.31 -9.55 -0.97
C SER A 14 -3.20 -9.70 -2.49
N LYS A 15 -3.31 -8.61 -3.20
CA LYS A 15 -3.31 -8.64 -4.64
C LYS A 15 -2.18 -7.81 -5.22
N PRO A 16 -1.13 -8.50 -5.67
CA PRO A 16 0.06 -7.88 -6.25
C PRO A 16 -0.22 -7.15 -7.55
N PHE A 17 0.11 -5.88 -7.57
CA PHE A 17 0.03 -5.09 -8.78
C PHE A 17 1.30 -4.28 -9.01
N HIS A 18 1.28 -3.45 -10.04
CA HIS A 18 2.44 -2.66 -10.47
C HIS A 18 2.16 -1.19 -10.22
N PRO A 19 3.18 -0.33 -10.02
CA PRO A 19 2.95 1.10 -9.78
C PRO A 19 2.10 1.76 -10.86
N LYS A 20 2.16 1.22 -12.09
CA LYS A 20 1.38 1.79 -13.19
C LYS A 20 -0.09 1.48 -12.98
N PHE A 21 -0.33 0.51 -12.11
CA PHE A 21 -1.66 0.06 -11.78
C PHE A 21 -2.25 0.94 -10.70
N ILE A 22 -1.40 1.38 -9.81
CA ILE A 22 -1.79 1.99 -8.63
C ILE A 22 -1.50 3.46 -8.69
N LYS A 23 -2.54 4.20 -8.58
CA LYS A 23 -2.49 5.59 -8.84
C LYS A 23 -2.55 6.38 -7.56
N GLU A 24 -2.94 5.71 -6.51
CA GLU A 24 -2.88 6.33 -5.19
C GLU A 24 -2.43 5.34 -4.15
N LEU A 25 -1.52 5.80 -3.36
CA LEU A 25 -1.00 5.11 -2.21
C LEU A 25 -1.09 6.00 -0.98
N ARG A 26 -1.50 5.43 0.14
CA ARG A 26 -1.49 6.14 1.40
C ARG A 26 -1.04 5.20 2.50
N VAL A 27 -0.02 5.58 3.23
CA VAL A 27 0.54 4.69 4.23
C VAL A 27 0.15 5.16 5.62
N ILE A 28 -0.67 4.37 6.28
CA ILE A 28 -1.10 4.68 7.64
C ILE A 28 -0.33 3.84 8.65
N GLU A 29 0.43 4.51 9.50
CA GLU A 29 1.14 3.84 10.56
C GLU A 29 0.26 3.78 11.80
N SER A 30 0.52 2.78 12.65
CA SER A 30 -0.20 2.62 13.92
C SER A 30 -0.67 3.93 14.52
N GLY A 31 -1.96 4.01 14.72
CA GLY A 31 -2.60 5.22 15.16
C GLY A 31 -3.07 5.13 16.58
N PRO A 32 -3.82 6.13 17.05
CA PRO A 32 -4.59 6.02 18.29
C PRO A 32 -5.89 5.27 18.03
N HIS A 33 -5.99 4.73 16.81
CA HIS A 33 -7.16 4.00 16.40
C HIS A 33 -6.84 2.54 16.25
N CYS A 34 -5.65 2.26 15.74
CA CYS A 34 -5.23 0.92 15.47
C CYS A 34 -3.72 0.81 15.55
N ALA A 35 -3.24 -0.14 16.34
CA ALA A 35 -1.83 -0.22 16.69
C ALA A 35 -1.07 -0.98 15.63
N ASN A 36 -1.57 -0.91 14.42
CA ASN A 36 -0.99 -1.63 13.30
C ASN A 36 -0.58 -0.69 12.16
N THR A 37 0.04 -1.25 11.15
CA THR A 37 0.45 -0.49 9.98
C THR A 37 -0.35 -0.94 8.77
N GLU A 38 -0.92 0.01 8.06
CA GLU A 38 -1.92 -0.28 7.04
C GLU A 38 -1.66 0.55 5.79
N ILE A 39 -1.66 -0.10 4.64
CA ILE A 39 -1.49 0.63 3.40
C ILE A 39 -2.81 0.75 2.65
N ILE A 40 -3.24 1.96 2.42
CA ILE A 40 -4.42 2.21 1.60
C ILE A 40 -3.97 2.48 0.16
N VAL A 41 -4.76 2.04 -0.82
CA VAL A 41 -4.36 2.18 -2.21
C VAL A 41 -5.55 2.38 -3.12
N LYS A 42 -5.27 2.99 -4.25
CA LYS A 42 -6.19 3.06 -5.33
C LYS A 42 -5.50 2.67 -6.63
N LEU A 43 -6.01 1.65 -7.24
CA LEU A 43 -5.62 1.27 -8.56
C LEU A 43 -6.54 1.95 -9.53
N SER A 44 -5.95 2.49 -10.57
CA SER A 44 -6.70 3.29 -11.49
C SER A 44 -7.75 2.47 -12.18
N ASP A 45 -7.31 1.34 -12.68
CA ASP A 45 -8.23 0.37 -13.24
C ASP A 45 -8.80 -0.48 -12.12
N GLY A 46 -8.07 -0.46 -11.02
CA GLY A 46 -8.13 -1.53 -10.07
C GLY A 46 -8.76 -1.25 -8.73
N ARG A 47 -9.61 -0.22 -8.63
CA ARG A 47 -10.41 0.00 -7.43
C ARG A 47 -9.57 0.60 -6.32
N GLU A 48 -10.14 0.80 -5.14
CA GLU A 48 -9.35 1.26 -4.02
C GLU A 48 -9.40 0.24 -2.89
N LEU A 49 -8.24 -0.32 -2.58
CA LEU A 49 -8.15 -1.52 -1.76
C LEU A 49 -7.29 -1.24 -0.53
N CYS A 50 -7.01 -2.30 0.22
CA CYS A 50 -6.10 -2.26 1.34
C CYS A 50 -4.92 -3.17 1.05
N LEU A 51 -3.72 -2.77 1.44
CA LEU A 51 -2.53 -3.54 1.10
C LEU A 51 -1.75 -4.00 2.31
N ASP A 52 -1.03 -5.10 2.10
CA ASP A 52 -0.15 -5.68 3.10
C ASP A 52 1.25 -5.08 2.97
N PRO A 53 1.63 -4.17 3.88
CA PRO A 53 2.93 -3.47 3.80
C PRO A 53 4.13 -4.40 3.99
N LYS A 54 3.84 -5.65 4.30
CA LYS A 54 4.87 -6.61 4.62
C LYS A 54 5.20 -7.42 3.39
N GLU A 55 4.28 -7.38 2.43
CA GLU A 55 4.35 -8.22 1.27
C GLU A 55 5.23 -7.57 0.18
N ASN A 56 6.18 -8.34 -0.32
CA ASN A 56 7.31 -7.78 -1.08
C ASN A 56 6.88 -7.11 -2.38
N TRP A 57 5.85 -7.63 -2.99
CA TRP A 57 5.30 -7.03 -4.21
C TRP A 57 4.85 -5.61 -3.94
N VAL A 58 4.33 -5.39 -2.74
CA VAL A 58 3.87 -4.09 -2.33
C VAL A 58 5.05 -3.20 -2.11
N GLN A 59 6.13 -3.79 -1.64
CA GLN A 59 7.28 -3.05 -1.26
C GLN A 59 7.86 -2.36 -2.46
N ARG A 60 7.68 -2.98 -3.60
CA ARG A 60 8.14 -2.44 -4.86
C ARG A 60 7.14 -1.44 -5.41
N VAL A 61 5.90 -1.84 -5.47
CA VAL A 61 4.90 -1.04 -6.07
C VAL A 61 4.71 0.26 -5.32
N VAL A 62 4.87 0.21 -4.03
CA VAL A 62 4.76 1.40 -3.21
C VAL A 62 6.04 2.21 -3.25
N GLU A 63 7.18 1.54 -3.15
CA GLU A 63 8.46 2.20 -3.23
C GLU A 63 8.62 2.90 -4.56
N LYS A 64 8.27 2.21 -5.62
CA LYS A 64 8.46 2.73 -6.94
C LYS A 64 7.34 3.69 -7.30
N PHE A 65 6.23 3.56 -6.58
CA PHE A 65 5.19 4.56 -6.64
C PHE A 65 5.68 5.89 -6.09
N LEU A 66 6.13 5.86 -4.84
CA LEU A 66 6.44 7.09 -4.11
C LEU A 66 7.55 7.86 -4.79
N MET B 1 8.49 12.94 -6.85
CA MET B 1 9.53 13.95 -6.84
C MET B 1 10.44 13.78 -5.63
N SER B 2 9.88 13.88 -4.42
CA SER B 2 10.58 13.51 -3.19
C SER B 2 11.70 14.52 -2.86
N ASN B 3 12.60 14.10 -1.96
CA ASN B 3 13.76 14.85 -1.46
C ASN B 3 13.97 14.54 0.01
N ILE B 4 15.18 14.85 0.50
CA ILE B 4 15.61 14.54 1.88
C ILE B 4 16.27 13.16 1.90
N THR B 5 16.98 12.84 3.00
CA THR B 5 17.63 11.53 3.28
C THR B 5 19.14 11.63 3.08
N ASP B 6 19.79 10.46 2.91
CA ASP B 6 21.24 10.34 2.83
C ASP B 6 21.61 8.87 3.04
N PRO B 7 22.82 8.43 2.56
CA PRO B 7 23.10 7.04 2.34
C PRO B 7 22.09 6.27 1.50
N GLN B 8 22.53 5.12 0.95
CA GLN B 8 21.71 4.27 0.06
C GLN B 8 22.64 3.52 -0.89
N MET B 9 22.05 3.02 -1.98
CA MET B 9 22.70 2.23 -3.04
C MET B 9 21.74 1.10 -3.42
N TRP B 10 21.94 0.53 -4.61
CA TRP B 10 21.00 -0.44 -5.18
C TRP B 10 19.60 0.17 -5.29
N ASP B 11 18.67 -0.63 -5.81
CA ASP B 11 17.23 -0.33 -5.82
C ASP B 11 16.76 0.06 -7.22
N PHE B 12 15.46 -0.05 -7.39
CA PHE B 12 14.69 0.49 -8.51
C PHE B 12 14.23 -0.62 -9.43
N ASP B 13 13.14 -0.30 -10.11
CA ASP B 13 12.42 -1.15 -11.08
C ASP B 13 11.04 -1.30 -10.51
N ASP B 14 10.05 -1.58 -11.32
CA ASP B 14 8.70 -1.65 -10.79
C ASP B 14 8.05 -2.95 -11.19
N LEU B 15 6.98 -3.33 -10.46
CA LEU B 15 6.34 -4.63 -10.62
C LEU B 15 6.90 -5.58 -9.55
N ASN B 16 7.10 -6.85 -9.90
CA ASN B 16 7.06 -8.02 -9.03
C ASN B 16 6.30 -9.09 -9.79
N PHE B 17 5.79 -10.11 -9.15
CA PHE B 17 5.29 -11.26 -9.88
C PHE B 17 4.87 -12.37 -8.95
N THR B 18 4.06 -13.25 -9.56
CA THR B 18 3.14 -14.17 -8.90
C THR B 18 1.87 -13.36 -8.65
N GLY B 19 0.73 -14.00 -8.46
CA GLY B 19 -0.45 -13.24 -8.15
C GLY B 19 -0.84 -12.30 -9.27
N MET B 20 -1.63 -11.30 -8.91
CA MET B 20 -2.13 -10.26 -9.81
C MET B 20 -3.06 -9.38 -8.99
N PRO B 21 -3.99 -8.63 -9.59
CA PRO B 21 -4.86 -7.79 -8.80
C PRO B 21 -6.20 -7.51 -9.47
N PRO B 22 -6.95 -6.45 -9.09
CA PRO B 22 -8.36 -6.56 -9.11
C PRO B 22 -8.88 -7.81 -8.44
N ALA B 23 -10.15 -8.22 -8.70
CA ALA B 23 -10.76 -9.34 -7.98
C ALA B 23 -11.44 -8.72 -6.79
N ASP B 24 -11.53 -9.41 -5.67
CA ASP B 24 -12.13 -8.78 -4.53
C ASP B 24 -11.86 -9.53 -3.24
N GLU B 25 -12.05 -8.73 -2.23
CA GLU B 25 -11.51 -8.82 -0.90
C GLU B 25 -10.99 -7.40 -0.67
N ASP B 26 -10.74 -7.04 0.58
CA ASP B 26 -10.39 -5.67 1.02
C ASP B 26 -11.64 -5.04 1.60
N TYR B 27 -11.48 -4.04 2.45
CA TYR B 27 -12.60 -3.32 3.05
C TYR B 27 -12.11 -2.54 4.27
N SER B 28 -12.93 -1.60 4.73
CA SER B 28 -12.60 -0.72 5.85
C SER B 28 -13.57 0.47 5.89
N PRO B 29 -13.61 1.20 7.05
CA PRO B 29 -14.54 2.33 7.17
C PRO B 29 -14.55 3.09 8.53
N SER A 1 -7.95 14.42 12.33
CA SER A 1 -8.43 14.34 13.73
C SER A 1 -7.39 13.63 14.60
N ALA A 2 -7.26 14.09 15.84
CA ALA A 2 -6.35 13.47 16.79
C ALA A 2 -7.08 13.17 18.09
N LYS A 3 -8.16 12.42 17.99
CA LYS A 3 -8.92 12.02 19.16
C LYS A 3 -9.52 10.65 18.94
N GLU A 4 -10.35 10.56 17.92
CA GLU A 4 -11.06 9.36 17.60
C GLU A 4 -10.81 8.98 16.14
N LEU A 5 -10.03 7.93 15.96
CA LEU A 5 -9.76 7.40 14.64
C LEU A 5 -9.86 5.89 14.65
N ARG A 6 -10.27 5.36 13.53
CA ARG A 6 -10.25 3.95 13.28
C ARG A 6 -9.31 3.73 12.12
N CYS A 7 -9.03 2.50 11.82
CA CYS A 7 -8.12 2.18 10.74
C CYS A 7 -8.74 2.60 9.41
N GLN A 8 -7.92 3.12 8.51
CA GLN A 8 -8.38 3.45 7.17
C GLN A 8 -8.45 2.16 6.38
N CYS A 9 -7.65 1.21 6.81
CA CYS A 9 -7.69 -0.15 6.34
C CYS A 9 -7.53 -1.10 7.51
N ILE A 10 -8.63 -1.69 7.95
CA ILE A 10 -8.59 -2.64 9.06
C ILE A 10 -7.99 -3.94 8.58
N LYS A 11 -8.29 -4.25 7.33
CA LYS A 11 -7.74 -5.39 6.66
C LYS A 11 -6.67 -4.94 5.70
N THR A 12 -5.90 -5.89 5.25
CA THR A 12 -5.09 -5.68 4.09
C THR A 12 -5.49 -6.72 3.06
N TYR A 13 -5.31 -6.37 1.82
CA TYR A 13 -5.78 -7.17 0.73
C TYR A 13 -4.62 -7.47 -0.22
N SER A 14 -4.38 -8.76 -0.42
CA SER A 14 -3.11 -9.27 -0.88
C SER A 14 -2.99 -9.32 -2.40
N LYS A 15 -3.10 -8.18 -3.05
CA LYS A 15 -3.05 -8.17 -4.50
C LYS A 15 -1.90 -7.36 -5.04
N PRO A 16 -1.02 -8.09 -5.73
CA PRO A 16 0.18 -7.55 -6.32
C PRO A 16 -0.12 -6.86 -7.62
N PHE A 17 0.25 -5.61 -7.71
CA PHE A 17 0.11 -4.89 -8.94
C PHE A 17 1.35 -4.03 -9.24
N HIS A 18 1.30 -3.31 -10.34
CA HIS A 18 2.37 -2.42 -10.78
C HIS A 18 2.01 -1.01 -10.37
N PRO A 19 3.01 -0.14 -10.08
CA PRO A 19 2.74 1.22 -9.62
C PRO A 19 1.96 2.03 -10.67
N LYS A 20 2.09 1.66 -11.96
CA LYS A 20 1.37 2.37 -13.02
C LYS A 20 -0.11 2.08 -12.94
N PHE A 21 -0.43 1.04 -12.19
CA PHE A 21 -1.79 0.60 -12.03
C PHE A 21 -2.44 1.31 -10.90
N ILE A 22 -1.64 1.66 -9.92
CA ILE A 22 -2.11 2.18 -8.74
C ILE A 22 -1.85 3.66 -8.74
N LYS A 23 -2.91 4.38 -8.65
CA LYS A 23 -2.89 5.78 -8.89
C LYS A 23 -2.93 6.52 -7.58
N GLU A 24 -3.33 5.81 -6.53
CA GLU A 24 -3.28 6.39 -5.20
C GLU A 24 -2.67 5.43 -4.23
N LEU A 25 -1.74 5.96 -3.50
CA LEU A 25 -1.13 5.34 -2.37
C LEU A 25 -1.25 6.20 -1.13
N ARG A 26 -1.54 5.57 0.00
CA ARG A 26 -1.49 6.23 1.28
C ARG A 26 -1.02 5.24 2.35
N VAL A 27 0.04 5.59 3.06
CA VAL A 27 0.59 4.70 4.06
C VAL A 27 0.27 5.20 5.46
N ILE A 28 -0.61 4.50 6.15
CA ILE A 28 -0.98 4.89 7.50
C ILE A 28 -0.40 3.91 8.51
N GLU A 29 0.31 4.43 9.50
CA GLU A 29 0.96 3.59 10.50
C GLU A 29 0.09 3.45 11.73
N SER A 30 0.30 2.37 12.51
CA SER A 30 -0.39 2.16 13.77
C SER A 30 -0.53 3.45 14.59
N GLY A 31 -1.76 3.76 14.96
CA GLY A 31 -2.07 4.98 15.68
C GLY A 31 -2.69 4.67 17.01
N PRO A 32 -3.41 5.64 17.58
CA PRO A 32 -4.29 5.40 18.73
C PRO A 32 -5.61 4.86 18.21
N HIS A 33 -5.56 4.49 16.93
CA HIS A 33 -6.71 4.17 16.14
C HIS A 33 -6.67 2.70 15.73
N CYS A 34 -5.46 2.24 15.48
CA CYS A 34 -5.22 0.91 14.97
C CYS A 34 -3.83 0.49 15.41
N ALA A 35 -3.69 -0.72 15.92
CA ALA A 35 -2.40 -1.19 16.38
C ALA A 35 -1.66 -1.88 15.24
N ASN A 36 -2.04 -1.50 14.04
CA ASN A 36 -1.48 -2.10 12.84
C ASN A 36 -0.95 -1.04 11.89
N THR A 37 -0.25 -1.48 10.88
CA THR A 37 0.20 -0.60 9.81
C THR A 37 -0.56 -0.97 8.55
N GLU A 38 -1.07 0.04 7.89
CA GLU A 38 -2.07 -0.15 6.87
C GLU A 38 -1.77 0.67 5.64
N ILE A 39 -1.61 0.02 4.52
CA ILE A 39 -1.42 0.73 3.27
C ILE A 39 -2.75 0.82 2.53
N ILE A 40 -3.23 2.03 2.32
CA ILE A 40 -4.43 2.21 1.54
C ILE A 40 -4.03 2.62 0.14
N VAL A 41 -4.74 2.16 -0.87
CA VAL A 41 -4.33 2.41 -2.24
C VAL A 41 -5.51 2.37 -3.19
N LYS A 42 -5.24 2.81 -4.39
CA LYS A 42 -6.21 2.78 -5.44
C LYS A 42 -5.57 2.41 -6.76
N LEU A 43 -6.15 1.43 -7.40
CA LEU A 43 -5.85 1.11 -8.76
C LEU A 43 -6.87 1.81 -9.62
N SER A 44 -6.37 2.51 -10.60
CA SER A 44 -7.21 3.35 -11.42
C SER A 44 -8.26 2.51 -12.13
N ASP A 45 -7.80 1.45 -12.74
CA ASP A 45 -8.70 0.47 -13.31
C ASP A 45 -9.17 -0.48 -12.21
N GLY A 46 -8.38 -0.52 -11.16
CA GLY A 46 -8.39 -1.65 -10.27
C GLY A 46 -8.92 -1.41 -8.88
N ARG A 47 -9.82 -0.43 -8.73
CA ARG A 47 -10.53 -0.24 -7.47
C ARG A 47 -9.65 0.41 -6.44
N GLU A 48 -10.15 0.53 -5.22
CA GLU A 48 -9.32 0.94 -4.13
C GLU A 48 -9.26 -0.17 -3.09
N LEU A 49 -8.05 -0.49 -2.68
CA LEU A 49 -7.76 -1.70 -1.95
C LEU A 49 -6.96 -1.36 -0.70
N CYS A 50 -6.69 -2.37 0.10
CA CYS A 50 -5.78 -2.25 1.22
C CYS A 50 -4.59 -3.16 0.96
N LEU A 51 -3.38 -2.72 1.28
CA LEU A 51 -2.21 -3.54 1.01
C LEU A 51 -1.47 -3.90 2.28
N ASP A 52 -0.78 -5.03 2.19
CA ASP A 52 0.03 -5.53 3.29
C ASP A 52 1.46 -5.03 3.17
N PRO A 53 1.88 -4.10 4.03
CA PRO A 53 3.22 -3.49 3.95
C PRO A 53 4.35 -4.49 4.22
N LYS A 54 3.97 -5.72 4.55
CA LYS A 54 4.93 -6.74 4.88
C LYS A 54 5.25 -7.59 3.66
N GLU A 55 4.40 -7.47 2.65
CA GLU A 55 4.45 -8.34 1.50
C GLU A 55 5.32 -7.72 0.39
N ASN A 56 6.21 -8.54 -0.16
CA ASN A 56 7.33 -8.05 -0.98
C ASN A 56 6.86 -7.33 -2.24
N TRP A 57 5.77 -7.79 -2.81
CA TRP A 57 5.20 -7.14 -3.98
C TRP A 57 4.84 -5.71 -3.64
N VAL A 58 4.34 -5.50 -2.44
CA VAL A 58 3.95 -4.19 -2.00
C VAL A 58 5.17 -3.32 -1.87
N GLN A 59 6.25 -3.95 -1.47
CA GLN A 59 7.44 -3.26 -1.18
C GLN A 59 7.96 -2.58 -2.40
N ARG A 60 7.72 -3.20 -3.52
CA ARG A 60 8.16 -2.67 -4.78
C ARG A 60 7.18 -1.70 -5.38
N VAL A 61 5.94 -2.11 -5.52
CA VAL A 61 4.98 -1.29 -6.16
C VAL A 61 4.70 -0.03 -5.36
N VAL A 62 4.87 -0.11 -4.06
CA VAL A 62 4.69 1.05 -3.22
C VAL A 62 5.95 1.91 -3.18
N GLU A 63 7.10 1.27 -3.01
CA GLU A 63 8.36 1.97 -3.00
C GLU A 63 8.60 2.67 -4.31
N LYS A 64 8.31 1.96 -5.38
CA LYS A 64 8.57 2.44 -6.70
C LYS A 64 7.47 3.40 -7.14
N PHE A 65 6.32 3.31 -6.47
CA PHE A 65 5.30 4.36 -6.59
C PHE A 65 5.78 5.65 -5.98
N LEU A 66 6.08 5.61 -4.67
CA LEU A 66 6.37 6.82 -3.91
C LEU A 66 7.57 7.53 -4.46
N MET B 1 8.73 12.57 -5.10
CA MET B 1 8.30 12.77 -3.73
C MET B 1 9.07 13.95 -3.14
N SER B 2 10.39 13.80 -3.10
CA SER B 2 11.32 14.81 -2.61
C SER B 2 11.26 14.92 -1.08
N ASN B 3 12.36 15.43 -0.51
CA ASN B 3 12.50 15.74 0.92
C ASN B 3 13.18 14.55 1.58
N ILE B 4 13.76 14.75 2.77
CA ILE B 4 14.22 13.62 3.59
C ILE B 4 15.62 13.20 3.11
N THR B 5 16.17 12.15 3.72
CA THR B 5 17.41 11.47 3.28
C THR B 5 18.17 10.98 4.49
N ASP B 6 19.07 10.04 4.23
CA ASP B 6 19.76 9.24 5.25
C ASP B 6 20.23 7.96 4.56
N PRO B 7 21.23 7.21 5.11
CA PRO B 7 21.67 6.02 4.46
C PRO B 7 22.10 6.13 3.01
N GLN B 8 22.07 4.99 2.31
CA GLN B 8 22.57 4.86 0.94
C GLN B 8 22.76 3.40 0.61
N MET B 9 22.90 3.13 -0.69
CA MET B 9 22.80 1.80 -1.29
C MET B 9 21.99 1.96 -2.59
N TRP B 10 21.94 0.93 -3.40
CA TRP B 10 21.18 0.97 -4.63
C TRP B 10 19.68 0.84 -4.36
N ASP B 11 18.94 0.56 -5.42
CA ASP B 11 17.47 0.58 -5.43
C ASP B 11 16.99 0.95 -6.82
N PHE B 12 15.72 0.62 -7.05
CA PHE B 12 14.97 0.81 -8.29
C PHE B 12 14.24 -0.50 -8.54
N ASP B 13 13.19 -0.44 -9.33
CA ASP B 13 12.32 -1.57 -9.58
C ASP B 13 11.00 -1.02 -10.06
N ASP B 14 10.01 -1.89 -10.11
CA ASP B 14 8.60 -1.55 -10.29
C ASP B 14 7.91 -2.80 -10.80
N LEU B 15 6.59 -2.86 -10.71
CA LEU B 15 5.86 -4.00 -11.26
C LEU B 15 5.65 -5.02 -10.16
N ASN B 16 5.71 -6.29 -10.55
CA ASN B 16 5.18 -7.47 -9.87
C ASN B 16 4.50 -8.32 -10.90
N PHE B 17 4.32 -9.58 -10.59
CA PHE B 17 3.89 -10.58 -11.56
C PHE B 17 4.03 -11.95 -10.94
N THR B 18 3.30 -12.90 -11.52
CA THR B 18 2.81 -14.07 -10.82
C THR B 18 1.53 -13.56 -10.16
N GLY B 19 0.57 -14.38 -9.80
CA GLY B 19 -0.59 -13.76 -9.22
C GLY B 19 -1.24 -12.84 -10.24
N MET B 20 -1.93 -11.82 -9.74
CA MET B 20 -2.66 -10.85 -10.55
C MET B 20 -3.22 -9.82 -9.59
N PRO B 21 -4.22 -9.03 -10.00
CA PRO B 21 -4.83 -8.13 -9.06
C PRO B 21 -6.27 -7.78 -9.35
N PRO B 22 -6.95 -7.24 -8.34
CA PRO B 22 -8.36 -7.26 -8.25
C PRO B 22 -8.99 -8.67 -8.46
N ALA B 23 -10.23 -8.80 -8.00
CA ALA B 23 -10.74 -10.04 -7.38
C ALA B 23 -10.44 -9.73 -5.93
N ASP B 24 -10.83 -10.46 -4.90
CA ASP B 24 -11.04 -9.62 -3.74
C ASP B 24 -11.13 -10.20 -2.35
N GLU B 25 -11.18 -9.18 -1.52
CA GLU B 25 -11.04 -9.15 -0.09
C GLU B 25 -10.83 -7.65 0.22
N ASP B 26 -10.35 -7.30 1.41
CA ASP B 26 -10.15 -5.90 1.86
C ASP B 26 -11.40 -5.48 2.57
N TYR B 27 -11.33 -4.39 3.34
CA TYR B 27 -12.53 -3.76 3.86
C TYR B 27 -12.22 -2.61 4.80
N SER B 28 -13.26 -1.82 5.06
CA SER B 28 -13.22 -0.56 5.81
C SER B 28 -14.53 0.19 5.53
N PRO B 29 -14.74 1.38 6.15
CA PRO B 29 -15.99 2.11 5.92
C PRO B 29 -16.22 3.44 6.69
N SER A 1 -19.00 13.18 14.42
CA SER A 1 -17.69 13.40 13.78
C SER A 1 -16.62 13.57 14.85
N ALA A 2 -15.43 13.02 14.57
CA ALA A 2 -14.30 13.09 15.50
C ALA A 2 -14.67 12.49 16.86
N LYS A 3 -15.09 11.24 16.83
CA LYS A 3 -15.46 10.52 18.03
C LYS A 3 -14.66 9.24 18.12
N GLU A 4 -14.63 8.56 17.01
CA GLU A 4 -14.03 7.26 16.89
C GLU A 4 -13.06 7.26 15.73
N LEU A 5 -11.82 6.98 16.01
CA LEU A 5 -10.85 6.80 14.97
C LEU A 5 -10.39 5.37 14.92
N ARG A 6 -10.67 4.82 13.78
CA ARG A 6 -10.41 3.45 13.48
C ARG A 6 -9.38 3.42 12.39
N CYS A 7 -8.95 2.25 12.07
CA CYS A 7 -8.01 2.06 10.99
C CYS A 7 -8.68 2.48 9.68
N GLN A 8 -7.92 3.08 8.77
CA GLN A 8 -8.47 3.45 7.47
C GLN A 8 -8.56 2.21 6.61
N CYS A 9 -7.72 1.25 6.94
CA CYS A 9 -7.77 -0.07 6.38
C CYS A 9 -7.67 -1.09 7.49
N ILE A 10 -8.81 -1.71 7.81
CA ILE A 10 -8.92 -2.60 8.95
C ILE A 10 -8.21 -3.92 8.64
N LYS A 11 -8.24 -4.29 7.38
CA LYS A 11 -7.53 -5.43 6.91
C LYS A 11 -6.77 -5.04 5.67
N THR A 12 -6.07 -6.00 5.11
CA THR A 12 -5.34 -5.75 3.90
C THR A 12 -5.76 -6.77 2.85
N TYR A 13 -5.55 -6.42 1.60
CA TYR A 13 -5.94 -7.27 0.50
C TYR A 13 -4.68 -7.65 -0.27
N SER A 14 -4.49 -8.95 -0.41
CA SER A 14 -3.22 -9.51 -0.78
C SER A 14 -3.09 -9.74 -2.28
N LYS A 15 -3.22 -8.68 -3.06
CA LYS A 15 -3.17 -8.82 -4.51
C LYS A 15 -2.07 -7.94 -5.09
N PRO A 16 -1.03 -8.60 -5.62
CA PRO A 16 0.16 -7.91 -6.13
C PRO A 16 -0.06 -7.22 -7.46
N PHE A 17 0.22 -5.94 -7.46
CA PHE A 17 0.18 -5.16 -8.70
C PHE A 17 1.46 -4.34 -8.89
N HIS A 18 1.41 -3.45 -9.89
CA HIS A 18 2.55 -2.64 -10.33
C HIS A 18 2.21 -1.19 -10.12
N PRO A 19 3.19 -0.29 -9.90
CA PRO A 19 2.95 1.13 -9.70
C PRO A 19 2.11 1.73 -10.82
N LYS A 20 2.20 1.18 -12.03
CA LYS A 20 1.44 1.69 -13.17
C LYS A 20 -0.03 1.41 -12.97
N PHE A 21 -0.29 0.44 -12.12
CA PHE A 21 -1.63 0.01 -11.83
C PHE A 21 -2.24 0.85 -10.75
N ILE A 22 -1.41 1.34 -9.86
CA ILE A 22 -1.84 1.95 -8.70
C ILE A 22 -1.59 3.44 -8.79
N LYS A 23 -2.65 4.17 -8.71
CA LYS A 23 -2.63 5.56 -9.01
C LYS A 23 -2.75 6.37 -7.75
N GLU A 24 -3.08 5.70 -6.65
CA GLU A 24 -3.08 6.35 -5.36
C GLU A 24 -2.60 5.41 -4.28
N LEU A 25 -1.74 5.93 -3.48
CA LEU A 25 -1.27 5.29 -2.29
C LEU A 25 -1.44 6.22 -1.10
N ARG A 26 -1.75 5.66 0.06
CA ARG A 26 -1.79 6.41 1.30
C ARG A 26 -1.60 5.45 2.44
N VAL A 27 -0.46 5.57 3.06
CA VAL A 27 -0.02 4.59 4.02
C VAL A 27 -0.13 5.11 5.45
N ILE A 28 -0.80 4.33 6.28
CA ILE A 28 -1.00 4.72 7.67
C ILE A 28 -0.25 3.77 8.60
N GLU A 29 0.58 4.36 9.46
CA GLU A 29 1.31 3.60 10.45
C GLU A 29 0.49 3.49 11.73
N SER A 30 0.68 2.39 12.46
CA SER A 30 0.07 2.20 13.77
C SER A 30 -0.05 3.51 14.57
N GLY A 31 -1.24 3.77 15.05
CA GLY A 31 -1.53 4.99 15.79
C GLY A 31 -2.41 4.70 16.98
N PRO A 32 -3.09 5.73 17.53
CA PRO A 32 -4.01 5.52 18.65
C PRO A 32 -5.36 4.98 18.17
N HIS A 33 -5.41 4.66 16.89
CA HIS A 33 -6.59 4.14 16.25
C HIS A 33 -6.41 2.67 15.90
N CYS A 34 -5.18 2.34 15.54
CA CYS A 34 -4.87 1.01 15.07
C CYS A 34 -3.43 0.68 15.39
N ALA A 35 -3.20 -0.40 16.12
CA ALA A 35 -1.86 -0.75 16.55
C ALA A 35 -1.13 -1.53 15.47
N ASN A 36 -1.59 -1.34 14.25
CA ASN A 36 -1.04 -2.05 13.11
C ASN A 36 -0.61 -1.05 12.04
N THR A 37 0.02 -1.56 11.01
CA THR A 37 0.40 -0.75 9.87
C THR A 37 -0.41 -1.17 8.66
N GLU A 38 -0.89 -0.20 7.92
CA GLU A 38 -1.85 -0.44 6.87
C GLU A 38 -1.55 0.45 5.67
N ILE A 39 -1.64 -0.12 4.49
CA ILE A 39 -1.45 0.67 3.29
C ILE A 39 -2.77 0.83 2.54
N ILE A 40 -3.21 2.05 2.38
CA ILE A 40 -4.41 2.31 1.59
C ILE A 40 -3.99 2.60 0.15
N VAL A 41 -4.79 2.20 -0.83
CA VAL A 41 -4.38 2.29 -2.22
C VAL A 41 -5.57 2.41 -3.16
N LYS A 42 -5.28 2.93 -4.33
CA LYS A 42 -6.21 2.92 -5.42
C LYS A 42 -5.50 2.52 -6.70
N LEU A 43 -6.02 1.51 -7.32
CA LEU A 43 -5.64 1.10 -8.65
C LEU A 43 -6.56 1.78 -9.60
N SER A 44 -5.95 2.37 -10.60
CA SER A 44 -6.69 3.23 -11.51
C SER A 44 -7.73 2.42 -12.23
N ASP A 45 -7.30 1.30 -12.74
CA ASP A 45 -8.23 0.33 -13.32
C ASP A 45 -8.81 -0.54 -12.22
N GLY A 46 -8.09 -0.56 -11.11
CA GLY A 46 -8.19 -1.67 -10.18
C GLY A 46 -8.82 -1.40 -8.85
N ARG A 47 -9.66 -0.37 -8.75
CA ARG A 47 -10.45 -0.12 -7.54
C ARG A 47 -9.57 0.50 -6.47
N GLU A 48 -10.12 0.77 -5.31
CA GLU A 48 -9.28 1.18 -4.21
C GLU A 48 -9.40 0.22 -3.05
N LEU A 49 -8.24 -0.27 -2.62
CA LEU A 49 -8.14 -1.46 -1.81
C LEU A 49 -7.26 -1.15 -0.60
N CYS A 50 -6.96 -2.19 0.16
CA CYS A 50 -6.03 -2.13 1.25
C CYS A 50 -4.86 -3.06 0.95
N LEU A 51 -3.65 -2.66 1.30
CA LEU A 51 -2.47 -3.46 0.95
C LEU A 51 -1.71 -3.95 2.17
N ASP A 52 -0.99 -5.04 1.96
CA ASP A 52 -0.17 -5.68 2.97
C ASP A 52 1.25 -5.10 2.95
N PRO A 53 1.59 -4.23 3.91
CA PRO A 53 2.90 -3.57 3.93
C PRO A 53 4.07 -4.52 4.20
N LYS A 54 3.76 -5.79 4.42
CA LYS A 54 4.76 -6.77 4.73
C LYS A 54 5.18 -7.49 3.46
N GLU A 55 4.30 -7.43 2.48
CA GLU A 55 4.42 -8.26 1.30
C GLU A 55 5.29 -7.56 0.24
N ASN A 56 6.21 -8.33 -0.33
CA ASN A 56 7.33 -7.77 -1.11
C ASN A 56 6.87 -7.04 -2.36
N TRP A 57 5.82 -7.55 -2.97
CA TRP A 57 5.26 -6.94 -4.17
C TRP A 57 4.82 -5.53 -3.86
N VAL A 58 4.35 -5.32 -2.65
CA VAL A 58 3.92 -4.03 -2.21
C VAL A 58 5.13 -3.16 -1.98
N GLN A 59 6.20 -3.77 -1.51
CA GLN A 59 7.37 -3.04 -1.16
C GLN A 59 7.93 -2.36 -2.38
N ARG A 60 7.66 -2.96 -3.51
CA ARG A 60 8.10 -2.48 -4.78
C ARG A 60 7.12 -1.47 -5.34
N VAL A 61 5.87 -1.85 -5.39
CA VAL A 61 4.86 -1.03 -5.96
C VAL A 61 4.68 0.26 -5.17
N VAL A 62 4.95 0.17 -3.89
CA VAL A 62 4.81 1.31 -3.00
C VAL A 62 6.04 2.17 -3.06
N GLU A 63 7.19 1.52 -3.06
CA GLU A 63 8.45 2.21 -3.18
C GLU A 63 8.54 2.92 -4.51
N LYS A 64 8.08 2.25 -5.54
CA LYS A 64 8.16 2.77 -6.88
C LYS A 64 7.02 3.75 -7.10
N PHE A 65 5.96 3.63 -6.31
CA PHE A 65 4.90 4.62 -6.31
C PHE A 65 5.38 5.93 -5.71
N LEU A 66 5.88 5.85 -4.48
CA LEU A 66 6.19 7.06 -3.73
C LEU A 66 7.32 7.83 -4.35
N MET B 1 10.13 12.93 -6.30
CA MET B 1 11.56 13.20 -6.27
C MET B 1 12.17 12.85 -4.92
N SER B 2 11.70 13.51 -3.86
CA SER B 2 12.21 13.31 -2.50
C SER B 2 13.57 13.99 -2.34
N ASN B 3 14.28 13.62 -1.26
CA ASN B 3 15.54 14.23 -0.82
C ASN B 3 15.58 14.18 0.70
N ILE B 4 16.78 14.38 1.27
CA ILE B 4 17.03 14.23 2.71
C ILE B 4 17.38 12.77 2.97
N THR B 5 17.99 12.46 4.13
CA THR B 5 18.41 11.10 4.55
C THR B 5 19.91 10.94 4.39
N ASP B 6 20.37 9.69 4.30
CA ASP B 6 21.79 9.35 4.26
C ASP B 6 21.90 7.85 4.55
N PRO B 7 23.01 7.19 4.11
CA PRO B 7 23.07 5.77 3.98
C PRO B 7 21.95 5.11 3.15
N GLN B 8 22.21 3.88 2.68
CA GLN B 8 21.28 3.13 1.80
C GLN B 8 22.08 2.15 0.96
N MET B 9 21.42 1.63 -0.09
CA MET B 9 21.98 0.75 -1.14
C MET B 9 20.99 -0.36 -1.43
N TRP B 10 21.15 -1.01 -2.57
CA TRP B 10 20.24 -2.05 -3.05
C TRP B 10 18.83 -1.50 -3.28
N ASP B 11 18.03 -2.26 -4.04
CA ASP B 11 16.61 -1.98 -4.33
C ASP B 11 16.46 -1.45 -5.74
N PHE B 12 15.20 -1.26 -6.10
CA PHE B 12 14.74 -0.53 -7.29
C PHE B 12 14.18 -1.50 -8.30
N ASP B 13 13.23 -0.98 -9.08
CA ASP B 13 12.56 -1.64 -10.21
C ASP B 13 11.10 -1.69 -9.82
N ASP B 14 10.19 -1.83 -10.75
CA ASP B 14 8.79 -1.88 -10.36
C ASP B 14 8.16 -3.16 -10.87
N LEU B 15 7.04 -3.56 -10.23
CA LEU B 15 6.37 -4.83 -10.55
C LEU B 15 6.86 -5.89 -9.56
N ASN B 16 7.00 -7.13 -10.02
CA ASN B 16 6.95 -8.37 -9.22
C ASN B 16 6.14 -9.36 -10.03
N PHE B 17 5.63 -10.42 -9.42
CA PHE B 17 5.04 -11.51 -10.20
C PHE B 17 4.65 -12.66 -9.29
N THR B 18 3.78 -13.48 -9.85
CA THR B 18 2.90 -14.37 -9.11
C THR B 18 1.70 -13.52 -8.75
N GLY B 19 0.54 -14.08 -8.49
CA GLY B 19 -0.57 -13.24 -8.15
C GLY B 19 -0.94 -12.30 -9.28
N MET B 20 -1.65 -11.25 -8.93
CA MET B 20 -2.13 -10.22 -9.85
C MET B 20 -3.02 -9.30 -9.04
N PRO B 21 -3.97 -8.56 -9.64
CA PRO B 21 -4.82 -7.72 -8.84
C PRO B 21 -6.18 -7.49 -9.49
N PRO B 22 -6.94 -6.43 -9.11
CA PRO B 22 -8.35 -6.57 -9.10
C PRO B 22 -8.81 -7.84 -8.38
N ALA B 23 -10.05 -8.29 -8.62
CA ALA B 23 -10.61 -9.43 -7.86
C ALA B 23 -11.31 -8.81 -6.69
N ASP B 24 -11.37 -9.49 -5.55
CA ASP B 24 -11.96 -8.83 -4.41
C ASP B 24 -11.70 -9.55 -3.11
N GLU B 25 -11.87 -8.71 -2.11
CA GLU B 25 -11.37 -8.80 -0.76
C GLU B 25 -10.81 -7.39 -0.55
N ASP B 26 -10.61 -6.99 0.69
CA ASP B 26 -10.32 -5.60 1.10
C ASP B 26 -11.61 -5.01 1.62
N TYR B 27 -11.51 -3.99 2.45
CA TYR B 27 -12.68 -3.29 2.99
C TYR B 27 -12.28 -2.39 4.15
N SER B 28 -13.17 -1.47 4.50
CA SER B 28 -12.92 -0.46 5.52
C SER B 28 -13.94 0.67 5.36
N PRO B 29 -13.88 1.68 6.27
CA PRO B 29 -14.80 2.83 6.15
C PRO B 29 -14.70 3.93 7.24
N SER A 1 -10.34 14.15 15.32
CA SER A 1 -10.38 12.75 14.84
C SER A 1 -9.60 11.84 15.79
N ALA A 2 -8.59 12.39 16.46
CA ALA A 2 -7.74 11.59 17.33
C ALA A 2 -8.37 11.39 18.71
N LYS A 3 -9.57 10.82 18.71
CA LYS A 3 -10.24 10.45 19.94
C LYS A 3 -10.46 8.95 19.97
N GLU A 4 -11.21 8.49 18.99
CA GLU A 4 -11.45 7.08 18.79
C GLU A 4 -11.19 6.74 17.33
N LEU A 5 -10.11 6.05 17.09
CA LEU A 5 -9.78 5.60 15.75
C LEU A 5 -9.52 4.10 15.72
N ARG A 6 -9.88 3.52 14.62
CA ARG A 6 -9.56 2.16 14.30
C ARG A 6 -8.72 2.18 13.06
N CYS A 7 -8.22 1.03 12.72
CA CYS A 7 -7.38 0.88 11.55
C CYS A 7 -8.09 1.45 10.33
N GLN A 8 -7.35 2.14 9.47
CA GLN A 8 -7.91 2.70 8.25
C GLN A 8 -8.12 1.60 7.23
N CYS A 9 -7.41 0.50 7.44
CA CYS A 9 -7.60 -0.70 6.67
C CYS A 9 -7.48 -1.90 7.62
N ILE A 10 -8.62 -2.38 8.10
CA ILE A 10 -8.64 -3.42 9.12
C ILE A 10 -8.28 -4.77 8.49
N LYS A 11 -8.57 -4.88 7.21
CA LYS A 11 -8.12 -5.96 6.41
C LYS A 11 -7.11 -5.42 5.42
N THR A 12 -6.38 -6.31 4.83
CA THR A 12 -5.55 -5.97 3.71
C THR A 12 -6.00 -6.81 2.54
N TYR A 13 -5.71 -6.35 1.36
CA TYR A 13 -6.14 -7.01 0.16
C TYR A 13 -4.91 -7.40 -0.65
N SER A 14 -4.67 -8.69 -0.66
CA SER A 14 -3.42 -9.28 -1.05
C SER A 14 -3.33 -9.52 -2.55
N LYS A 15 -3.43 -8.46 -3.32
CA LYS A 15 -3.40 -8.57 -4.77
C LYS A 15 -2.24 -7.78 -5.34
N PRO A 16 -1.22 -8.51 -5.83
CA PRO A 16 -0.01 -7.92 -6.39
C PRO A 16 -0.29 -7.18 -7.68
N PHE A 17 0.09 -5.91 -7.70
CA PHE A 17 0.03 -5.12 -8.91
C PHE A 17 1.34 -4.34 -9.12
N HIS A 18 1.32 -3.41 -10.05
CA HIS A 18 2.47 -2.57 -10.42
C HIS A 18 2.12 -1.11 -10.17
N PRO A 19 3.11 -0.25 -9.84
CA PRO A 19 2.89 1.16 -9.58
C PRO A 19 2.13 1.84 -10.72
N LYS A 20 2.25 1.33 -11.95
CA LYS A 20 1.54 1.91 -13.09
C LYS A 20 0.05 1.67 -12.95
N PHE A 21 -0.28 0.64 -12.21
CA PHE A 21 -1.65 0.24 -12.00
C PHE A 21 -2.28 1.03 -10.90
N ILE A 22 -1.46 1.45 -9.95
CA ILE A 22 -1.92 2.04 -8.78
C ILE A 22 -1.66 3.52 -8.83
N LYS A 23 -2.72 4.26 -8.77
CA LYS A 23 -2.69 5.66 -8.98
C LYS A 23 -2.78 6.39 -7.67
N GLU A 24 -3.28 5.68 -6.67
CA GLU A 24 -3.40 6.29 -5.36
C GLU A 24 -2.85 5.35 -4.31
N LEU A 25 -2.01 5.90 -3.53
CA LEU A 25 -1.49 5.28 -2.35
C LEU A 25 -1.66 6.20 -1.15
N ARG A 26 -1.98 5.63 -0.01
CA ARG A 26 -2.08 6.37 1.22
C ARG A 26 -1.73 5.46 2.36
N VAL A 27 -0.58 5.71 2.94
CA VAL A 27 0.00 4.79 3.87
C VAL A 27 -0.13 5.30 5.30
N ILE A 28 -0.90 4.57 6.08
CA ILE A 28 -1.14 4.95 7.46
C ILE A 28 -0.28 4.12 8.40
N GLU A 29 0.50 4.80 9.21
CA GLU A 29 1.35 4.14 10.19
C GLU A 29 0.60 3.97 11.51
N SER A 30 0.98 2.94 12.26
CA SER A 30 0.47 2.69 13.60
C SER A 30 0.14 3.98 14.36
N GLY A 31 -1.08 4.07 14.83
CA GLY A 31 -1.57 5.25 15.51
C GLY A 31 -1.87 4.98 16.95
N PRO A 32 -2.66 5.85 17.58
CA PRO A 32 -3.26 5.57 18.87
C PRO A 32 -4.51 4.74 18.65
N HIS A 33 -4.61 4.25 17.43
CA HIS A 33 -5.81 3.64 16.93
C HIS A 33 -5.60 2.17 16.65
N CYS A 34 -4.44 1.88 16.11
CA CYS A 34 -4.07 0.58 15.68
C CYS A 34 -2.55 0.47 15.74
N ALA A 35 -2.05 -0.60 16.33
CA ALA A 35 -0.62 -0.77 16.54
C ALA A 35 0.01 -1.40 15.32
N ASN A 36 -0.62 -1.16 14.19
CA ASN A 36 -0.17 -1.73 12.93
C ASN A 36 0.09 -0.66 11.89
N THR A 37 0.63 -1.10 10.77
CA THR A 37 0.80 -0.25 9.61
C THR A 37 -0.11 -0.76 8.52
N GLU A 38 -0.73 0.15 7.80
CA GLU A 38 -1.75 -0.21 6.83
C GLU A 38 -1.66 0.68 5.61
N ILE A 39 -1.64 0.06 4.45
CA ILE A 39 -1.54 0.82 3.22
C ILE A 39 -2.86 0.86 2.48
N ILE A 40 -3.39 2.04 2.27
CA ILE A 40 -4.58 2.22 1.44
C ILE A 40 -4.12 2.50 0.01
N VAL A 41 -4.87 2.03 -0.96
CA VAL A 41 -4.47 2.14 -2.36
C VAL A 41 -5.66 2.25 -3.29
N LYS A 42 -5.42 2.79 -4.45
CA LYS A 42 -6.37 2.77 -5.52
C LYS A 42 -5.67 2.53 -6.83
N LEU A 43 -6.12 1.51 -7.51
CA LEU A 43 -5.70 1.21 -8.85
C LEU A 43 -6.62 1.90 -9.79
N SER A 44 -6.02 2.50 -10.80
CA SER A 44 -6.79 3.35 -11.69
C SER A 44 -7.87 2.55 -12.34
N ASP A 45 -7.47 1.42 -12.87
CA ASP A 45 -8.41 0.48 -13.42
C ASP A 45 -8.96 -0.37 -12.30
N GLY A 46 -8.21 -0.41 -11.22
CA GLY A 46 -8.31 -1.49 -10.27
C GLY A 46 -8.80 -1.14 -8.90
N ARG A 47 -9.72 -0.20 -8.80
CA ARG A 47 -10.48 -0.01 -7.57
C ARG A 47 -9.67 0.62 -6.47
N GLU A 48 -10.25 0.73 -5.29
CA GLU A 48 -9.48 1.11 -4.12
C GLU A 48 -9.52 -0.02 -3.11
N LEU A 49 -8.36 -0.34 -2.61
CA LEU A 49 -8.11 -1.56 -1.87
C LEU A 49 -7.31 -1.25 -0.60
N CYS A 50 -6.98 -2.31 0.12
CA CYS A 50 -6.05 -2.24 1.23
C CYS A 50 -4.85 -3.09 0.89
N LEU A 51 -3.66 -2.71 1.33
CA LEU A 51 -2.46 -3.46 1.01
C LEU A 51 -1.71 -3.90 2.23
N ASP A 52 -1.03 -5.03 2.09
CA ASP A 52 -0.26 -5.64 3.16
C ASP A 52 1.19 -5.15 3.12
N PRO A 53 1.57 -4.26 4.05
CA PRO A 53 2.92 -3.65 4.06
C PRO A 53 4.04 -4.64 4.36
N LYS A 54 3.68 -5.90 4.56
CA LYS A 54 4.64 -6.93 4.92
C LYS A 54 5.07 -7.64 3.65
N GLU A 55 4.22 -7.54 2.66
CA GLU A 55 4.33 -8.34 1.46
C GLU A 55 5.24 -7.65 0.45
N ASN A 56 6.26 -8.39 0.01
CA ASN A 56 7.40 -7.81 -0.70
C ASN A 56 7.00 -7.15 -2.01
N TRP A 57 6.01 -7.72 -2.65
CA TRP A 57 5.51 -7.19 -3.91
C TRP A 57 5.00 -5.78 -3.71
N VAL A 58 4.39 -5.54 -2.56
CA VAL A 58 3.88 -4.24 -2.24
C VAL A 58 5.03 -3.33 -1.95
N GLN A 59 6.06 -3.91 -1.35
CA GLN A 59 7.13 -3.13 -0.80
C GLN A 59 7.89 -2.44 -1.90
N ARG A 60 7.84 -3.01 -3.07
CA ARG A 60 8.50 -2.46 -4.20
C ARG A 60 7.59 -1.49 -4.91
N VAL A 61 6.41 -1.94 -5.27
CA VAL A 61 5.51 -1.14 -6.07
C VAL A 61 5.02 0.08 -5.30
N VAL A 62 5.00 -0.06 -3.99
CA VAL A 62 4.69 1.06 -3.11
C VAL A 62 5.89 1.98 -2.94
N GLU A 63 7.05 1.40 -2.65
CA GLU A 63 8.27 2.17 -2.52
C GLU A 63 8.57 2.95 -3.79
N LYS A 64 8.36 2.29 -4.88
CA LYS A 64 8.63 2.84 -6.19
C LYS A 64 7.49 3.76 -6.62
N PHE A 65 6.34 3.58 -6.00
CA PHE A 65 5.27 4.54 -6.18
C PHE A 65 5.63 5.87 -5.55
N LEU A 66 5.95 5.85 -4.26
CA LEU A 66 6.20 7.09 -3.53
C LEU A 66 7.44 7.76 -4.04
N MET B 1 9.93 12.38 -6.54
CA MET B 1 10.03 12.89 -5.17
C MET B 1 10.83 14.18 -5.20
N SER B 2 12.09 13.99 -5.57
CA SER B 2 13.09 15.05 -5.67
C SER B 2 13.56 15.47 -4.28
N ASN B 3 14.76 16.04 -4.22
CA ASN B 3 15.37 16.59 -3.01
C ASN B 3 16.30 15.54 -2.41
N ILE B 4 17.21 15.95 -1.54
CA ILE B 4 18.01 15.01 -0.75
C ILE B 4 19.20 14.57 -1.61
N THR B 5 20.07 13.72 -1.04
CA THR B 5 21.21 13.03 -1.70
C THR B 5 22.36 12.91 -0.73
N ASP B 6 23.29 11.99 -1.07
CA ASP B 6 24.44 11.57 -0.25
C ASP B 6 24.32 10.06 -0.04
N PRO B 7 25.41 9.33 0.33
CA PRO B 7 25.29 7.91 0.51
C PRO B 7 24.69 7.11 -0.65
N GLN B 8 24.19 5.92 -0.33
CA GLN B 8 23.62 5.00 -1.32
C GLN B 8 23.52 3.60 -0.73
N MET B 9 22.73 2.77 -1.42
CA MET B 9 22.29 1.43 -0.97
C MET B 9 20.83 1.28 -1.33
N TRP B 10 20.28 0.07 -1.13
CA TRP B 10 18.88 -0.22 -1.41
C TRP B 10 18.59 -0.23 -2.90
N ASP B 11 17.30 -0.43 -3.23
CA ASP B 11 16.76 -0.65 -4.59
C ASP B 11 15.61 -1.63 -4.50
N PHE B 12 15.25 -2.26 -5.62
CA PHE B 12 13.98 -2.95 -5.82
C PHE B 12 13.65 -2.92 -7.31
N ASP B 13 12.39 -3.07 -7.65
CA ASP B 13 11.93 -3.24 -9.03
C ASP B 13 10.44 -3.47 -8.97
N ASP B 14 9.74 -3.23 -10.06
CA ASP B 14 8.29 -3.16 -10.01
C ASP B 14 7.66 -4.08 -11.03
N LEU B 15 6.36 -4.32 -10.82
CA LEU B 15 5.61 -5.37 -11.51
C LEU B 15 5.61 -6.53 -10.54
N ASN B 16 5.53 -7.77 -11.03
CA ASN B 16 5.02 -8.91 -10.27
C ASN B 16 4.19 -9.78 -11.17
N PHE B 17 3.84 -10.93 -10.64
CA PHE B 17 3.15 -11.99 -11.34
C PHE B 17 3.17 -13.21 -10.42
N THR B 18 2.21 -14.10 -10.65
CA THR B 18 1.69 -14.98 -9.62
C THR B 18 0.66 -14.12 -8.91
N GLY B 19 -0.36 -14.67 -8.27
CA GLY B 19 -1.34 -13.75 -7.74
C GLY B 19 -1.99 -13.00 -8.88
N MET B 20 -2.53 -11.83 -8.60
CA MET B 20 -3.14 -10.97 -9.62
C MET B 20 -3.62 -9.69 -9.00
N PRO B 21 -4.50 -8.96 -9.69
CA PRO B 21 -5.16 -7.83 -9.06
C PRO B 21 -6.53 -7.49 -9.66
N PRO B 22 -7.26 -6.59 -8.97
CA PRO B 22 -8.67 -6.61 -9.02
C PRO B 22 -9.33 -7.97 -8.77
N ALA B 23 -10.64 -7.95 -8.51
CA ALA B 23 -11.35 -8.98 -7.74
C ALA B 23 -11.33 -8.41 -6.34
N ASP B 24 -11.56 -9.12 -5.26
CA ASP B 24 -11.88 -8.34 -4.08
C ASP B 24 -11.80 -9.02 -2.73
N GLU B 25 -11.65 -8.07 -1.82
CA GLU B 25 -11.36 -8.16 -0.42
C GLU B 25 -10.85 -6.75 -0.12
N ASP B 26 -10.37 -6.49 1.09
CA ASP B 26 -10.10 -5.12 1.62
C ASP B 26 -11.28 -4.75 2.50
N TYR B 27 -11.13 -3.80 3.41
CA TYR B 27 -12.14 -3.54 4.46
C TYR B 27 -11.68 -2.42 5.37
N SER B 28 -12.61 -1.91 6.17
CA SER B 28 -12.40 -0.81 7.10
C SER B 28 -13.74 -0.26 7.56
N PRO B 29 -13.76 0.54 8.66
CA PRO B 29 -15.03 1.09 9.16
C PRO B 29 -15.00 1.94 10.45
N SER A 1 -17.39 9.26 13.61
CA SER A 1 -16.14 8.86 12.95
C SER A 1 -14.94 9.44 13.70
N ALA A 2 -15.08 10.67 14.18
CA ALA A 2 -14.01 11.31 14.93
C ALA A 2 -14.25 11.16 16.43
N LYS A 3 -14.36 9.91 16.87
CA LYS A 3 -14.52 9.60 18.28
C LYS A 3 -13.81 8.30 18.60
N GLU A 4 -14.23 7.27 17.90
CA GLU A 4 -13.65 5.96 18.04
C GLU A 4 -13.26 5.48 16.64
N LEU A 5 -11.98 5.47 16.38
CA LEU A 5 -11.47 5.12 15.08
C LEU A 5 -10.66 3.85 15.10
N ARG A 6 -10.80 3.12 14.01
CA ARG A 6 -10.11 1.90 13.77
C ARG A 6 -9.08 2.18 12.71
N CYS A 7 -8.30 1.19 12.39
CA CYS A 7 -7.28 1.33 11.36
C CYS A 7 -7.95 1.84 10.09
N GLN A 8 -7.25 2.67 9.32
CA GLN A 8 -7.85 3.24 8.10
C GLN A 8 -8.14 2.13 7.09
N CYS A 9 -7.44 1.02 7.26
CA CYS A 9 -7.78 -0.22 6.59
C CYS A 9 -7.89 -1.33 7.62
N ILE A 10 -9.07 -1.95 7.70
CA ILE A 10 -9.32 -3.00 8.69
C ILE A 10 -8.66 -4.29 8.24
N LYS A 11 -8.48 -4.40 6.95
CA LYS A 11 -7.87 -5.53 6.33
C LYS A 11 -6.81 -5.03 5.39
N THR A 12 -5.99 -5.93 4.93
CA THR A 12 -5.16 -5.66 3.79
C THR A 12 -5.49 -6.69 2.72
N TYR A 13 -5.25 -6.37 1.48
CA TYR A 13 -5.61 -7.25 0.40
C TYR A 13 -4.38 -7.62 -0.40
N SER A 14 -4.25 -8.90 -0.68
CA SER A 14 -3.01 -9.50 -1.08
C SER A 14 -2.84 -9.57 -2.60
N LYS A 15 -2.90 -8.44 -3.27
CA LYS A 15 -2.85 -8.42 -4.72
C LYS A 15 -1.71 -7.59 -5.25
N PRO A 16 -0.73 -8.28 -5.85
CA PRO A 16 0.43 -7.64 -6.45
C PRO A 16 0.10 -6.98 -7.77
N PHE A 17 0.39 -5.71 -7.84
CA PHE A 17 0.22 -4.96 -9.07
C PHE A 17 1.46 -4.11 -9.36
N HIS A 18 1.42 -3.37 -10.46
CA HIS A 18 2.49 -2.46 -10.87
C HIS A 18 2.11 -1.06 -10.44
N PRO A 19 3.09 -0.19 -10.09
CA PRO A 19 2.82 1.18 -9.69
C PRO A 19 2.01 1.95 -10.75
N LYS A 20 2.10 1.52 -12.02
CA LYS A 20 1.34 2.17 -13.10
C LYS A 20 -0.15 1.91 -12.93
N PHE A 21 -0.46 0.86 -12.19
CA PHE A 21 -1.82 0.47 -11.95
C PHE A 21 -2.41 1.24 -10.80
N ILE A 22 -1.55 1.61 -9.89
CA ILE A 22 -1.94 2.15 -8.68
C ILE A 22 -1.68 3.64 -8.71
N LYS A 23 -2.74 4.37 -8.60
CA LYS A 23 -2.73 5.76 -8.84
C LYS A 23 -2.76 6.53 -7.54
N GLU A 24 -3.03 5.81 -6.45
CA GLU A 24 -2.91 6.40 -5.15
C GLU A 24 -2.44 5.38 -4.15
N LEU A 25 -1.55 5.83 -3.34
CA LEU A 25 -1.06 5.11 -2.19
C LEU A 25 -1.20 6.00 -0.97
N ARG A 26 -1.74 5.46 0.11
CA ARG A 26 -1.91 6.21 1.32
C ARG A 26 -1.86 5.26 2.49
N VAL A 27 -0.79 5.34 3.22
CA VAL A 27 -0.51 4.39 4.25
C VAL A 27 -0.75 4.98 5.63
N ILE A 28 -1.50 4.25 6.43
CA ILE A 28 -1.80 4.68 7.78
C ILE A 28 -0.89 3.96 8.77
N GLU A 29 -0.12 4.73 9.50
CA GLU A 29 0.83 4.17 10.45
C GLU A 29 0.21 4.08 11.82
N SER A 30 0.69 3.10 12.60
CA SER A 30 0.30 2.93 14.00
C SER A 30 0.00 4.25 14.70
N GLY A 31 -1.21 4.36 15.22
CA GLY A 31 -1.67 5.59 15.83
C GLY A 31 -2.45 5.32 17.09
N PRO A 32 -3.30 6.27 17.51
CA PRO A 32 -4.13 6.12 18.70
C PRO A 32 -5.36 5.27 18.45
N HIS A 33 -5.43 4.74 17.24
CA HIS A 33 -6.55 3.94 16.79
C HIS A 33 -6.13 2.51 16.60
N CYS A 34 -4.93 2.35 16.10
CA CYS A 34 -4.43 1.08 15.69
C CYS A 34 -2.92 1.09 15.77
N ALA A 35 -2.37 0.21 16.59
CA ALA A 35 -0.94 0.22 16.89
C ALA A 35 -0.16 -0.50 15.80
N ASN A 36 -0.75 -0.58 14.63
CA ASN A 36 -0.13 -1.24 13.50
C ASN A 36 -0.15 -0.35 12.25
N THR A 37 0.40 -0.89 11.17
CA THR A 37 0.47 -0.18 9.90
C THR A 37 -0.38 -0.89 8.85
N GLU A 38 -1.15 -0.12 8.10
CA GLU A 38 -1.98 -0.65 7.04
C GLU A 38 -1.88 0.26 5.81
N ILE A 39 -1.75 -0.33 4.63
CA ILE A 39 -1.58 0.46 3.42
C ILE A 39 -2.89 0.61 2.66
N ILE A 40 -3.34 1.83 2.42
CA ILE A 40 -4.51 2.06 1.58
C ILE A 40 -4.05 2.39 0.16
N VAL A 41 -4.80 1.97 -0.85
CA VAL A 41 -4.39 2.16 -2.23
C VAL A 41 -5.56 2.38 -3.16
N LYS A 42 -5.29 3.09 -4.23
CA LYS A 42 -6.18 3.16 -5.36
C LYS A 42 -5.48 2.64 -6.59
N LEU A 43 -6.11 1.70 -7.23
CA LEU A 43 -5.74 1.30 -8.56
C LEU A 43 -6.71 1.95 -9.51
N SER A 44 -6.16 2.61 -10.51
CA SER A 44 -6.96 3.39 -11.42
C SER A 44 -7.91 2.50 -12.18
N ASP A 45 -7.36 1.43 -12.68
CA ASP A 45 -8.15 0.37 -13.29
C ASP A 45 -8.71 -0.54 -12.20
N GLY A 46 -8.05 -0.47 -11.06
CA GLY A 46 -8.05 -1.57 -10.15
C GLY A 46 -8.78 -1.41 -8.83
N ARG A 47 -9.66 -0.41 -8.70
CA ARG A 47 -10.46 -0.21 -7.49
C ARG A 47 -9.64 0.44 -6.40
N GLU A 48 -10.20 0.64 -5.22
CA GLU A 48 -9.40 1.11 -4.10
C GLU A 48 -9.43 0.07 -3.00
N LEU A 49 -8.24 -0.38 -2.63
CA LEU A 49 -8.08 -1.57 -1.83
C LEU A 49 -7.17 -1.27 -0.64
N CYS A 50 -6.83 -2.31 0.09
CA CYS A 50 -5.86 -2.23 1.15
C CYS A 50 -4.68 -3.12 0.79
N LEU A 51 -3.48 -2.77 1.21
CA LEU A 51 -2.30 -3.55 0.84
C LEU A 51 -1.52 -4.03 2.05
N ASP A 52 -0.84 -5.16 1.86
CA ASP A 52 -0.11 -5.86 2.92
C ASP A 52 1.33 -5.33 3.00
N PRO A 53 1.65 -4.52 4.01
CA PRO A 53 2.97 -3.87 4.10
C PRO A 53 4.12 -4.84 4.35
N LYS A 54 3.78 -6.11 4.53
CA LYS A 54 4.77 -7.11 4.87
C LYS A 54 5.21 -7.82 3.61
N GLU A 55 4.38 -7.74 2.59
CA GLU A 55 4.53 -8.55 1.41
C GLU A 55 5.37 -7.84 0.35
N ASN A 56 6.33 -8.56 -0.22
CA ASN A 56 7.41 -7.97 -1.00
C ASN A 56 6.92 -7.31 -2.28
N TRP A 57 5.81 -7.80 -2.81
CA TRP A 57 5.21 -7.18 -3.97
C TRP A 57 4.79 -5.76 -3.63
N VAL A 58 4.29 -5.57 -2.42
CA VAL A 58 3.89 -4.26 -1.98
C VAL A 58 5.10 -3.39 -1.85
N GLN A 59 6.20 -4.01 -1.47
CA GLN A 59 7.40 -3.30 -1.20
C GLN A 59 7.87 -2.62 -2.45
N ARG A 60 7.62 -3.26 -3.55
CA ARG A 60 8.05 -2.77 -4.84
C ARG A 60 7.08 -1.77 -5.40
N VAL A 61 5.85 -2.15 -5.54
CA VAL A 61 4.89 -1.32 -6.17
C VAL A 61 4.59 -0.08 -5.36
N VAL A 62 4.85 -0.13 -4.06
CA VAL A 62 4.63 1.02 -3.23
C VAL A 62 5.87 1.87 -3.16
N GLU A 63 7.02 1.23 -3.15
CA GLU A 63 8.29 1.92 -3.14
C GLU A 63 8.47 2.68 -4.43
N LYS A 64 8.17 2.01 -5.51
CA LYS A 64 8.38 2.55 -6.83
C LYS A 64 7.25 3.51 -7.17
N PHE A 65 6.11 3.34 -6.49
CA PHE A 65 5.08 4.36 -6.51
C PHE A 65 5.57 5.65 -5.85
N LEU A 66 6.00 5.52 -4.60
CA LEU A 66 6.33 6.68 -3.77
C LEU A 66 7.44 7.51 -4.37
N MET B 1 9.57 12.90 -5.39
CA MET B 1 10.94 13.39 -5.27
C MET B 1 11.65 12.82 -4.05
N SER B 2 11.35 13.35 -2.86
CA SER B 2 12.01 12.94 -1.63
C SER B 2 13.45 13.49 -1.60
N ASN B 3 14.28 12.93 -0.73
CA ASN B 3 15.67 13.37 -0.49
C ASN B 3 16.05 13.11 0.95
N ILE B 4 17.36 13.14 1.22
CA ILE B 4 17.94 12.83 2.54
C ILE B 4 18.18 11.33 2.60
N THR B 5 19.01 10.87 3.53
CA THR B 5 19.46 9.47 3.61
C THR B 5 20.91 9.41 4.09
N ASP B 6 21.55 8.27 3.88
CA ASP B 6 22.87 7.94 4.40
C ASP B 6 22.97 6.41 4.31
N PRO B 7 24.21 5.81 4.29
CA PRO B 7 24.30 4.43 3.91
C PRO B 7 23.66 4.08 2.58
N GLN B 8 23.36 2.80 2.37
CA GLN B 8 22.79 2.31 1.11
C GLN B 8 22.95 0.80 1.02
N MET B 9 22.15 0.21 0.12
CA MET B 9 22.03 -1.24 -0.10
C MET B 9 20.54 -1.54 -0.26
N TRP B 10 20.21 -2.78 -0.63
CA TRP B 10 18.82 -3.16 -0.93
C TRP B 10 18.34 -2.46 -2.19
N ASP B 11 17.08 -2.74 -2.54
CA ASP B 11 16.45 -2.28 -3.78
C ASP B 11 15.43 -3.31 -4.22
N PHE B 12 15.06 -3.25 -5.49
CA PHE B 12 13.79 -3.75 -6.02
C PHE B 12 13.48 -2.88 -7.23
N ASP B 13 12.22 -2.84 -7.64
CA ASP B 13 11.81 -2.12 -8.83
C ASP B 13 10.36 -2.39 -9.11
N ASP B 14 9.79 -1.55 -9.93
CA ASP B 14 8.35 -1.53 -10.14
C ASP B 14 7.88 -2.79 -10.82
N LEU B 15 6.56 -3.04 -10.71
CA LEU B 15 5.93 -4.21 -11.27
C LEU B 15 5.78 -5.26 -10.17
N ASN B 16 5.88 -6.54 -10.56
CA ASN B 16 5.33 -7.71 -9.85
C ASN B 16 4.68 -8.63 -10.86
N PHE B 17 4.47 -9.86 -10.43
CA PHE B 17 3.94 -10.91 -11.29
C PHE B 17 4.04 -12.23 -10.53
N THR B 18 3.22 -13.15 -10.99
CA THR B 18 2.69 -14.24 -10.16
C THR B 18 1.52 -13.58 -9.45
N GLY B 19 0.51 -14.29 -9.03
CA GLY B 19 -0.59 -13.54 -8.47
C GLY B 19 -1.18 -12.63 -9.54
N MET B 20 -1.83 -11.56 -9.12
CA MET B 20 -2.43 -10.57 -10.02
C MET B 20 -3.06 -9.48 -9.17
N PRO B 21 -4.00 -8.71 -9.73
CA PRO B 21 -4.73 -7.76 -8.94
C PRO B 21 -6.11 -7.49 -9.54
N PRO B 22 -6.80 -6.38 -9.20
CA PRO B 22 -8.22 -6.44 -9.22
C PRO B 22 -8.75 -7.68 -8.50
N ALA B 23 -10.01 -8.08 -8.76
CA ALA B 23 -10.57 -9.24 -8.05
C ALA B 23 -11.22 -8.67 -6.83
N ASP B 24 -11.25 -9.40 -5.73
CA ASP B 24 -11.84 -8.82 -4.55
C ASP B 24 -11.53 -9.59 -3.28
N GLU B 25 -11.70 -8.81 -2.23
CA GLU B 25 -11.19 -8.96 -0.90
C GLU B 25 -10.61 -7.58 -0.63
N ASP B 26 -10.36 -7.23 0.63
CA ASP B 26 -10.03 -5.86 1.09
C ASP B 26 -11.29 -5.29 1.73
N TYR B 27 -11.13 -4.29 2.58
CA TYR B 27 -12.27 -3.59 3.19
C TYR B 27 -11.80 -2.63 4.26
N SER B 28 -12.70 -1.72 4.65
CA SER B 28 -12.39 -0.61 5.53
C SER B 28 -13.52 0.43 5.47
N PRO B 29 -13.52 1.43 6.39
CA PRO B 29 -14.63 2.38 6.44
C PRO B 29 -14.59 3.49 7.53
N SER A 1 -16.87 11.94 11.55
CA SER A 1 -16.32 12.79 12.62
C SER A 1 -15.27 12.01 13.40
N ALA A 2 -14.20 12.68 13.81
CA ALA A 2 -13.13 12.04 14.56
C ALA A 2 -13.58 11.74 15.99
N LYS A 3 -14.21 10.60 16.16
CA LYS A 3 -14.70 10.16 17.46
C LYS A 3 -13.95 8.90 17.90
N GLU A 4 -13.86 7.97 16.99
CA GLU A 4 -13.22 6.71 17.23
C GLU A 4 -12.19 6.47 16.15
N LEU A 5 -10.96 6.31 16.57
CA LEU A 5 -9.87 6.11 15.66
C LEU A 5 -9.28 4.73 15.78
N ARG A 6 -9.50 4.04 14.70
CA ARG A 6 -9.00 2.72 14.45
C ARG A 6 -8.11 2.79 13.24
N CYS A 7 -7.57 1.66 12.87
CA CYS A 7 -6.75 1.55 11.69
C CYS A 7 -7.52 2.12 10.50
N GLN A 8 -6.81 2.68 9.54
CA GLN A 8 -7.48 3.30 8.40
C GLN A 8 -8.01 2.22 7.48
N CYS A 9 -7.41 1.04 7.57
CA CYS A 9 -7.89 -0.14 6.92
C CYS A 9 -7.78 -1.30 7.87
N ILE A 10 -8.89 -1.99 8.02
CA ILE A 10 -9.02 -3.01 9.06
C ILE A 10 -8.24 -4.25 8.67
N LYS A 11 -8.08 -4.43 7.37
CA LYS A 11 -7.31 -5.52 6.86
C LYS A 11 -6.43 -5.03 5.75
N THR A 12 -5.82 -5.93 5.05
CA THR A 12 -5.12 -5.59 3.83
C THR A 12 -5.38 -6.67 2.81
N TYR A 13 -5.24 -6.33 1.55
CA TYR A 13 -5.68 -7.20 0.49
C TYR A 13 -4.47 -7.62 -0.35
N SER A 14 -4.42 -8.90 -0.64
CA SER A 14 -3.20 -9.53 -1.11
C SER A 14 -3.17 -9.74 -2.63
N LYS A 15 -3.30 -8.66 -3.40
CA LYS A 15 -3.34 -8.79 -4.84
C LYS A 15 -2.25 -7.94 -5.48
N PRO A 16 -1.19 -8.60 -5.96
CA PRO A 16 -0.01 -7.95 -6.55
C PRO A 16 -0.33 -7.17 -7.82
N PHE A 17 0.03 -5.90 -7.80
CA PHE A 17 -0.04 -5.07 -9.00
C PHE A 17 1.25 -4.26 -9.16
N HIS A 18 1.29 -3.41 -10.18
CA HIS A 18 2.43 -2.55 -10.50
C HIS A 18 2.06 -1.10 -10.21
N PRO A 19 3.03 -0.24 -9.85
CA PRO A 19 2.79 1.16 -9.54
C PRO A 19 2.05 1.91 -10.66
N LYS A 20 2.20 1.44 -11.90
CA LYS A 20 1.51 2.10 -13.02
C LYS A 20 0.02 1.83 -12.92
N PHE A 21 -0.30 0.82 -12.15
CA PHE A 21 -1.65 0.37 -11.97
C PHE A 21 -2.31 1.11 -10.83
N ILE A 22 -1.51 1.51 -9.89
CA ILE A 22 -1.96 2.09 -8.70
C ILE A 22 -1.70 3.57 -8.76
N LYS A 23 -2.76 4.31 -8.72
CA LYS A 23 -2.71 5.70 -9.02
C LYS A 23 -2.80 6.51 -7.76
N GLU A 24 -3.14 5.84 -6.67
CA GLU A 24 -3.14 6.48 -5.37
C GLU A 24 -2.72 5.49 -4.31
N LEU A 25 -1.93 5.99 -3.44
CA LEU A 25 -1.55 5.30 -2.24
C LEU A 25 -1.79 6.22 -1.04
N ARG A 26 -2.18 5.64 0.08
CA ARG A 26 -2.32 6.34 1.32
C ARG A 26 -2.00 5.38 2.44
N VAL A 27 -0.85 5.55 3.02
CA VAL A 27 -0.33 4.61 3.97
C VAL A 27 -0.44 5.13 5.39
N ILE A 28 -1.14 4.37 6.22
CA ILE A 28 -1.34 4.77 7.59
C ILE A 28 -0.56 3.86 8.53
N GLU A 29 0.31 4.48 9.31
CA GLU A 29 1.11 3.77 10.28
C GLU A 29 0.38 3.74 11.62
N SER A 30 0.62 2.68 12.39
CA SER A 30 0.10 2.56 13.76
C SER A 30 -0.11 3.90 14.44
N GLY A 31 -1.32 4.11 14.90
CA GLY A 31 -1.69 5.35 15.54
C GLY A 31 -1.81 5.16 17.04
N PRO A 32 -2.29 6.18 17.74
CA PRO A 32 -2.93 6.01 19.03
C PRO A 32 -4.35 5.50 18.76
N HIS A 33 -4.51 5.08 17.51
CA HIS A 33 -5.71 4.51 17.00
C HIS A 33 -5.52 3.00 16.89
N CYS A 34 -4.32 2.61 16.50
CA CYS A 34 -4.04 1.23 16.17
C CYS A 34 -2.58 0.89 16.40
N ALA A 35 -2.32 -0.35 16.80
CA ALA A 35 -0.97 -0.82 16.97
C ALA A 35 -0.52 -1.54 15.71
N ASN A 36 -1.12 -1.16 14.59
CA ASN A 36 -0.83 -1.81 13.31
C ASN A 36 -0.61 -0.78 12.21
N THR A 37 -0.07 -1.25 11.11
CA THR A 37 0.12 -0.44 9.93
C THR A 37 -0.65 -1.04 8.77
N GLU A 38 -1.21 -0.20 7.94
CA GLU A 38 -1.97 -0.67 6.80
C GLU A 38 -1.83 0.30 5.64
N ILE A 39 -1.78 -0.25 4.44
CA ILE A 39 -1.64 0.57 3.26
C ILE A 39 -2.95 0.66 2.51
N ILE A 40 -3.45 1.87 2.31
CA ILE A 40 -4.59 2.05 1.42
C ILE A 40 -4.05 2.43 0.03
N VAL A 41 -4.70 1.99 -1.03
CA VAL A 41 -4.26 2.25 -2.40
C VAL A 41 -5.42 2.16 -3.35
N LYS A 42 -5.32 2.88 -4.42
CA LYS A 42 -6.28 2.85 -5.45
C LYS A 42 -5.63 2.58 -6.78
N LEU A 43 -6.09 1.56 -7.44
CA LEU A 43 -5.70 1.28 -8.80
C LEU A 43 -6.61 2.01 -9.71
N SER A 44 -6.02 2.61 -10.72
CA SER A 44 -6.78 3.47 -11.58
C SER A 44 -7.91 2.69 -12.23
N ASP A 45 -7.55 1.57 -12.77
CA ASP A 45 -8.53 0.66 -13.29
C ASP A 45 -9.07 -0.20 -12.17
N GLY A 46 -8.26 -0.27 -11.12
CA GLY A 46 -8.34 -1.38 -10.21
C GLY A 46 -8.78 -1.07 -8.81
N ARG A 47 -9.70 -0.13 -8.65
CA ARG A 47 -10.45 0.01 -7.41
C ARG A 47 -9.68 0.77 -6.36
N GLU A 48 -10.24 0.87 -5.17
CA GLU A 48 -9.46 1.25 -4.03
C GLU A 48 -9.52 0.15 -3.00
N LEU A 49 -8.35 -0.31 -2.70
CA LEU A 49 -8.11 -1.51 -1.96
C LEU A 49 -7.04 -1.25 -0.90
N CYS A 50 -6.71 -2.27 -0.13
CA CYS A 50 -5.67 -2.16 0.88
C CYS A 50 -4.52 -3.11 0.57
N LEU A 51 -3.30 -2.70 0.90
CA LEU A 51 -2.12 -3.51 0.62
C LEU A 51 -1.46 -3.99 1.89
N ASP A 52 -0.81 -5.15 1.77
CA ASP A 52 -0.12 -5.77 2.90
C ASP A 52 1.31 -5.29 2.95
N PRO A 53 1.64 -4.43 3.92
CA PRO A 53 2.97 -3.81 4.02
C PRO A 53 4.06 -4.81 4.39
N LYS A 54 3.68 -6.07 4.57
CA LYS A 54 4.61 -7.09 4.95
C LYS A 54 5.10 -7.81 3.72
N GLU A 55 4.31 -7.72 2.67
CA GLU A 55 4.58 -8.46 1.46
C GLU A 55 5.46 -7.64 0.52
N ASN A 56 6.48 -8.30 -0.01
CA ASN A 56 7.57 -7.63 -0.71
C ASN A 56 7.12 -7.02 -2.02
N TRP A 57 6.15 -7.66 -2.66
CA TRP A 57 5.62 -7.15 -3.91
C TRP A 57 5.02 -5.78 -3.68
N VAL A 58 4.44 -5.60 -2.51
CA VAL A 58 3.93 -4.32 -2.12
C VAL A 58 5.06 -3.36 -1.94
N GLN A 59 6.09 -3.83 -1.27
CA GLN A 59 7.12 -2.99 -0.78
C GLN A 59 7.86 -2.34 -1.93
N ARG A 60 7.74 -2.95 -3.07
CA ARG A 60 8.38 -2.52 -4.26
C ARG A 60 7.49 -1.58 -5.05
N VAL A 61 6.27 -2.00 -5.28
CA VAL A 61 5.37 -1.23 -6.10
C VAL A 61 4.93 0.03 -5.37
N VAL A 62 4.99 -0.04 -4.06
CA VAL A 62 4.77 1.11 -3.21
C VAL A 62 5.99 2.03 -3.17
N GLU A 63 7.15 1.46 -2.87
CA GLU A 63 8.39 2.19 -2.88
C GLU A 63 8.61 2.88 -4.21
N LYS A 64 8.39 2.13 -5.25
CA LYS A 64 8.62 2.58 -6.60
C LYS A 64 7.47 3.44 -7.06
N PHE A 65 6.32 3.31 -6.39
CA PHE A 65 5.23 4.25 -6.58
C PHE A 65 5.64 5.63 -6.09
N LEU A 66 6.05 5.70 -4.83
CA LEU A 66 6.29 6.98 -4.17
C LEU A 66 7.37 7.76 -4.85
N MET B 1 10.16 12.86 -7.68
CA MET B 1 11.55 13.25 -7.83
C MET B 1 12.32 13.16 -6.51
N SER B 2 11.89 13.95 -5.53
CA SER B 2 12.57 14.02 -4.23
C SER B 2 13.85 14.84 -4.39
N ASN B 3 14.75 14.72 -3.40
CA ASN B 3 16.00 15.50 -3.28
C ASN B 3 16.34 15.71 -1.83
N ILE B 4 17.59 16.11 -1.56
CA ILE B 4 18.17 16.18 -0.22
C ILE B 4 18.77 14.80 0.06
N THR B 5 19.42 14.58 1.20
CA THR B 5 19.87 13.25 1.65
C THR B 5 21.39 13.12 1.38
N ASP B 6 21.89 11.87 1.37
CA ASP B 6 23.31 11.57 1.35
C ASP B 6 23.45 10.11 1.81
N PRO B 7 24.59 9.41 1.54
CA PRO B 7 24.61 7.98 1.69
C PRO B 7 23.52 7.22 0.93
N GLN B 8 23.25 5.97 1.34
CA GLN B 8 22.34 5.09 0.61
C GLN B 8 22.55 3.63 1.04
N MET B 9 21.86 2.74 0.31
CA MET B 9 21.71 1.30 0.60
C MET B 9 20.26 0.93 0.35
N TRP B 10 19.97 -0.38 0.29
CA TRP B 10 18.63 -0.86 0.00
C TRP B 10 18.27 -0.54 -1.46
N ASP B 11 17.04 -0.87 -1.86
CA ASP B 11 16.51 -0.73 -3.24
C ASP B 11 15.51 -1.85 -3.49
N PHE B 12 15.21 -2.10 -4.77
CA PHE B 12 14.01 -2.78 -5.21
C PHE B 12 13.70 -2.26 -6.61
N ASP B 13 12.44 -2.35 -7.02
CA ASP B 13 12.02 -2.10 -8.39
C ASP B 13 10.56 -2.45 -8.48
N ASP B 14 9.87 -1.95 -9.47
CA ASP B 14 8.42 -2.02 -9.48
C ASP B 14 7.92 -3.17 -10.31
N LEU B 15 6.67 -3.59 -10.02
CA LEU B 15 6.05 -4.75 -10.66
C LEU B 15 6.31 -5.94 -9.74
N ASN B 16 6.44 -7.14 -10.33
CA ASN B 16 6.32 -8.44 -9.65
C ASN B 16 5.48 -9.35 -10.53
N PHE B 17 5.02 -10.46 -9.98
CA PHE B 17 4.37 -11.49 -10.78
C PHE B 17 4.12 -12.71 -9.92
N THR B 18 3.21 -13.53 -10.42
CA THR B 18 2.44 -14.47 -9.63
C THR B 18 1.26 -13.66 -9.11
N GLY B 19 0.16 -14.27 -8.73
CA GLY B 19 -0.94 -13.45 -8.29
C GLY B 19 -1.48 -12.60 -9.43
N MET B 20 -2.16 -11.53 -9.09
CA MET B 20 -2.84 -10.65 -10.04
C MET B 20 -3.46 -9.51 -9.26
N PRO B 21 -4.43 -8.78 -9.83
CA PRO B 21 -5.08 -7.74 -9.08
C PRO B 21 -6.51 -7.41 -9.56
N PRO B 22 -7.22 -6.50 -8.85
CA PRO B 22 -8.62 -6.60 -8.77
C PRO B 22 -9.13 -8.00 -8.41
N ALA B 23 -10.44 -8.26 -8.61
CA ALA B 23 -11.10 -9.40 -7.96
C ALA B 23 -11.62 -8.80 -6.68
N ASP B 24 -11.70 -9.52 -5.59
CA ASP B 24 -12.18 -8.85 -4.40
C ASP B 24 -11.87 -9.59 -3.11
N GLU B 25 -11.96 -8.74 -2.12
CA GLU B 25 -11.34 -8.80 -0.82
C GLU B 25 -10.81 -7.37 -0.67
N ASP B 26 -10.50 -6.95 0.55
CA ASP B 26 -10.17 -5.55 0.92
C ASP B 26 -11.43 -4.96 1.53
N TYR B 27 -11.29 -3.92 2.34
CA TYR B 27 -12.45 -3.25 2.93
C TYR B 27 -12.03 -2.35 4.09
N SER B 28 -12.93 -1.45 4.47
CA SER B 28 -12.74 -0.52 5.58
C SER B 28 -13.78 0.60 5.45
N PRO B 29 -14.02 1.39 6.54
CA PRO B 29 -15.04 2.44 6.45
C PRO B 29 -15.34 3.27 7.72
N SER A 1 -8.21 16.77 15.45
CA SER A 1 -7.97 15.40 14.95
C SER A 1 -7.33 14.56 16.04
N ALA A 2 -7.17 13.26 15.76
CA ALA A 2 -6.52 12.32 16.67
C ALA A 2 -7.25 12.25 18.02
N LYS A 3 -8.54 11.90 17.97
CA LYS A 3 -9.28 11.67 19.20
C LYS A 3 -9.75 10.23 19.29
N GLU A 4 -10.42 9.77 18.26
CA GLU A 4 -10.86 8.39 18.18
C GLU A 4 -10.71 7.88 16.75
N LEU A 5 -9.74 7.01 16.55
CA LEU A 5 -9.50 6.42 15.23
C LEU A 5 -9.25 4.92 15.35
N ARG A 6 -9.61 4.22 14.31
CA ARG A 6 -9.31 2.84 14.14
C ARG A 6 -8.40 2.76 12.93
N CYS A 7 -7.87 1.59 12.64
CA CYS A 7 -7.03 1.44 11.47
C CYS A 7 -7.75 1.98 10.25
N GLN A 8 -7.03 2.66 9.37
CA GLN A 8 -7.63 3.25 8.18
C GLN A 8 -8.23 2.15 7.31
N CYS A 9 -7.68 0.97 7.44
CA CYS A 9 -8.26 -0.22 6.85
C CYS A 9 -8.14 -1.37 7.82
N ILE A 10 -9.25 -2.02 8.07
CA ILE A 10 -9.29 -3.12 9.04
C ILE A 10 -8.69 -4.38 8.41
N LYS A 11 -8.72 -4.40 7.09
CA LYS A 11 -8.19 -5.49 6.32
C LYS A 11 -7.03 -5.01 5.49
N THR A 12 -6.36 -5.94 4.88
CA THR A 12 -5.56 -5.65 3.74
C THR A 12 -5.88 -6.71 2.70
N TYR A 13 -5.67 -6.42 1.45
CA TYR A 13 -6.10 -7.30 0.40
C TYR A 13 -4.89 -7.74 -0.41
N SER A 14 -4.85 -9.03 -0.70
CA SER A 14 -3.64 -9.70 -1.09
C SER A 14 -3.47 -9.82 -2.61
N LYS A 15 -3.47 -8.70 -3.31
CA LYS A 15 -3.34 -8.72 -4.76
C LYS A 15 -2.15 -7.89 -5.21
N PRO A 16 -1.12 -8.59 -5.70
CA PRO A 16 0.10 -7.96 -6.19
C PRO A 16 -0.08 -7.22 -7.50
N PHE A 17 0.28 -5.96 -7.49
CA PHE A 17 0.28 -5.16 -8.70
C PHE A 17 1.55 -4.33 -8.83
N HIS A 18 1.56 -3.47 -9.85
CA HIS A 18 2.69 -2.60 -10.18
C HIS A 18 2.26 -1.14 -10.00
N PRO A 19 3.20 -0.21 -9.69
CA PRO A 19 2.87 1.21 -9.50
C PRO A 19 2.11 1.79 -10.69
N LYS A 20 2.28 1.18 -11.87
CA LYS A 20 1.62 1.67 -13.07
C LYS A 20 0.12 1.47 -12.99
N PHE A 21 -0.28 0.58 -12.12
CA PHE A 21 -1.68 0.26 -11.95
C PHE A 21 -2.29 1.12 -10.87
N ILE A 22 -1.47 1.52 -9.92
CA ILE A 22 -1.94 2.08 -8.73
C ILE A 22 -1.69 3.57 -8.74
N LYS A 23 -2.77 4.30 -8.63
CA LYS A 23 -2.76 5.69 -8.85
C LYS A 23 -2.93 6.45 -7.56
N GLU A 24 -3.31 5.72 -6.53
CA GLU A 24 -3.32 6.31 -5.20
C GLU A 24 -2.87 5.27 -4.23
N LEU A 25 -1.93 5.66 -3.44
CA LEU A 25 -1.40 4.82 -2.42
C LEU A 25 -1.34 5.64 -1.13
N ARG A 26 -1.73 5.06 -0.02
CA ARG A 26 -1.75 5.76 1.24
C ARG A 26 -1.53 4.79 2.37
N VAL A 27 -0.37 4.86 2.94
CA VAL A 27 0.04 3.92 3.95
C VAL A 27 -0.02 4.56 5.32
N ILE A 28 -0.91 4.05 6.15
CA ILE A 28 -1.15 4.62 7.46
C ILE A 28 -0.43 3.81 8.53
N GLU A 29 0.53 4.44 9.19
CA GLU A 29 1.33 3.77 10.21
C GLU A 29 0.65 3.89 11.57
N SER A 30 1.06 3.02 12.49
CA SER A 30 0.62 3.04 13.90
C SER A 30 0.29 4.45 14.40
N GLY A 31 -0.87 4.57 15.04
CA GLY A 31 -1.35 5.83 15.57
C GLY A 31 -1.79 5.67 17.00
N PRO A 32 -2.60 6.60 17.50
CA PRO A 32 -3.33 6.42 18.75
C PRO A 32 -4.59 5.61 18.47
N HIS A 33 -4.58 5.01 17.28
CA HIS A 33 -5.74 4.40 16.70
C HIS A 33 -5.52 2.90 16.51
N CYS A 34 -4.33 2.57 16.10
CA CYS A 34 -3.93 1.24 15.78
C CYS A 34 -2.42 1.14 15.94
N ALA A 35 -1.95 0.14 16.65
CA ALA A 35 -0.52 0.03 16.94
C ALA A 35 0.23 -0.59 15.77
N ASN A 36 -0.43 -0.62 14.63
CA ASN A 36 0.11 -1.27 13.43
C ASN A 36 0.08 -0.33 12.25
N THR A 37 0.63 -0.80 11.14
CA THR A 37 0.60 -0.09 9.89
C THR A 37 -0.24 -0.84 8.87
N GLU A 38 -1.00 -0.10 8.09
CA GLU A 38 -1.93 -0.67 7.13
C GLU A 38 -1.91 0.15 5.84
N ILE A 39 -1.93 -0.53 4.69
CA ILE A 39 -1.84 0.17 3.42
C ILE A 39 -3.20 0.33 2.74
N ILE A 40 -3.56 1.57 2.44
CA ILE A 40 -4.73 1.85 1.60
C ILE A 40 -4.22 2.22 0.20
N VAL A 41 -5.02 1.95 -0.83
CA VAL A 41 -4.55 2.13 -2.21
C VAL A 41 -5.71 2.17 -3.17
N LYS A 42 -5.42 2.63 -4.36
CA LYS A 42 -6.36 2.65 -5.43
C LYS A 42 -5.66 2.42 -6.75
N LEU A 43 -6.23 1.53 -7.51
CA LEU A 43 -5.80 1.27 -8.86
C LEU A 43 -6.68 2.03 -9.81
N SER A 44 -6.05 2.64 -10.78
CA SER A 44 -6.76 3.51 -11.69
C SER A 44 -7.87 2.74 -12.38
N ASP A 45 -7.50 1.61 -12.89
CA ASP A 45 -8.48 0.70 -13.47
C ASP A 45 -9.13 -0.11 -12.37
N GLY A 46 -8.42 -0.20 -11.27
CA GLY A 46 -8.66 -1.26 -10.32
C GLY A 46 -9.21 -0.85 -8.98
N ARG A 47 -10.00 0.23 -8.93
CA ARG A 47 -10.78 0.57 -7.73
C ARG A 47 -9.85 0.76 -6.54
N GLU A 48 -10.39 0.91 -5.34
CA GLU A 48 -9.50 1.11 -4.23
C GLU A 48 -9.54 -0.04 -3.24
N LEU A 49 -8.34 -0.42 -2.82
CA LEU A 49 -8.09 -1.64 -2.11
C LEU A 49 -7.29 -1.32 -0.86
N CYS A 50 -6.95 -2.35 -0.12
CA CYS A 50 -6.01 -2.27 0.96
C CYS A 50 -4.88 -3.24 0.70
N LEU A 51 -3.66 -2.93 1.13
CA LEU A 51 -2.52 -3.79 0.83
C LEU A 51 -1.75 -4.19 2.07
N ASP A 52 -1.04 -5.31 1.93
CA ASP A 52 -0.19 -5.83 3.00
C ASP A 52 1.22 -5.24 2.91
N PRO A 53 1.57 -4.31 3.82
CA PRO A 53 2.88 -3.63 3.81
C PRO A 53 4.03 -4.57 4.14
N LYS A 54 3.71 -5.82 4.38
CA LYS A 54 4.71 -6.80 4.73
C LYS A 54 5.18 -7.52 3.47
N GLU A 55 4.34 -7.51 2.46
CA GLU A 55 4.57 -8.30 1.29
C GLU A 55 5.45 -7.55 0.28
N ASN A 56 6.28 -8.31 -0.40
CA ASN A 56 7.42 -7.81 -1.15
C ASN A 56 6.99 -7.11 -2.43
N TRP A 57 5.94 -7.61 -3.06
CA TRP A 57 5.39 -6.97 -4.25
C TRP A 57 4.92 -5.59 -3.92
N VAL A 58 4.49 -5.42 -2.66
CA VAL A 58 4.03 -4.14 -2.17
C VAL A 58 5.22 -3.23 -1.94
N GLN A 59 6.31 -3.84 -1.49
CA GLN A 59 7.46 -3.11 -1.08
C GLN A 59 8.01 -2.37 -2.26
N ARG A 60 7.81 -2.94 -3.41
CA ARG A 60 8.23 -2.36 -4.65
C ARG A 60 7.20 -1.38 -5.17
N VAL A 61 5.96 -1.78 -5.23
CA VAL A 61 4.94 -0.96 -5.78
C VAL A 61 4.77 0.33 -5.00
N VAL A 62 4.96 0.24 -3.71
CA VAL A 62 4.84 1.41 -2.86
C VAL A 62 6.12 2.23 -2.88
N GLU A 63 7.26 1.56 -2.83
CA GLU A 63 8.53 2.22 -2.92
C GLU A 63 8.68 2.96 -4.23
N LYS A 64 8.27 2.33 -5.31
CA LYS A 64 8.44 2.90 -6.61
C LYS A 64 7.35 3.93 -6.85
N PHE A 65 6.27 3.80 -6.12
CA PHE A 65 5.23 4.79 -6.15
C PHE A 65 5.68 6.07 -5.45
N LEU A 66 6.10 5.95 -4.20
CA LEU A 66 6.42 7.13 -3.41
C LEU A 66 7.75 7.71 -3.84
N MET B 1 10.02 12.58 -6.19
CA MET B 1 10.05 13.07 -4.82
C MET B 1 10.68 14.46 -4.82
N SER B 2 11.92 14.51 -5.28
CA SER B 2 12.63 15.75 -5.57
C SER B 2 13.11 16.48 -4.31
N ASN B 3 14.09 17.35 -4.54
CA ASN B 3 14.67 18.28 -3.55
C ASN B 3 15.96 17.69 -3.02
N ILE B 4 16.86 18.52 -2.51
CA ILE B 4 18.07 18.04 -1.85
C ILE B 4 19.07 17.69 -2.96
N THR B 5 20.17 17.02 -2.62
CA THR B 5 20.91 16.17 -3.55
C THR B 5 22.21 16.79 -4.08
N ASP B 6 22.84 16.03 -4.95
CA ASP B 6 24.15 16.27 -5.53
C ASP B 6 24.60 14.92 -6.04
N PRO B 7 25.53 14.81 -7.03
CA PRO B 7 25.77 13.54 -7.63
C PRO B 7 24.50 12.82 -8.12
N GLN B 8 24.57 11.50 -8.27
CA GLN B 8 23.42 10.67 -8.68
C GLN B 8 23.90 9.32 -9.20
N MET B 9 22.96 8.36 -9.18
CA MET B 9 23.15 6.96 -9.64
C MET B 9 22.52 6.00 -8.64
N TRP B 10 22.38 4.75 -9.06
CA TRP B 10 21.82 3.67 -8.26
C TRP B 10 20.34 3.85 -7.93
N ASP B 11 19.72 2.71 -7.63
CA ASP B 11 18.35 2.59 -7.13
C ASP B 11 17.43 2.17 -8.24
N PHE B 12 16.31 1.58 -7.86
CA PHE B 12 15.15 1.41 -8.71
C PHE B 12 15.07 -0.01 -9.24
N ASP B 13 13.88 -0.34 -9.68
CA ASP B 13 13.51 -1.58 -10.34
C ASP B 13 12.03 -1.59 -10.20
N ASP B 14 11.31 -2.54 -10.73
CA ASP B 14 9.88 -2.52 -10.45
C ASP B 14 9.18 -3.80 -10.83
N LEU B 15 8.00 -4.01 -10.21
CA LEU B 15 7.16 -5.15 -10.52
C LEU B 15 7.45 -6.28 -9.55
N ASN B 16 7.39 -7.52 -10.03
CA ASN B 16 7.08 -8.72 -9.27
C ASN B 16 6.15 -9.54 -10.14
N PHE B 17 5.61 -10.64 -9.63
CA PHE B 17 4.94 -11.62 -10.48
C PHE B 17 4.61 -12.85 -9.67
N THR B 18 3.70 -13.64 -10.22
CA THR B 18 2.89 -14.60 -9.48
C THR B 18 1.71 -13.81 -8.97
N GLY B 19 0.60 -14.43 -8.61
CA GLY B 19 -0.53 -13.61 -8.21
C GLY B 19 -1.05 -12.79 -9.37
N MET B 20 -1.73 -11.71 -9.05
CA MET B 20 -2.38 -10.84 -10.02
C MET B 20 -3.01 -9.68 -9.27
N PRO B 21 -3.94 -8.97 -9.88
CA PRO B 21 -4.66 -7.95 -9.16
C PRO B 21 -6.04 -7.65 -9.78
N PRO B 22 -6.70 -6.53 -9.43
CA PRO B 22 -8.12 -6.55 -9.44
C PRO B 22 -8.68 -7.78 -8.72
N ALA B 23 -9.95 -8.16 -8.98
CA ALA B 23 -10.61 -9.25 -8.24
C ALA B 23 -11.36 -8.59 -7.13
N ASP B 24 -11.55 -9.27 -6.01
CA ASP B 24 -12.30 -8.65 -4.94
C ASP B 24 -12.21 -9.40 -3.63
N GLU B 25 -12.52 -8.59 -2.63
CA GLU B 25 -12.23 -8.75 -1.22
C GLU B 25 -11.97 -7.31 -0.81
N ASP B 26 -11.34 -7.06 0.34
CA ASP B 26 -11.17 -5.69 0.91
C ASP B 26 -12.24 -5.53 1.96
N TYR B 27 -12.07 -4.59 2.89
CA TYR B 27 -13.17 -4.20 3.79
C TYR B 27 -12.70 -3.31 4.94
N SER B 28 -13.68 -2.73 5.62
CA SER B 28 -13.49 -1.79 6.73
C SER B 28 -14.81 -1.07 7.00
N PRO B 29 -14.92 -0.34 8.14
CA PRO B 29 -16.18 0.31 8.48
C PRO B 29 -16.25 1.11 9.81
N SER A 1 -15.81 11.58 15.82
CA SER A 1 -15.78 10.10 15.92
C SER A 1 -14.38 9.61 16.23
N ALA A 2 -13.81 10.10 17.32
CA ALA A 2 -12.47 9.72 17.71
C ALA A 2 -12.45 9.16 19.13
N LYS A 3 -13.24 8.11 19.34
CA LYS A 3 -13.26 7.43 20.62
C LYS A 3 -12.79 6.00 20.46
N GLU A 4 -13.38 5.31 19.51
CA GLU A 4 -12.96 3.98 19.14
C GLU A 4 -12.90 3.86 17.63
N LEU A 5 -11.70 3.84 17.11
CA LEU A 5 -11.47 3.66 15.70
C LEU A 5 -10.25 2.82 15.46
N ARG A 6 -10.30 2.10 14.36
CA ARG A 6 -9.25 1.22 13.96
C ARG A 6 -8.52 1.90 12.83
N CYS A 7 -7.46 1.29 12.37
CA CYS A 7 -6.69 1.84 11.27
C CYS A 7 -7.61 2.11 10.08
N GLN A 8 -7.16 2.97 9.16
CA GLN A 8 -7.96 3.34 7.99
C GLN A 8 -8.22 2.13 7.08
N CYS A 9 -7.51 1.05 7.35
CA CYS A 9 -7.80 -0.25 6.77
C CYS A 9 -7.91 -1.26 7.89
N ILE A 10 -9.03 -1.97 7.93
CA ILE A 10 -9.27 -2.95 8.98
C ILE A 10 -8.45 -4.19 8.70
N LYS A 11 -8.31 -4.50 7.43
CA LYS A 11 -7.51 -5.59 6.99
C LYS A 11 -6.71 -5.18 5.79
N THR A 12 -6.02 -6.12 5.22
CA THR A 12 -5.28 -5.87 4.00
C THR A 12 -5.74 -6.84 2.93
N TYR A 13 -5.55 -6.45 1.69
CA TYR A 13 -5.98 -7.23 0.58
C TYR A 13 -4.75 -7.59 -0.26
N SER A 14 -4.66 -8.84 -0.63
CA SER A 14 -3.44 -9.41 -1.11
C SER A 14 -3.42 -9.57 -2.64
N LYS A 15 -3.57 -8.48 -3.37
CA LYS A 15 -3.59 -8.57 -4.81
C LYS A 15 -2.49 -7.74 -5.44
N PRO A 16 -1.60 -8.43 -6.19
CA PRO A 16 -0.37 -7.85 -6.72
C PRO A 16 -0.60 -6.96 -7.92
N PHE A 17 0.05 -5.82 -7.92
CA PHE A 17 0.01 -4.95 -9.08
C PHE A 17 1.35 -4.22 -9.28
N HIS A 18 1.33 -3.23 -10.16
CA HIS A 18 2.49 -2.41 -10.53
C HIS A 18 2.16 -0.96 -10.25
N PRO A 19 3.15 -0.11 -9.93
CA PRO A 19 2.96 1.30 -9.64
C PRO A 19 2.19 2.01 -10.76
N LYS A 20 2.29 1.51 -12.00
CA LYS A 20 1.58 2.13 -13.12
C LYS A 20 0.09 1.92 -12.96
N PHE A 21 -0.25 0.88 -12.22
CA PHE A 21 -1.63 0.51 -11.99
C PHE A 21 -2.20 1.29 -10.86
N ILE A 22 -1.37 1.65 -9.92
CA ILE A 22 -1.79 2.19 -8.71
C ILE A 22 -1.55 3.67 -8.71
N LYS A 23 -2.61 4.39 -8.57
CA LYS A 23 -2.60 5.80 -8.75
C LYS A 23 -2.69 6.50 -7.42
N GLU A 24 -3.04 5.74 -6.39
CA GLU A 24 -3.07 6.30 -5.05
C GLU A 24 -2.50 5.31 -4.09
N LEU A 25 -1.68 5.81 -3.23
CA LEU A 25 -1.15 5.13 -2.11
C LEU A 25 -1.41 6.01 -0.89
N ARG A 26 -1.89 5.41 0.20
CA ARG A 26 -2.11 6.15 1.41
C ARG A 26 -2.01 5.22 2.59
N VAL A 27 -0.96 5.35 3.32
CA VAL A 27 -0.66 4.39 4.36
C VAL A 27 -0.90 4.99 5.74
N ILE A 28 -1.65 4.26 6.55
CA ILE A 28 -1.92 4.67 7.91
C ILE A 28 -1.00 3.95 8.86
N GLU A 29 -0.22 4.73 9.59
CA GLU A 29 0.77 4.19 10.49
C GLU A 29 0.17 4.05 11.89
N SER A 30 0.71 3.11 12.67
CA SER A 30 0.31 2.91 14.06
C SER A 30 -0.12 4.20 14.73
N GLY A 31 -1.36 4.20 15.19
CA GLY A 31 -2.02 5.40 15.64
C GLY A 31 -2.44 5.33 17.08
N PRO A 32 -3.17 6.33 17.55
CA PRO A 32 -3.89 6.26 18.80
C PRO A 32 -5.20 5.50 18.62
N HIS A 33 -5.30 4.85 17.46
CA HIS A 33 -6.45 4.06 17.11
C HIS A 33 -6.09 2.61 16.89
N CYS A 34 -4.93 2.41 16.29
CA CYS A 34 -4.52 1.10 15.86
C CYS A 34 -3.00 1.03 15.80
N ALA A 35 -2.43 0.15 16.62
CA ALA A 35 -0.99 0.11 16.84
C ALA A 35 -0.29 -0.66 15.74
N ASN A 36 -0.93 -0.67 14.59
CA ASN A 36 -0.38 -1.35 13.42
C ASN A 36 -0.26 -0.39 12.25
N THR A 37 0.22 -0.90 11.15
CA THR A 37 0.35 -0.14 9.93
C THR A 37 -0.41 -0.81 8.81
N GLU A 38 -1.23 -0.05 8.15
CA GLU A 38 -2.12 -0.58 7.12
C GLU A 38 -2.05 0.30 5.89
N ILE A 39 -1.90 -0.29 4.73
CA ILE A 39 -1.75 0.47 3.51
C ILE A 39 -3.07 0.61 2.76
N ILE A 40 -3.50 1.82 2.51
CA ILE A 40 -4.62 2.05 1.61
C ILE A 40 -4.06 2.36 0.22
N VAL A 41 -4.77 1.99 -0.82
CA VAL A 41 -4.27 2.17 -2.18
C VAL A 41 -5.40 2.28 -3.17
N LYS A 42 -5.07 2.75 -4.36
CA LYS A 42 -5.99 2.78 -5.44
C LYS A 42 -5.29 2.41 -6.72
N LEU A 43 -5.87 1.46 -7.42
CA LEU A 43 -5.52 1.19 -8.78
C LEU A 43 -6.51 1.90 -9.64
N SER A 44 -5.99 2.64 -10.59
CA SER A 44 -6.83 3.51 -11.38
C SER A 44 -7.84 2.69 -12.14
N ASP A 45 -7.37 1.63 -12.74
CA ASP A 45 -8.24 0.67 -13.36
C ASP A 45 -8.75 -0.30 -12.30
N GLY A 46 -7.99 -0.39 -11.23
CA GLY A 46 -8.01 -1.55 -10.38
C GLY A 46 -8.58 -1.38 -8.99
N ARG A 47 -9.48 -0.42 -8.82
CA ARG A 47 -10.24 -0.26 -7.58
C ARG A 47 -9.42 0.41 -6.49
N GLU A 48 -9.97 0.56 -5.31
CA GLU A 48 -9.21 1.07 -4.18
C GLU A 48 -9.18 0.03 -3.07
N LEU A 49 -7.98 -0.40 -2.70
CA LEU A 49 -7.80 -1.60 -1.90
C LEU A 49 -7.03 -1.26 -0.63
N CYS A 50 -6.78 -2.29 0.17
CA CYS A 50 -5.87 -2.22 1.29
C CYS A 50 -4.71 -3.16 1.00
N LEU A 51 -3.50 -2.77 1.34
CA LEU A 51 -2.33 -3.56 1.01
C LEU A 51 -1.59 -4.03 2.24
N ASP A 52 -0.92 -5.17 2.07
CA ASP A 52 -0.08 -5.74 3.10
C ASP A 52 1.34 -5.21 2.96
N PRO A 53 1.76 -4.29 3.85
CA PRO A 53 3.07 -3.65 3.76
C PRO A 53 4.23 -4.62 3.97
N LYS A 54 3.89 -5.87 4.28
CA LYS A 54 4.88 -6.86 4.61
C LYS A 54 5.22 -7.66 3.37
N GLU A 55 4.34 -7.58 2.39
CA GLU A 55 4.48 -8.39 1.20
C GLU A 55 5.39 -7.69 0.19
N ASN A 56 6.36 -8.44 -0.32
CA ASN A 56 7.50 -7.87 -1.04
C ASN A 56 7.08 -7.24 -2.36
N TRP A 57 6.09 -7.83 -3.00
CA TRP A 57 5.59 -7.32 -4.28
C TRP A 57 5.07 -5.91 -4.09
N VAL A 58 4.48 -5.67 -2.93
CA VAL A 58 3.96 -4.38 -2.60
C VAL A 58 5.09 -3.43 -2.33
N GLN A 59 6.13 -3.96 -1.72
CA GLN A 59 7.16 -3.14 -1.20
C GLN A 59 7.90 -2.45 -2.31
N ARG A 60 7.92 -3.08 -3.46
CA ARG A 60 8.60 -2.57 -4.59
C ARG A 60 7.70 -1.62 -5.35
N VAL A 61 6.50 -2.06 -5.65
CA VAL A 61 5.62 -1.30 -6.49
C VAL A 61 5.10 -0.07 -5.78
N VAL A 62 5.04 -0.16 -4.46
CA VAL A 62 4.70 1.00 -3.64
C VAL A 62 5.90 1.91 -3.42
N GLU A 63 7.07 1.33 -3.14
CA GLU A 63 8.29 2.10 -3.01
C GLU A 63 8.55 2.91 -4.27
N LYS A 64 8.42 2.24 -5.38
CA LYS A 64 8.73 2.82 -6.67
C LYS A 64 7.59 3.67 -7.15
N PHE A 65 6.39 3.42 -6.61
CA PHE A 65 5.28 4.35 -6.75
C PHE A 65 5.62 5.67 -6.09
N LEU A 66 6.04 5.57 -4.84
CA LEU A 66 6.30 6.75 -4.00
C LEU A 66 7.35 7.65 -4.60
N MET B 1 11.23 12.51 -7.55
CA MET B 1 12.54 12.26 -8.13
C MET B 1 13.64 12.26 -7.08
N SER B 2 13.77 13.37 -6.35
CA SER B 2 14.82 13.58 -5.35
C SER B 2 16.14 13.90 -6.07
N ASN B 3 17.27 13.72 -5.34
CA ASN B 3 18.63 14.03 -5.81
C ASN B 3 19.47 14.44 -4.62
N ILE B 4 20.80 14.34 -4.82
CA ILE B 4 21.85 14.42 -3.78
C ILE B 4 22.06 13.02 -3.24
N THR B 5 23.21 12.79 -2.55
CA THR B 5 23.58 11.46 -2.04
C THR B 5 25.10 11.25 -2.14
N ASP B 6 25.50 9.99 -2.08
CA ASP B 6 26.88 9.52 -2.01
C ASP B 6 26.78 8.09 -1.50
N PRO B 7 27.81 7.21 -1.69
CA PRO B 7 27.55 5.81 -1.51
C PRO B 7 26.38 5.27 -2.32
N GLN B 8 25.81 4.14 -1.90
CA GLN B 8 24.75 3.46 -2.66
C GLN B 8 24.61 2.02 -2.17
N MET B 9 23.60 1.33 -2.71
CA MET B 9 23.14 -0.01 -2.32
C MET B 9 21.61 -0.01 -2.31
N TRP B 10 21.02 -1.19 -2.13
CA TRP B 10 19.57 -1.37 -2.18
C TRP B 10 19.04 -1.20 -3.60
N ASP B 11 17.77 -1.56 -3.77
CA ASP B 11 17.10 -1.66 -5.08
C ASP B 11 16.07 -2.78 -5.00
N PHE B 12 15.61 -3.24 -6.17
CA PHE B 12 14.35 -3.95 -6.35
C PHE B 12 13.87 -3.64 -7.76
N ASP B 13 12.57 -3.73 -7.99
CA ASP B 13 11.99 -3.49 -9.30
C ASP B 13 10.50 -3.74 -9.21
N ASP B 14 9.74 -3.20 -10.14
CA ASP B 14 8.29 -3.17 -10.00
C ASP B 14 7.63 -3.94 -11.12
N LEU B 15 6.33 -4.23 -10.91
CA LEU B 15 5.58 -5.21 -11.67
C LEU B 15 5.57 -6.45 -10.82
N ASN B 16 5.51 -7.63 -11.41
CA ASN B 16 4.94 -8.83 -10.82
C ASN B 16 4.14 -9.55 -11.89
N PHE B 17 3.84 -10.80 -11.63
CA PHE B 17 3.22 -11.70 -12.58
C PHE B 17 3.25 -13.09 -11.97
N THR B 18 2.34 -13.93 -12.49
CA THR B 18 1.74 -15.04 -11.75
C THR B 18 0.63 -14.37 -10.97
N GLY B 19 -0.36 -15.05 -10.44
CA GLY B 19 -1.32 -14.28 -9.70
C GLY B 19 -2.09 -13.35 -10.64
N MET B 20 -2.51 -12.22 -10.12
CA MET B 20 -3.44 -11.31 -10.77
C MET B 20 -3.54 -10.04 -9.97
N PRO B 21 -4.63 -9.30 -10.12
CA PRO B 21 -4.94 -8.17 -9.24
C PRO B 21 -6.46 -7.92 -9.21
N PRO B 22 -6.98 -6.81 -8.60
CA PRO B 22 -8.38 -6.70 -8.55
C PRO B 22 -9.08 -7.93 -7.95
N ALA B 23 -10.40 -8.10 -8.18
CA ALA B 23 -11.18 -9.12 -7.46
C ALA B 23 -11.71 -8.40 -6.27
N ASP B 24 -11.87 -9.05 -5.14
CA ASP B 24 -12.36 -8.30 -4.00
C ASP B 24 -12.17 -9.03 -2.69
N GLU B 25 -12.20 -8.17 -1.71
CA GLU B 25 -11.65 -8.31 -0.38
C GLU B 25 -10.92 -6.98 -0.17
N ASP B 26 -10.62 -6.64 1.07
CA ASP B 26 -10.22 -5.28 1.51
C ASP B 26 -11.46 -4.66 2.11
N TYR B 27 -11.30 -3.67 2.99
CA TYR B 27 -12.46 -3.00 3.61
C TYR B 27 -12.06 -2.18 4.82
N SER B 28 -13.03 -1.40 5.30
CA SER B 28 -12.91 -0.56 6.48
C SER B 28 -14.05 0.46 6.48
N PRO B 29 -14.33 1.09 7.65
CA PRO B 29 -15.45 2.03 7.72
C PRO B 29 -15.77 2.67 9.09
N SER A 1 -8.60 15.66 12.05
CA SER A 1 -9.42 14.82 12.93
C SER A 1 -8.54 13.90 13.77
N ALA A 2 -8.42 14.20 15.05
CA ALA A 2 -7.55 13.42 15.93
C ALA A 2 -8.11 13.37 17.36
N LYS A 3 -9.16 12.58 17.54
CA LYS A 3 -9.70 12.34 18.88
C LYS A 3 -10.08 10.87 19.02
N GLU A 4 -10.82 10.39 18.06
CA GLU A 4 -11.15 8.98 17.97
C GLU A 4 -10.90 8.52 16.55
N LEU A 5 -9.85 7.74 16.38
CA LEU A 5 -9.48 7.25 15.06
C LEU A 5 -9.38 5.74 15.06
N ARG A 6 -9.70 5.19 13.91
CA ARG A 6 -9.61 3.77 13.65
C ARG A 6 -8.65 3.59 12.51
N CYS A 7 -8.34 2.35 12.21
CA CYS A 7 -7.50 2.04 11.06
C CYS A 7 -8.30 2.30 9.79
N GLN A 8 -7.66 2.88 8.78
CA GLN A 8 -8.36 3.17 7.52
C GLN A 8 -8.49 1.89 6.69
N CYS A 9 -7.71 0.90 7.05
CA CYS A 9 -7.83 -0.43 6.48
C CYS A 9 -7.75 -1.46 7.61
N ILE A 10 -8.89 -2.06 7.94
CA ILE A 10 -8.95 -3.07 8.99
C ILE A 10 -8.39 -4.39 8.46
N LYS A 11 -8.56 -4.58 7.17
CA LYS A 11 -8.02 -5.71 6.47
C LYS A 11 -6.94 -5.23 5.53
N THR A 12 -6.17 -6.16 5.03
CA THR A 12 -5.33 -5.88 3.90
C THR A 12 -5.73 -6.82 2.78
N TYR A 13 -5.46 -6.43 1.59
CA TYR A 13 -5.92 -7.14 0.44
C TYR A 13 -4.73 -7.54 -0.44
N SER A 14 -4.59 -8.84 -0.60
CA SER A 14 -3.36 -9.45 -1.06
C SER A 14 -3.29 -9.58 -2.57
N LYS A 15 -3.39 -8.46 -3.28
CA LYS A 15 -3.42 -8.52 -4.74
C LYS A 15 -2.27 -7.72 -5.33
N PRO A 16 -1.39 -8.42 -6.06
CA PRO A 16 -0.18 -7.86 -6.62
C PRO A 16 -0.45 -7.05 -7.87
N PHE A 17 -0.02 -5.82 -7.87
CA PHE A 17 -0.12 -4.99 -9.06
C PHE A 17 1.19 -4.23 -9.34
N HIS A 18 1.13 -3.34 -10.33
CA HIS A 18 2.26 -2.50 -10.75
C HIS A 18 1.99 -1.07 -10.33
N PRO A 19 3.02 -0.28 -10.00
CA PRO A 19 2.87 1.11 -9.55
C PRO A 19 2.08 1.95 -10.56
N LYS A 20 2.16 1.61 -11.85
CA LYS A 20 1.45 2.39 -12.87
C LYS A 20 -0.04 2.13 -12.76
N PHE A 21 -0.36 1.04 -12.09
CA PHE A 21 -1.74 0.64 -11.90
C PHE A 21 -2.32 1.33 -10.70
N ILE A 22 -1.46 1.60 -9.74
CA ILE A 22 -1.86 2.12 -8.52
C ILE A 22 -1.56 3.59 -8.53
N LYS A 23 -2.60 4.35 -8.51
CA LYS A 23 -2.49 5.74 -8.76
C LYS A 23 -2.59 6.52 -7.49
N GLU A 24 -3.07 5.85 -6.46
CA GLU A 24 -3.08 6.45 -5.14
C GLU A 24 -2.63 5.44 -4.12
N LEU A 25 -1.76 5.91 -3.29
CA LEU A 25 -1.36 5.22 -2.10
C LEU A 25 -1.52 6.14 -0.89
N ARG A 26 -1.99 5.58 0.20
CA ARG A 26 -2.17 6.33 1.42
C ARG A 26 -1.96 5.40 2.58
N VAL A 27 -0.90 5.62 3.28
CA VAL A 27 -0.43 4.69 4.27
C VAL A 27 -0.73 5.20 5.67
N ILE A 28 -1.44 4.39 6.42
CA ILE A 28 -1.81 4.70 7.78
C ILE A 28 -0.90 3.96 8.76
N GLU A 29 -0.11 4.73 9.49
CA GLU A 29 0.83 4.18 10.46
C GLU A 29 0.20 4.13 11.84
N SER A 30 0.62 3.13 12.64
CA SER A 30 0.16 2.99 14.01
C SER A 30 0.01 4.33 14.76
N GLY A 31 -1.17 4.53 15.30
CA GLY A 31 -1.52 5.73 16.04
C GLY A 31 -2.07 5.38 17.39
N PRO A 32 -2.85 6.28 17.99
CA PRO A 32 -3.68 5.95 19.14
C PRO A 32 -4.96 5.31 18.65
N HIS A 33 -4.91 4.95 17.37
CA HIS A 33 -6.05 4.56 16.60
C HIS A 33 -5.89 3.14 16.07
N CYS A 34 -4.66 2.80 15.81
CA CYS A 34 -4.31 1.55 15.20
C CYS A 34 -2.91 1.19 15.66
N ALA A 35 -2.70 0.00 16.18
CA ALA A 35 -1.40 -0.35 16.72
C ALA A 35 -0.58 -1.04 15.65
N ASN A 36 -0.84 -0.67 14.41
CA ASN A 36 -0.10 -1.19 13.28
C ASN A 36 -0.13 -0.20 12.12
N THR A 37 0.60 -0.55 11.09
CA THR A 37 0.65 0.23 9.87
C THR A 37 0.04 -0.55 8.72
N GLU A 38 -0.83 0.10 7.98
CA GLU A 38 -1.58 -0.52 6.91
C GLU A 38 -1.61 0.41 5.71
N ILE A 39 -1.56 -0.14 4.51
CA ILE A 39 -1.50 0.68 3.31
C ILE A 39 -2.82 0.70 2.56
N ILE A 40 -3.38 1.88 2.38
CA ILE A 40 -4.57 2.05 1.55
C ILE A 40 -4.14 2.41 0.13
N VAL A 41 -4.88 1.96 -0.87
CA VAL A 41 -4.45 2.13 -2.26
C VAL A 41 -5.62 2.27 -3.23
N LYS A 42 -5.36 2.99 -4.29
CA LYS A 42 -6.23 3.02 -5.43
C LYS A 42 -5.48 2.58 -6.67
N LEU A 43 -6.08 1.66 -7.37
CA LEU A 43 -5.69 1.35 -8.72
C LEU A 43 -6.68 2.02 -9.64
N SER A 44 -6.13 2.70 -10.60
CA SER A 44 -6.96 3.49 -11.48
C SER A 44 -7.92 2.62 -12.23
N ASP A 45 -7.39 1.57 -12.80
CA ASP A 45 -8.21 0.58 -13.45
C ASP A 45 -8.72 -0.40 -12.41
N GLY A 46 -7.99 -0.40 -11.30
CA GLY A 46 -7.96 -1.55 -10.43
C GLY A 46 -8.65 -1.40 -9.10
N ARG A 47 -9.53 -0.42 -8.93
CA ARG A 47 -10.28 -0.28 -7.73
C ARG A 47 -9.43 0.22 -6.57
N GLU A 48 -10.03 0.42 -5.42
CA GLU A 48 -9.29 0.87 -4.26
C GLU A 48 -9.33 -0.19 -3.19
N LEU A 49 -8.16 -0.62 -2.77
CA LEU A 49 -8.02 -1.82 -1.99
C LEU A 49 -7.19 -1.50 -0.73
N CYS A 50 -6.87 -2.51 0.04
CA CYS A 50 -5.94 -2.39 1.14
C CYS A 50 -4.72 -3.24 0.84
N LEU A 51 -3.54 -2.85 1.29
CA LEU A 51 -2.34 -3.59 0.98
C LEU A 51 -1.61 -4.04 2.22
N ASP A 52 -0.93 -5.18 2.08
CA ASP A 52 -0.12 -5.73 3.14
C ASP A 52 1.30 -5.19 3.01
N PRO A 53 1.71 -4.27 3.89
CA PRO A 53 3.04 -3.64 3.84
C PRO A 53 4.16 -4.63 4.16
N LYS A 54 3.78 -5.88 4.36
CA LYS A 54 4.70 -6.91 4.71
C LYS A 54 5.13 -7.67 3.47
N GLU A 55 4.31 -7.62 2.44
CA GLU A 55 4.54 -8.44 1.27
C GLU A 55 5.49 -7.74 0.29
N ASN A 56 6.38 -8.53 -0.30
CA ASN A 56 7.53 -8.01 -1.05
C ASN A 56 7.13 -7.37 -2.36
N TRP A 57 6.10 -7.92 -3.00
CA TRP A 57 5.58 -7.33 -4.23
C TRP A 57 5.10 -5.92 -3.94
N VAL A 58 4.58 -5.72 -2.74
CA VAL A 58 4.14 -4.42 -2.32
C VAL A 58 5.33 -3.53 -2.14
N GLN A 59 6.39 -4.11 -1.61
CA GLN A 59 7.52 -3.36 -1.16
C GLN A 59 8.14 -2.63 -2.31
N ARG A 60 8.04 -3.22 -3.48
CA ARG A 60 8.57 -2.63 -4.67
C ARG A 60 7.60 -1.67 -5.31
N VAL A 61 6.39 -2.12 -5.54
CA VAL A 61 5.43 -1.34 -6.27
C VAL A 61 5.00 -0.11 -5.48
N VAL A 62 5.13 -0.21 -4.18
CA VAL A 62 4.79 0.87 -3.28
C VAL A 62 5.98 1.79 -3.12
N GLU A 63 7.15 1.21 -3.01
CA GLU A 63 8.38 1.97 -2.92
C GLU A 63 8.61 2.77 -4.18
N LYS A 64 8.35 2.12 -5.29
CA LYS A 64 8.57 2.71 -6.59
C LYS A 64 7.42 3.65 -6.93
N PHE A 65 6.29 3.46 -6.28
CA PHE A 65 5.22 4.44 -6.31
C PHE A 65 5.61 5.69 -5.56
N LEU A 66 5.94 5.51 -4.29
CA LEU A 66 6.21 6.63 -3.38
C LEU A 66 7.33 7.50 -3.92
N MET B 1 10.57 14.09 -6.71
CA MET B 1 11.31 15.31 -7.05
C MET B 1 12.71 15.26 -6.46
N SER B 2 12.84 15.44 -5.15
CA SER B 2 14.11 15.27 -4.43
C SER B 2 15.08 16.39 -4.80
N ASN B 3 16.37 16.18 -4.49
CA ASN B 3 17.48 17.10 -4.80
C ASN B 3 18.50 17.03 -3.67
N ILE B 4 19.72 17.49 -3.95
CA ILE B 4 20.85 17.46 -3.02
C ILE B 4 21.55 16.11 -3.19
N THR B 5 22.80 16.01 -2.75
CA THR B 5 23.63 14.77 -2.78
C THR B 5 24.69 14.84 -3.88
N ASP B 6 25.24 13.68 -4.22
CA ASP B 6 26.31 13.51 -5.20
C ASP B 6 26.85 12.12 -4.99
N PRO B 7 27.49 11.50 -6.03
CA PRO B 7 27.62 10.08 -6.05
C PRO B 7 26.31 9.30 -5.87
N GLN B 8 26.36 7.98 -6.13
CA GLN B 8 25.23 7.05 -5.94
C GLN B 8 24.83 6.44 -7.28
N MET B 9 23.62 5.86 -7.31
CA MET B 9 23.02 5.16 -8.46
C MET B 9 22.33 3.91 -7.93
N TRP B 10 21.65 3.18 -8.80
CA TRP B 10 20.92 1.96 -8.44
C TRP B 10 19.61 2.32 -7.75
N ASP B 11 18.71 1.31 -7.69
CA ASP B 11 17.33 1.42 -7.19
C ASP B 11 16.39 1.32 -8.38
N PHE B 12 15.13 0.99 -8.11
CA PHE B 12 14.03 0.97 -9.07
C PHE B 12 13.69 -0.46 -9.46
N ASP B 13 12.48 -0.61 -10.01
CA ASP B 13 11.92 -1.85 -10.56
C ASP B 13 10.44 -1.85 -10.22
N ASP B 14 9.63 -2.55 -10.97
CA ASP B 14 8.20 -2.46 -10.78
C ASP B 14 7.49 -3.55 -11.55
N LEU B 15 6.22 -3.78 -11.21
CA LEU B 15 5.44 -4.85 -11.80
C LEU B 15 5.54 -6.02 -10.86
N ASN B 16 5.54 -7.25 -11.37
CA ASN B 16 5.11 -8.46 -10.65
C ASN B 16 4.35 -9.32 -11.63
N PHE B 17 4.06 -10.53 -11.21
CA PHE B 17 3.48 -11.55 -12.08
C PHE B 17 3.47 -12.87 -11.33
N THR B 18 2.61 -13.75 -11.80
CA THR B 18 1.99 -14.84 -11.04
C THR B 18 0.84 -14.15 -10.32
N GLY B 19 -0.19 -14.84 -9.88
CA GLY B 19 -1.26 -14.07 -9.31
C GLY B 19 -1.87 -13.17 -10.37
N MET B 20 -2.47 -12.08 -9.95
CA MET B 20 -3.14 -11.13 -10.83
C MET B 20 -3.66 -9.98 -9.98
N PRO B 21 -4.62 -9.19 -10.47
CA PRO B 21 -5.18 -8.16 -9.61
C PRO B 21 -6.60 -7.73 -9.92
N PRO B 22 -7.20 -7.06 -8.94
CA PRO B 22 -8.59 -6.82 -8.85
C PRO B 22 -9.51 -8.07 -9.08
N ALA B 23 -10.70 -7.98 -8.54
CA ALA B 23 -11.38 -9.12 -7.89
C ALA B 23 -10.93 -8.90 -6.47
N ASP B 24 -11.49 -9.41 -5.41
CA ASP B 24 -11.40 -8.52 -4.28
C ASP B 24 -11.72 -9.01 -2.89
N GLU B 25 -11.54 -8.03 -2.01
CA GLU B 25 -11.47 -8.11 -0.57
C GLU B 25 -10.94 -6.74 -0.13
N ASP B 26 -10.44 -6.61 1.10
CA ASP B 26 -10.14 -5.31 1.74
C ASP B 26 -11.33 -4.97 2.61
N TYR B 27 -11.20 -4.05 3.56
CA TYR B 27 -12.26 -3.80 4.54
C TYR B 27 -11.90 -2.64 5.45
N SER B 28 -12.94 -2.10 6.09
CA SER B 28 -12.86 -0.93 6.94
C SER B 28 -14.27 -0.37 7.10
N PRO B 29 -14.51 0.50 8.11
CA PRO B 29 -15.86 1.06 8.29
C PRO B 29 -16.09 2.01 9.48
N SER A 1 -17.32 12.03 13.87
CA SER A 1 -17.66 11.65 15.26
C SER A 1 -16.50 11.97 16.20
N ALA A 2 -15.29 11.54 15.84
CA ALA A 2 -14.09 11.85 16.61
C ALA A 2 -14.25 11.44 18.08
N LYS A 3 -14.53 10.16 18.28
CA LYS A 3 -14.69 9.61 19.62
C LYS A 3 -14.00 8.27 19.72
N GLU A 4 -14.33 7.43 18.77
CA GLU A 4 -13.78 6.10 18.69
C GLU A 4 -13.20 5.88 17.30
N LEU A 5 -11.90 5.80 17.24
CA LEU A 5 -11.22 5.59 15.99
C LEU A 5 -10.56 4.23 15.95
N ARG A 6 -10.85 3.57 14.85
CA ARG A 6 -10.37 2.26 14.55
C ARG A 6 -9.44 2.40 13.37
N CYS A 7 -8.84 1.32 12.99
CA CYS A 7 -7.92 1.32 11.86
C CYS A 7 -8.62 1.93 10.64
N GLN A 8 -7.89 2.66 9.82
CA GLN A 8 -8.43 3.21 8.60
C GLN A 8 -8.48 2.10 7.55
N CYS A 9 -7.64 1.11 7.75
CA CYS A 9 -7.66 -0.10 6.96
C CYS A 9 -7.47 -1.30 7.87
N ILE A 10 -8.57 -1.98 8.11
CA ILE A 10 -8.64 -3.07 9.08
C ILE A 10 -8.04 -4.35 8.51
N LYS A 11 -8.25 -4.54 7.22
CA LYS A 11 -7.80 -5.71 6.53
C LYS A 11 -6.98 -5.28 5.37
N THR A 12 -6.13 -6.14 4.90
CA THR A 12 -5.35 -5.82 3.74
C THR A 12 -5.63 -6.81 2.65
N TYR A 13 -5.38 -6.41 1.43
CA TYR A 13 -5.78 -7.17 0.28
C TYR A 13 -4.53 -7.48 -0.56
N SER A 14 -4.27 -8.77 -0.72
CA SER A 14 -2.98 -9.27 -1.14
C SER A 14 -2.90 -9.54 -2.64
N LYS A 15 -3.11 -8.53 -3.46
CA LYS A 15 -3.14 -8.73 -4.91
C LYS A 15 -2.07 -7.89 -5.59
N PRO A 16 -1.02 -8.57 -6.07
CA PRO A 16 0.14 -7.93 -6.69
C PRO A 16 -0.20 -7.17 -7.97
N PHE A 17 0.14 -5.91 -7.97
CA PHE A 17 0.02 -5.08 -9.16
C PHE A 17 1.32 -4.31 -9.41
N HIS A 18 1.31 -3.47 -10.45
CA HIS A 18 2.43 -2.59 -10.79
C HIS A 18 2.11 -1.18 -10.31
N PRO A 19 3.11 -0.33 -10.01
CA PRO A 19 2.88 1.04 -9.58
C PRO A 19 2.05 1.82 -10.59
N LYS A 20 2.11 1.45 -11.88
CA LYS A 20 1.31 2.14 -12.90
C LYS A 20 -0.15 1.75 -12.73
N PHE A 21 -0.38 0.66 -12.02
CA PHE A 21 -1.71 0.16 -11.76
C PHE A 21 -2.33 0.93 -10.64
N ILE A 22 -1.50 1.36 -9.72
CA ILE A 22 -1.93 1.93 -8.53
C ILE A 22 -1.71 3.42 -8.60
N LYS A 23 -2.80 4.13 -8.57
CA LYS A 23 -2.79 5.49 -8.93
C LYS A 23 -2.80 6.35 -7.70
N GLU A 24 -3.07 5.71 -6.56
CA GLU A 24 -2.80 6.37 -5.29
C GLU A 24 -2.56 5.39 -4.18
N LEU A 25 -1.68 5.79 -3.32
CA LEU A 25 -1.37 5.09 -2.11
C LEU A 25 -1.53 6.00 -0.90
N ARG A 26 -2.03 5.45 0.18
CA ARG A 26 -2.07 6.15 1.44
C ARG A 26 -1.61 5.22 2.54
N VAL A 27 -0.57 5.60 3.23
CA VAL A 27 0.03 4.70 4.21
C VAL A 27 -0.28 5.15 5.62
N ILE A 28 -1.07 4.35 6.33
CA ILE A 28 -1.40 4.66 7.71
C ILE A 28 -0.58 3.79 8.65
N GLU A 29 0.26 4.44 9.44
CA GLU A 29 1.09 3.74 10.40
C GLU A 29 0.38 3.69 11.75
N SER A 30 0.75 2.71 12.57
CA SER A 30 0.22 2.56 13.93
C SER A 30 -0.17 3.88 14.57
N GLY A 31 -1.42 3.95 14.95
CA GLY A 31 -2.02 5.15 15.46
C GLY A 31 -2.44 4.98 16.89
N PRO A 32 -3.09 6.00 17.47
CA PRO A 32 -3.78 5.85 18.75
C PRO A 32 -5.12 5.15 18.54
N HIS A 33 -5.32 4.67 17.32
CA HIS A 33 -6.53 3.98 16.95
C HIS A 33 -6.25 2.52 16.72
N CYS A 34 -5.10 2.25 16.14
CA CYS A 34 -4.71 0.91 15.79
C CYS A 34 -3.20 0.79 15.78
N ALA A 35 -2.68 -0.13 16.59
CA ALA A 35 -1.25 -0.23 16.83
C ALA A 35 -0.59 -1.05 15.74
N ASN A 36 -1.18 -0.97 14.56
CA ASN A 36 -0.68 -1.70 13.39
C ASN A 36 -0.39 -0.75 12.25
N THR A 37 0.19 -1.26 11.19
CA THR A 37 0.43 -0.48 9.99
C THR A 37 -0.42 -1.00 8.85
N GLU A 38 -0.95 -0.11 8.06
CA GLU A 38 -1.96 -0.47 7.08
C GLU A 38 -1.87 0.43 5.85
N ILE A 39 -1.93 -0.16 4.68
CA ILE A 39 -1.79 0.60 3.46
C ILE A 39 -3.10 0.67 2.69
N ILE A 40 -3.60 1.87 2.44
CA ILE A 40 -4.73 2.04 1.55
C ILE A 40 -4.20 2.34 0.15
N VAL A 41 -4.91 1.89 -0.89
CA VAL A 41 -4.41 2.00 -2.25
C VAL A 41 -5.53 2.09 -3.24
N LYS A 42 -5.25 2.71 -4.37
CA LYS A 42 -6.15 2.74 -5.48
C LYS A 42 -5.48 2.25 -6.72
N LEU A 43 -6.17 1.39 -7.41
CA LEU A 43 -5.87 1.04 -8.78
C LEU A 43 -6.64 1.96 -9.67
N SER A 44 -5.97 2.54 -10.62
CA SER A 44 -6.60 3.52 -11.48
C SER A 44 -7.87 2.98 -12.10
N ASP A 45 -7.77 1.83 -12.68
CA ASP A 45 -8.94 1.16 -13.21
C ASP A 45 -9.64 0.42 -12.09
N GLY A 46 -8.88 0.16 -11.05
CA GLY A 46 -9.23 -0.89 -10.13
C GLY A 46 -9.62 -0.47 -8.75
N ARG A 47 -10.21 0.72 -8.61
CA ARG A 47 -10.85 1.13 -7.37
C ARG A 47 -9.82 1.14 -6.24
N GLU A 48 -10.23 1.33 -5.01
CA GLU A 48 -9.26 1.34 -3.96
C GLU A 48 -9.44 0.19 -2.99
N LEU A 49 -8.31 -0.45 -2.69
CA LEU A 49 -8.22 -1.67 -1.91
C LEU A 49 -7.39 -1.37 -0.67
N CYS A 50 -6.91 -2.42 -0.02
CA CYS A 50 -5.92 -2.32 1.03
C CYS A 50 -4.71 -3.17 0.68
N LEU A 51 -3.54 -2.78 1.14
CA LEU A 51 -2.33 -3.56 0.93
C LEU A 51 -1.64 -3.87 2.24
N ASP A 52 -0.87 -4.95 2.23
CA ASP A 52 -0.12 -5.38 3.41
C ASP A 52 1.25 -4.74 3.42
N PRO A 53 1.57 -3.93 4.43
CA PRO A 53 2.90 -3.30 4.52
C PRO A 53 3.99 -4.35 4.66
N LYS A 54 3.58 -5.61 4.82
CA LYS A 54 4.50 -6.69 5.03
C LYS A 54 4.80 -7.38 3.71
N GLU A 55 3.95 -7.17 2.72
CA GLU A 55 4.04 -7.94 1.50
C GLU A 55 5.05 -7.31 0.53
N ASN A 56 6.03 -8.13 0.15
CA ASN A 56 7.26 -7.64 -0.47
C ASN A 56 7.02 -7.10 -1.88
N TRP A 57 6.08 -7.72 -2.57
CA TRP A 57 5.68 -7.25 -3.89
C TRP A 57 5.18 -5.83 -3.80
N VAL A 58 4.53 -5.52 -2.69
CA VAL A 58 4.09 -4.18 -2.42
C VAL A 58 5.27 -3.29 -2.22
N GLN A 59 6.25 -3.80 -1.50
CA GLN A 59 7.33 -3.00 -1.04
C GLN A 59 8.05 -2.37 -2.20
N ARG A 60 8.00 -3.05 -3.31
CA ARG A 60 8.58 -2.55 -4.53
C ARG A 60 7.64 -1.61 -5.25
N VAL A 61 6.49 -2.09 -5.65
CA VAL A 61 5.59 -1.33 -6.47
C VAL A 61 5.09 -0.08 -5.75
N VAL A 62 5.15 -0.14 -4.45
CA VAL A 62 4.86 1.00 -3.59
C VAL A 62 6.05 1.95 -3.51
N GLU A 63 7.23 1.40 -3.20
CA GLU A 63 8.45 2.17 -3.17
C GLU A 63 8.69 2.88 -4.49
N LYS A 64 8.44 2.16 -5.56
CA LYS A 64 8.66 2.65 -6.90
C LYS A 64 7.48 3.52 -7.33
N PHE A 65 6.35 3.35 -6.68
CA PHE A 65 5.24 4.29 -6.80
C PHE A 65 5.63 5.65 -6.23
N LEU A 66 6.07 5.61 -4.97
CA LEU A 66 6.37 6.82 -4.21
C LEU A 66 7.42 7.65 -4.92
N MET B 1 10.33 12.20 -6.33
CA MET B 1 11.74 12.13 -6.03
C MET B 1 12.01 11.82 -4.56
N SER B 2 11.52 12.69 -3.67
CA SER B 2 11.81 12.60 -2.24
C SER B 2 13.22 13.15 -1.96
N ASN B 3 13.78 12.77 -0.82
CA ASN B 3 15.08 13.27 -0.30
C ASN B 3 15.03 13.26 1.22
N ILE B 4 16.21 13.46 1.82
CA ILE B 4 16.49 13.21 3.23
C ILE B 4 17.03 11.79 3.34
N THR B 5 17.67 11.45 4.47
CA THR B 5 18.20 10.09 4.72
C THR B 5 19.71 10.11 4.42
N ASP B 6 20.29 8.95 4.13
CA ASP B 6 21.74 8.76 3.99
C ASP B 6 22.02 7.27 4.04
N PRO B 7 23.20 6.82 3.52
CA PRO B 7 23.40 5.43 3.20
C PRO B 7 22.35 4.77 2.30
N GLN B 8 22.69 3.59 1.76
CA GLN B 8 21.86 2.89 0.77
C GLN B 8 22.70 1.91 -0.04
N MET B 9 22.07 1.38 -1.10
CA MET B 9 22.61 0.40 -2.05
C MET B 9 21.54 -0.63 -2.34
N TRP B 10 21.68 -1.35 -3.47
CA TRP B 10 20.64 -2.27 -3.94
C TRP B 10 19.33 -1.52 -4.19
N ASP B 11 18.35 -2.22 -4.78
CA ASP B 11 16.96 -1.75 -4.94
C ASP B 11 16.69 -1.29 -6.35
N PHE B 12 15.39 -1.18 -6.65
CA PHE B 12 14.82 -0.60 -7.87
C PHE B 12 14.14 -1.69 -8.68
N ASP B 13 13.15 -1.24 -9.46
CA ASP B 13 12.41 -2.02 -10.46
C ASP B 13 10.95 -1.93 -10.07
N ASP B 14 10.06 -2.14 -11.00
CA ASP B 14 8.64 -2.09 -10.69
C ASP B 14 7.90 -3.15 -11.47
N LEU B 15 6.69 -3.49 -11.01
CA LEU B 15 5.94 -4.65 -11.51
C LEU B 15 6.18 -5.80 -10.54
N ASN B 16 6.21 -7.05 -11.03
CA ASN B 16 5.79 -8.24 -10.29
C ASN B 16 5.10 -9.20 -11.23
N PHE B 17 4.68 -10.32 -10.67
CA PHE B 17 4.16 -11.45 -11.42
C PHE B 17 4.04 -12.62 -10.47
N THR B 18 3.20 -13.57 -10.85
CA THR B 18 2.64 -14.56 -9.93
C THR B 18 1.45 -13.84 -9.30
N GLY B 19 0.47 -14.52 -8.76
CA GLY B 19 -0.64 -13.74 -8.26
C GLY B 19 -1.29 -12.99 -9.41
N MET B 20 -1.94 -11.88 -9.09
CA MET B 20 -2.59 -11.04 -10.09
C MET B 20 -3.17 -9.82 -9.40
N PRO B 21 -4.10 -9.13 -10.06
CA PRO B 21 -4.81 -8.05 -9.40
C PRO B 21 -6.22 -7.78 -9.98
N PRO B 22 -6.99 -7.02 -9.22
CA PRO B 22 -8.41 -7.10 -9.24
C PRO B 22 -8.99 -8.53 -9.17
N ALA B 23 -10.19 -8.61 -8.62
CA ALA B 23 -10.72 -9.81 -7.94
C ALA B 23 -10.18 -9.59 -6.55
N ASP B 24 -10.76 -10.06 -5.47
CA ASP B 24 -10.48 -9.25 -4.29
C ASP B 24 -10.93 -9.78 -2.94
N GLU B 25 -10.95 -8.77 -2.10
CA GLU B 25 -10.99 -8.73 -0.67
C GLU B 25 -10.69 -7.24 -0.45
N ASP B 26 -10.37 -6.83 0.78
CA ASP B 26 -10.14 -5.41 1.15
C ASP B 26 -11.42 -4.87 1.74
N TYR B 27 -11.33 -3.82 2.55
CA TYR B 27 -12.51 -3.15 3.09
C TYR B 27 -12.14 -2.18 4.19
N SER B 28 -13.10 -1.31 4.52
CA SER B 28 -12.97 -0.28 5.55
C SER B 28 -14.09 0.74 5.38
N PRO B 29 -14.36 1.57 6.41
CA PRO B 29 -15.45 2.56 6.30
C PRO B 29 -15.77 3.43 7.53
N SER A 1 -12.94 16.92 17.68
CA SER A 1 -11.72 16.75 16.85
C SER A 1 -10.84 15.63 17.40
N ALA A 2 -10.82 14.51 16.69
CA ALA A 2 -10.01 13.35 17.06
C ALA A 2 -10.34 12.86 18.47
N LYS A 3 -11.45 12.15 18.59
CA LYS A 3 -11.87 11.59 19.87
C LYS A 3 -11.85 10.07 19.81
N GLU A 4 -12.47 9.54 18.78
CA GLU A 4 -12.53 8.12 18.57
C GLU A 4 -12.07 7.79 17.16
N LEU A 5 -10.90 7.18 17.06
CA LEU A 5 -10.39 6.75 15.78
C LEU A 5 -10.27 5.24 15.72
N ARG A 6 -10.52 4.74 14.54
CA ARG A 6 -10.37 3.36 14.21
C ARG A 6 -9.28 3.28 13.18
N CYS A 7 -8.91 2.09 12.83
CA CYS A 7 -7.96 1.90 11.76
C CYS A 7 -8.54 2.47 10.46
N GLN A 8 -7.69 3.04 9.63
CA GLN A 8 -8.11 3.57 8.35
C GLN A 8 -8.32 2.41 7.38
N CYS A 9 -7.59 1.35 7.65
CA CYS A 9 -7.69 0.12 6.91
C CYS A 9 -7.63 -1.05 7.87
N ILE A 10 -8.75 -1.72 7.98
CA ILE A 10 -8.94 -2.75 8.98
C ILE A 10 -8.21 -4.01 8.58
N LYS A 11 -8.28 -4.34 7.30
CA LYS A 11 -7.67 -5.55 6.81
C LYS A 11 -7.00 -5.24 5.51
N THR A 12 -6.09 -6.08 5.09
CA THR A 12 -5.41 -5.81 3.85
C THR A 12 -5.68 -6.90 2.84
N TYR A 13 -5.50 -6.55 1.59
CA TYR A 13 -5.90 -7.38 0.49
C TYR A 13 -4.65 -7.75 -0.31
N SER A 14 -4.44 -9.04 -0.46
CA SER A 14 -3.16 -9.58 -0.86
C SER A 14 -3.03 -9.75 -2.37
N LYS A 15 -3.18 -8.66 -3.09
CA LYS A 15 -3.20 -8.72 -4.54
C LYS A 15 -2.12 -7.85 -5.16
N PRO A 16 -1.09 -8.49 -5.74
CA PRO A 16 0.10 -7.81 -6.26
C PRO A 16 -0.16 -7.08 -7.57
N PHE A 17 0.17 -5.80 -7.59
CA PHE A 17 0.13 -5.02 -8.83
C PHE A 17 1.41 -4.18 -8.97
N HIS A 18 1.51 -3.48 -10.11
CA HIS A 18 2.66 -2.61 -10.42
C HIS A 18 2.30 -1.16 -10.13
N PRO A 19 3.27 -0.29 -9.84
CA PRO A 19 3.00 1.12 -9.51
C PRO A 19 2.22 1.83 -10.61
N LYS A 20 2.32 1.37 -11.86
CA LYS A 20 1.56 2.01 -12.95
C LYS A 20 0.09 1.70 -12.77
N PHE A 21 -0.18 0.64 -12.02
CA PHE A 21 -1.52 0.19 -11.78
C PHE A 21 -2.18 1.01 -10.71
N ILE A 22 -1.37 1.46 -9.79
CA ILE A 22 -1.84 2.06 -8.62
C ILE A 22 -1.60 3.55 -8.71
N LYS A 23 -2.69 4.26 -8.70
CA LYS A 23 -2.67 5.65 -9.02
C LYS A 23 -2.81 6.48 -7.77
N GLU A 24 -3.19 5.83 -6.67
CA GLU A 24 -3.25 6.53 -5.40
C GLU A 24 -2.90 5.56 -4.30
N LEU A 25 -1.94 5.91 -3.56
CA LEU A 25 -1.44 5.10 -2.48
C LEU A 25 -1.33 5.93 -1.21
N ARG A 26 -1.77 5.40 -0.08
CA ARG A 26 -1.74 6.12 1.16
C ARG A 26 -1.54 5.14 2.30
N VAL A 27 -0.41 5.26 2.93
CA VAL A 27 0.03 4.32 3.91
C VAL A 27 -0.10 4.86 5.32
N ILE A 28 -0.85 4.15 6.14
CA ILE A 28 -1.08 4.56 7.52
C ILE A 28 -0.20 3.76 8.48
N GLU A 29 0.55 4.47 9.31
CA GLU A 29 1.39 3.86 10.31
C GLU A 29 0.63 3.75 11.63
N SER A 30 0.96 2.72 12.43
CA SER A 30 0.41 2.53 13.77
C SER A 30 0.08 3.84 14.48
N GLY A 31 -1.18 3.94 14.87
CA GLY A 31 -1.71 5.13 15.49
C GLY A 31 -2.15 4.84 16.91
N PRO A 32 -2.78 5.82 17.58
CA PRO A 32 -3.52 5.57 18.81
C PRO A 32 -4.88 4.97 18.50
N HIS A 33 -5.06 4.62 17.23
CA HIS A 33 -6.29 4.05 16.74
C HIS A 33 -6.08 2.62 16.28
N CYS A 34 -4.90 2.37 15.76
CA CYS A 34 -4.55 1.05 15.26
C CYS A 34 -3.07 0.84 15.41
N ALA A 35 -2.67 -0.13 16.22
CA ALA A 35 -1.26 -0.32 16.58
C ALA A 35 -0.57 -1.13 15.50
N ASN A 36 -1.09 -1.00 14.30
CA ASN A 36 -0.57 -1.73 13.15
C ASN A 36 -0.21 -0.78 12.03
N THR A 37 0.34 -1.33 10.98
CA THR A 37 0.63 -0.59 9.78
C THR A 37 -0.24 -1.11 8.67
N GLU A 38 -0.88 -0.21 7.97
CA GLU A 38 -1.92 -0.57 7.03
C GLU A 38 -1.84 0.32 5.79
N ILE A 39 -1.89 -0.31 4.62
CA ILE A 39 -1.73 0.41 3.39
C ILE A 39 -3.06 0.57 2.64
N ILE A 40 -3.45 1.80 2.37
CA ILE A 40 -4.61 2.04 1.53
C ILE A 40 -4.14 2.41 0.11
N VAL A 41 -4.90 2.04 -0.91
CA VAL A 41 -4.47 2.23 -2.29
C VAL A 41 -5.65 2.27 -3.23
N LYS A 42 -5.39 2.79 -4.41
CA LYS A 42 -6.34 2.84 -5.47
C LYS A 42 -5.66 2.56 -6.78
N LEU A 43 -6.17 1.58 -7.48
CA LEU A 43 -5.75 1.26 -8.82
C LEU A 43 -6.53 2.07 -9.78
N SER A 44 -5.83 2.58 -10.77
CA SER A 44 -6.48 3.48 -11.71
C SER A 44 -7.69 2.81 -12.32
N ASP A 45 -7.46 1.62 -12.81
CA ASP A 45 -8.55 0.83 -13.36
C ASP A 45 -9.25 0.09 -12.24
N GLY A 46 -8.51 -0.07 -11.15
CA GLY A 46 -8.82 -1.12 -10.22
C GLY A 46 -9.31 -0.71 -8.87
N ARG A 47 -9.96 0.45 -8.79
CA ARG A 47 -10.67 0.89 -7.59
C ARG A 47 -9.73 0.92 -6.41
N GLU A 48 -10.22 1.10 -5.20
CA GLU A 48 -9.32 1.20 -4.10
C GLU A 48 -9.45 0.02 -3.15
N LEU A 49 -8.26 -0.46 -2.75
CA LEU A 49 -8.09 -1.70 -2.02
C LEU A 49 -7.23 -1.39 -0.79
N CYS A 50 -6.92 -2.42 -0.04
CA CYS A 50 -5.96 -2.33 1.04
C CYS A 50 -4.77 -3.24 0.75
N LEU A 51 -3.58 -2.81 1.12
CA LEU A 51 -2.38 -3.60 0.83
C LEU A 51 -1.64 -4.01 2.08
N ASP A 52 -0.95 -5.14 1.96
CA ASP A 52 -0.20 -5.73 3.06
C ASP A 52 1.23 -5.21 3.07
N PRO A 53 1.58 -4.32 4.00
CA PRO A 53 2.88 -3.64 4.02
C PRO A 53 4.07 -4.58 4.27
N LYS A 54 3.78 -5.85 4.54
CA LYS A 54 4.82 -6.80 4.84
C LYS A 54 5.22 -7.54 3.60
N GLU A 55 4.34 -7.51 2.63
CA GLU A 55 4.46 -8.34 1.46
C GLU A 55 5.36 -7.66 0.41
N ASN A 56 6.32 -8.41 -0.11
CA ASN A 56 7.48 -7.86 -0.82
C ASN A 56 7.08 -7.09 -2.07
N TRP A 57 6.12 -7.64 -2.78
CA TRP A 57 5.63 -7.02 -4.01
C TRP A 57 5.08 -5.64 -3.73
N VAL A 58 4.49 -5.48 -2.55
CA VAL A 58 3.91 -4.23 -2.17
C VAL A 58 5.00 -3.26 -1.87
N GLN A 59 6.09 -3.78 -1.32
CA GLN A 59 7.13 -2.97 -0.84
C GLN A 59 7.74 -2.23 -2.00
N ARG A 60 7.69 -2.87 -3.14
CA ARG A 60 8.05 -2.25 -4.38
C ARG A 60 6.94 -1.37 -4.86
N VAL A 61 5.79 -1.91 -5.17
CA VAL A 61 4.77 -1.16 -5.83
C VAL A 61 4.45 0.13 -5.12
N VAL A 62 4.60 0.12 -3.81
CA VAL A 62 4.41 1.33 -3.04
C VAL A 62 5.66 2.21 -3.06
N GLU A 63 6.82 1.64 -2.80
CA GLU A 63 8.08 2.35 -2.87
C GLU A 63 8.31 2.94 -4.27
N LYS A 64 8.00 2.14 -5.26
CA LYS A 64 8.26 2.48 -6.63
C LYS A 64 7.17 3.44 -7.10
N PHE A 65 6.02 3.38 -6.43
CA PHE A 65 4.97 4.36 -6.62
C PHE A 65 5.39 5.72 -6.08
N LEU A 66 5.78 5.72 -4.82
CA LEU A 66 6.08 6.96 -4.09
C LEU A 66 7.18 7.75 -4.75
N MET B 1 10.03 12.69 -6.53
CA MET B 1 11.47 12.85 -6.57
C MET B 1 12.12 12.25 -5.33
N SER B 2 11.76 12.77 -4.16
CA SER B 2 12.27 12.25 -2.90
C SER B 2 13.71 12.70 -2.69
N ASN B 3 14.39 12.01 -1.78
CA ASN B 3 15.74 12.36 -1.29
C ASN B 3 15.82 11.94 0.17
N ILE B 4 17.04 11.83 0.70
CA ILE B 4 17.29 11.36 2.06
C ILE B 4 17.42 9.84 2.01
N THR B 5 18.01 9.24 3.05
CA THR B 5 18.29 7.79 3.15
C THR B 5 19.60 7.56 3.91
N ASP B 6 19.99 6.29 3.98
CA ASP B 6 21.08 5.79 4.81
C ASP B 6 20.85 4.29 4.94
N PRO B 7 21.88 3.48 5.30
CA PRO B 7 21.73 2.06 5.14
C PRO B 7 21.34 1.58 3.75
N GLN B 8 20.80 0.37 3.64
CA GLN B 8 20.54 -0.28 2.36
C GLN B 8 20.33 -1.77 2.55
N MET B 9 20.43 -2.52 1.44
CA MET B 9 20.00 -3.94 1.33
C MET B 9 19.36 -4.15 -0.03
N TRP B 10 18.67 -5.28 -0.19
CA TRP B 10 18.14 -5.66 -1.49
C TRP B 10 16.94 -4.79 -1.91
N ASP B 11 16.66 -4.87 -3.21
CA ASP B 11 15.44 -4.36 -3.86
C ASP B 11 15.75 -3.15 -4.71
N PHE B 12 14.82 -2.94 -5.64
CA PHE B 12 14.68 -1.77 -6.50
C PHE B 12 14.19 -2.29 -7.84
N ASP B 13 13.48 -1.42 -8.56
CA ASP B 13 12.90 -1.67 -9.88
C ASP B 13 11.41 -1.51 -9.70
N ASP B 14 10.64 -1.30 -10.73
CA ASP B 14 9.20 -1.19 -10.51
C ASP B 14 8.53 -2.46 -10.97
N LEU B 15 7.33 -2.75 -10.44
CA LEU B 15 6.61 -4.01 -10.70
C LEU B 15 6.87 -4.97 -9.54
N ASN B 16 6.87 -6.27 -9.87
CA ASN B 16 6.68 -7.41 -8.97
C ASN B 16 5.65 -8.29 -9.63
N PHE B 17 5.47 -9.50 -9.12
CA PHE B 17 4.80 -10.51 -9.92
C PHE B 17 4.78 -11.86 -9.24
N THR B 18 4.06 -12.74 -9.92
CA THR B 18 3.33 -13.84 -9.31
C THR B 18 2.01 -13.21 -8.93
N GLY B 19 0.92 -13.94 -8.82
CA GLY B 19 -0.30 -13.24 -8.54
C GLY B 19 -0.63 -12.27 -9.67
N MET B 20 -1.46 -11.29 -9.36
CA MET B 20 -1.87 -10.23 -10.29
C MET B 20 -2.84 -9.35 -9.55
N PRO B 21 -3.75 -8.61 -10.22
CA PRO B 21 -4.63 -7.75 -9.47
C PRO B 21 -5.99 -7.46 -10.13
N PRO B 22 -6.87 -6.84 -9.34
CA PRO B 22 -8.27 -7.03 -9.42
C PRO B 22 -8.75 -8.49 -9.48
N ALA B 23 -9.92 -8.68 -8.94
CA ALA B 23 -10.31 -9.92 -8.23
C ALA B 23 -9.81 -9.60 -6.84
N ASP B 24 -10.31 -10.11 -5.76
CA ASP B 24 -10.15 -9.26 -4.58
C ASP B 24 -10.51 -9.87 -3.23
N GLU B 25 -10.76 -8.91 -2.36
CA GLU B 25 -10.64 -8.91 -0.93
C GLU B 25 -10.79 -7.42 -0.63
N ASP B 26 -10.57 -7.02 0.61
CA ASP B 26 -10.41 -5.61 1.01
C ASP B 26 -11.73 -5.08 1.56
N TYR B 27 -11.64 -4.04 2.38
CA TYR B 27 -12.82 -3.39 2.94
C TYR B 27 -12.42 -2.45 4.08
N SER B 28 -13.38 -1.66 4.52
CA SER B 28 -13.19 -0.62 5.53
C SER B 28 -14.39 0.31 5.47
N PRO B 29 -14.62 1.18 6.50
CA PRO B 29 -15.83 2.00 6.51
C PRO B 29 -16.05 2.95 7.71
N SER A 1 -12.58 15.18 13.00
CA SER A 1 -11.66 15.82 13.96
C SER A 1 -10.57 14.83 14.37
N ALA A 2 -9.36 15.33 14.57
CA ALA A 2 -8.24 14.49 14.99
C ALA A 2 -8.27 14.28 16.49
N LYS A 3 -9.38 13.74 16.97
CA LYS A 3 -9.59 13.48 18.39
C LYS A 3 -9.70 11.99 18.63
N GLU A 4 -10.55 11.38 17.84
CA GLU A 4 -10.79 9.96 17.91
C GLU A 4 -10.54 9.39 16.53
N LEU A 5 -9.44 8.69 16.39
CA LEU A 5 -9.11 8.06 15.13
C LEU A 5 -9.00 6.56 15.31
N ARG A 6 -9.45 5.87 14.28
CA ARG A 6 -9.38 4.45 14.19
C ARG A 6 -8.57 4.12 12.96
N CYS A 7 -8.27 2.88 12.77
CA CYS A 7 -7.54 2.47 11.58
C CYS A 7 -8.41 2.70 10.36
N GLN A 8 -7.82 3.22 9.29
CA GLN A 8 -8.56 3.40 8.06
C GLN A 8 -8.64 2.08 7.31
N CYS A 9 -7.69 1.22 7.62
CA CYS A 9 -7.64 -0.10 7.03
C CYS A 9 -7.26 -1.12 8.09
N ILE A 10 -8.12 -2.10 8.25
CA ILE A 10 -7.95 -3.13 9.28
C ILE A 10 -7.56 -4.46 8.63
N LYS A 11 -8.03 -4.64 7.42
CA LYS A 11 -7.74 -5.82 6.64
C LYS A 11 -6.94 -5.43 5.46
N THR A 12 -6.21 -6.34 4.92
CA THR A 12 -5.51 -6.06 3.72
C THR A 12 -5.86 -7.07 2.66
N TYR A 13 -5.69 -6.66 1.43
CA TYR A 13 -6.18 -7.39 0.30
C TYR A 13 -5.01 -7.71 -0.62
N SER A 14 -4.76 -9.00 -0.72
CA SER A 14 -3.49 -9.54 -1.16
C SER A 14 -3.37 -9.63 -2.67
N LYS A 15 -3.50 -8.51 -3.36
CA LYS A 15 -3.49 -8.52 -4.81
C LYS A 15 -2.36 -7.68 -5.36
N PRO A 16 -1.41 -8.39 -5.99
CA PRO A 16 -0.14 -7.85 -6.46
C PRO A 16 -0.25 -7.08 -7.76
N PHE A 17 0.23 -5.85 -7.75
CA PHE A 17 0.26 -5.06 -8.96
C PHE A 17 1.56 -4.22 -9.08
N HIS A 18 1.54 -3.28 -10.03
CA HIS A 18 2.68 -2.41 -10.37
C HIS A 18 2.27 -0.96 -10.10
N PRO A 19 3.22 -0.06 -9.75
CA PRO A 19 2.92 1.33 -9.45
C PRO A 19 2.16 2.03 -10.57
N LYS A 20 2.37 1.60 -11.83
CA LYS A 20 1.71 2.25 -12.95
C LYS A 20 0.23 1.95 -12.93
N PHE A 21 -0.11 0.90 -12.21
CA PHE A 21 -1.47 0.46 -12.11
C PHE A 21 -2.16 1.16 -10.97
N ILE A 22 -1.39 1.52 -9.97
CA ILE A 22 -1.90 2.05 -8.80
C ILE A 22 -1.63 3.51 -8.77
N LYS A 23 -2.68 4.24 -8.70
CA LYS A 23 -2.65 5.63 -8.91
C LYS A 23 -2.76 6.37 -7.60
N GLU A 24 -3.10 5.63 -6.56
CA GLU A 24 -2.95 6.17 -5.22
C GLU A 24 -2.40 5.16 -4.25
N LEU A 25 -1.57 5.69 -3.41
CA LEU A 25 -0.99 5.05 -2.26
C LEU A 25 -1.28 5.92 -1.04
N ARG A 26 -1.72 5.32 0.06
CA ARG A 26 -1.97 6.03 1.27
C ARG A 26 -1.71 5.10 2.43
N VAL A 27 -0.67 5.37 3.13
CA VAL A 27 -0.16 4.48 4.12
C VAL A 27 -0.48 4.97 5.53
N ILE A 28 -1.23 4.15 6.24
CA ILE A 28 -1.64 4.49 7.60
C ILE A 28 -0.76 3.78 8.61
N GLU A 29 0.15 4.53 9.20
CA GLU A 29 1.07 3.99 10.21
C GLU A 29 0.43 4.10 11.59
N SER A 30 0.76 3.14 12.46
CA SER A 30 0.28 3.11 13.84
C SER A 30 0.24 4.50 14.49
N GLY A 31 -0.90 4.82 15.09
CA GLY A 31 -1.14 6.12 15.70
C GLY A 31 -1.61 5.97 17.12
N PRO A 32 -2.28 6.99 17.66
CA PRO A 32 -3.06 6.87 18.88
C PRO A 32 -4.41 6.29 18.52
N HIS A 33 -4.46 5.76 17.31
CA HIS A 33 -5.66 5.36 16.65
C HIS A 33 -5.61 3.88 16.31
N CYS A 34 -4.41 3.42 16.04
CA CYS A 34 -4.18 2.07 15.56
C CYS A 34 -2.80 1.64 15.97
N ALA A 35 -2.64 0.43 16.43
CA ALA A 35 -1.33 -0.06 16.83
C ALA A 35 -0.65 -0.77 15.67
N ASN A 36 -1.13 -0.49 14.47
CA ASN A 36 -0.63 -1.16 13.27
C ASN A 36 -0.40 -0.18 12.14
N THR A 37 0.29 -0.66 11.14
CA THR A 37 0.43 0.04 9.88
C THR A 37 -0.23 -0.77 8.78
N GLU A 38 -0.99 -0.09 7.95
CA GLU A 38 -1.77 -0.72 6.91
C GLU A 38 -1.84 0.22 5.71
N ILE A 39 -1.84 -0.34 4.50
CA ILE A 39 -1.75 0.48 3.32
C ILE A 39 -3.07 0.53 2.54
N ILE A 40 -3.60 1.73 2.34
CA ILE A 40 -4.76 1.91 1.47
C ILE A 40 -4.26 2.41 0.11
N VAL A 41 -4.88 1.98 -0.97
CA VAL A 41 -4.41 2.35 -2.32
C VAL A 41 -5.54 2.36 -3.29
N LYS A 42 -5.24 2.87 -4.46
CA LYS A 42 -6.17 2.87 -5.53
C LYS A 42 -5.48 2.51 -6.83
N LEU A 43 -6.02 1.53 -7.49
CA LEU A 43 -5.66 1.18 -8.83
C LEU A 43 -6.56 1.91 -9.77
N SER A 44 -5.97 2.56 -10.75
CA SER A 44 -6.74 3.47 -11.57
C SER A 44 -7.89 2.74 -12.23
N ASP A 45 -7.55 1.65 -12.87
CA ASP A 45 -8.55 0.76 -13.42
C ASP A 45 -9.06 -0.17 -12.34
N GLY A 46 -8.25 -0.26 -11.29
CA GLY A 46 -8.31 -1.39 -10.41
C GLY A 46 -8.84 -1.13 -9.03
N ARG A 47 -9.68 -0.11 -8.87
CA ARG A 47 -10.43 0.07 -7.62
C ARG A 47 -9.55 0.59 -6.50
N GLU A 48 -10.09 0.73 -5.30
CA GLU A 48 -9.26 1.14 -4.18
C GLU A 48 -9.28 0.05 -3.10
N LEU A 49 -8.10 -0.49 -2.81
CA LEU A 49 -7.96 -1.72 -2.07
C LEU A 49 -7.15 -1.45 -0.79
N CYS A 50 -6.88 -2.51 -0.05
CA CYS A 50 -5.93 -2.48 1.05
C CYS A 50 -4.76 -3.38 0.71
N LEU A 51 -3.55 -2.95 1.01
CA LEU A 51 -2.39 -3.77 0.70
C LEU A 51 -1.61 -4.13 1.95
N ASP A 52 -0.96 -5.28 1.86
CA ASP A 52 -0.18 -5.82 2.96
C ASP A 52 1.26 -5.33 2.89
N PRO A 53 1.69 -4.51 3.85
CA PRO A 53 3.06 -3.93 3.86
C PRO A 53 4.14 -5.00 4.07
N LYS A 54 3.71 -6.24 4.29
CA LYS A 54 4.61 -7.31 4.62
C LYS A 54 4.99 -8.09 3.39
N GLU A 55 4.26 -7.83 2.32
CA GLU A 55 4.38 -8.58 1.09
C GLU A 55 5.25 -7.82 0.08
N ASN A 56 6.31 -8.49 -0.32
CA ASN A 56 7.40 -7.93 -1.14
C ASN A 56 6.91 -7.20 -2.39
N TRP A 57 5.91 -7.76 -3.04
CA TRP A 57 5.36 -7.16 -4.25
C TRP A 57 4.84 -5.77 -3.95
N VAL A 58 4.34 -5.59 -2.74
CA VAL A 58 3.83 -4.32 -2.31
C VAL A 58 4.98 -3.39 -2.02
N GLN A 59 6.06 -3.98 -1.53
CA GLN A 59 7.14 -3.21 -1.02
C GLN A 59 7.77 -2.41 -2.13
N ARG A 60 7.67 -2.94 -3.32
CA ARG A 60 8.20 -2.32 -4.47
C ARG A 60 7.20 -1.39 -5.09
N VAL A 61 5.96 -1.83 -5.22
CA VAL A 61 4.94 -1.03 -5.81
C VAL A 61 4.70 0.23 -5.01
N VAL A 62 4.76 0.10 -3.72
CA VAL A 62 4.56 1.23 -2.84
C VAL A 62 5.78 2.13 -2.78
N GLU A 63 6.94 1.52 -2.58
CA GLU A 63 8.17 2.24 -2.57
C GLU A 63 8.35 3.01 -3.86
N LYS A 64 8.12 2.32 -4.94
CA LYS A 64 8.40 2.86 -6.23
C LYS A 64 7.26 3.75 -6.70
N PHE A 65 6.09 3.55 -6.10
CA PHE A 65 5.02 4.52 -6.23
C PHE A 65 5.47 5.85 -5.67
N LEU A 66 5.91 5.81 -4.41
CA LEU A 66 6.18 7.02 -3.65
C LEU A 66 7.28 7.85 -4.26
N MET B 1 10.54 13.10 -7.27
CA MET B 1 11.91 13.19 -7.76
C MET B 1 12.92 12.86 -6.68
N SER B 2 13.00 13.70 -5.65
CA SER B 2 13.94 13.52 -4.55
C SER B 2 15.35 13.90 -5.01
N ASN B 3 16.35 13.49 -4.22
CA ASN B 3 17.80 13.74 -4.46
C ASN B 3 18.47 13.95 -3.12
N ILE B 4 19.80 13.83 -3.09
CA ILE B 4 20.60 13.96 -1.86
C ILE B 4 20.65 12.60 -1.18
N THR B 5 21.59 12.39 -0.26
CA THR B 5 21.84 11.09 0.37
C THR B 5 23.33 10.90 0.66
N ASP B 6 23.70 9.64 0.89
CA ASP B 6 25.02 9.20 1.34
C ASP B 6 24.82 7.79 1.88
N PRO B 7 25.88 6.94 1.96
CA PRO B 7 25.65 5.54 2.18
C PRO B 7 24.65 4.91 1.20
N GLN B 8 24.12 3.74 1.55
CA GLN B 8 23.08 3.05 0.75
C GLN B 8 23.06 1.56 1.05
N MET B 9 22.37 0.80 0.18
CA MET B 9 22.03 -0.62 0.37
C MET B 9 20.59 -0.81 -0.10
N TRP B 10 20.18 -2.06 -0.33
CA TRP B 10 18.81 -2.38 -0.72
C TRP B 10 18.48 -1.88 -2.13
N ASP B 11 17.25 -2.20 -2.55
CA ASP B 11 16.71 -1.94 -3.89
C ASP B 11 15.75 -3.06 -4.22
N PHE B 12 15.43 -3.24 -5.50
CA PHE B 12 14.21 -3.89 -5.95
C PHE B 12 13.85 -3.30 -7.32
N ASP B 13 12.58 -3.38 -7.68
CA ASP B 13 12.10 -2.96 -8.98
C ASP B 13 10.62 -3.30 -9.01
N ASP B 14 9.85 -2.67 -9.89
CA ASP B 14 8.41 -2.77 -9.78
C ASP B 14 7.81 -3.57 -10.89
N LEU B 15 6.55 -3.97 -10.66
CA LEU B 15 5.87 -5.00 -11.43
C LEU B 15 5.99 -6.24 -10.60
N ASN B 16 6.03 -7.42 -11.21
CA ASN B 16 5.52 -8.65 -10.63
C ASN B 16 4.87 -9.46 -11.73
N PHE B 17 4.45 -10.65 -11.35
CA PHE B 17 3.98 -11.66 -12.26
C PHE B 17 3.82 -12.92 -11.43
N THR B 18 2.98 -13.82 -11.94
CA THR B 18 2.28 -14.78 -11.10
C THR B 18 1.08 -14.00 -10.60
N GLY B 19 0.01 -14.62 -10.18
CA GLY B 19 -1.04 -13.80 -9.61
C GLY B 19 -1.59 -12.82 -10.64
N MET B 20 -2.15 -11.74 -10.15
CA MET B 20 -2.78 -10.71 -10.96
C MET B 20 -3.29 -9.64 -10.02
N PRO B 21 -4.27 -8.84 -10.43
CA PRO B 21 -4.89 -7.94 -9.48
C PRO B 21 -6.34 -7.63 -9.77
N PRO B 22 -7.01 -7.13 -8.74
CA PRO B 22 -8.42 -7.13 -8.68
C PRO B 22 -9.11 -8.49 -8.98
N ALA B 23 -10.33 -8.64 -8.47
CA ALA B 23 -10.82 -9.92 -7.90
C ALA B 23 -10.49 -9.70 -6.45
N ASP B 24 -11.00 -10.39 -5.43
CA ASP B 24 -11.26 -9.54 -4.29
C ASP B 24 -11.49 -10.10 -2.92
N GLU B 25 -11.56 -9.05 -2.10
CA GLU B 25 -11.49 -9.00 -0.68
C GLU B 25 -11.26 -7.50 -0.41
N ASP B 26 -10.80 -7.10 0.78
CA ASP B 26 -10.50 -5.70 1.14
C ASP B 26 -11.69 -5.08 1.81
N TYR B 27 -11.46 -3.95 2.45
CA TYR B 27 -12.52 -3.06 2.87
C TYR B 27 -11.94 -1.91 3.69
N SER B 28 -12.77 -0.91 3.96
CA SER B 28 -12.35 0.34 4.59
C SER B 28 -13.47 1.37 4.42
N PRO B 29 -13.37 2.54 5.11
CA PRO B 29 -14.48 3.50 5.07
C PRO B 29 -14.35 4.80 5.90
N SER A 1 -6.63 14.25 14.13
CA SER A 1 -6.00 12.92 13.99
C SER A 1 -5.78 12.30 15.38
N ALA A 2 -5.04 13.00 16.23
CA ALA A 2 -4.74 12.51 17.57
C ALA A 2 -5.90 12.80 18.52
N LYS A 3 -7.07 12.29 18.17
CA LYS A 3 -8.25 12.45 18.99
C LYS A 3 -9.13 11.22 18.90
N GLU A 4 -9.66 11.00 17.71
CA GLU A 4 -10.53 9.88 17.44
C GLU A 4 -10.25 9.30 16.07
N LEU A 5 -9.66 8.11 16.05
CA LEU A 5 -9.40 7.39 14.80
C LEU A 5 -9.50 5.90 14.99
N ARG A 6 -9.90 5.26 13.91
CA ARG A 6 -9.87 3.84 13.76
C ARG A 6 -8.95 3.54 12.61
N CYS A 7 -8.68 2.29 12.37
CA CYS A 7 -7.79 1.93 11.28
C CYS A 7 -8.42 2.35 9.96
N GLN A 8 -7.60 2.87 9.07
CA GLN A 8 -8.07 3.28 7.76
C GLN A 8 -8.19 2.08 6.86
N CYS A 9 -7.51 1.01 7.24
CA CYS A 9 -7.59 -0.26 6.55
C CYS A 9 -7.63 -1.38 7.57
N ILE A 10 -8.81 -1.96 7.76
CA ILE A 10 -8.97 -3.07 8.68
C ILE A 10 -8.44 -4.35 8.05
N LYS A 11 -8.72 -4.50 6.78
CA LYS A 11 -8.31 -5.64 6.01
C LYS A 11 -7.16 -5.25 5.08
N THR A 12 -6.53 -6.26 4.52
CA THR A 12 -5.59 -6.07 3.43
C THR A 12 -5.86 -7.13 2.39
N TYR A 13 -5.45 -6.89 1.15
CA TYR A 13 -5.56 -7.93 0.14
C TYR A 13 -4.19 -8.26 -0.41
N SER A 14 -3.94 -9.54 -0.57
CA SER A 14 -2.63 -10.03 -0.90
C SER A 14 -2.46 -10.28 -2.41
N LYS A 15 -2.75 -9.28 -3.23
CA LYS A 15 -2.59 -9.41 -4.67
C LYS A 15 -1.73 -8.32 -5.27
N PRO A 16 -0.61 -8.73 -5.89
CA PRO A 16 0.41 -7.83 -6.41
C PRO A 16 0.04 -7.12 -7.69
N PHE A 17 0.16 -5.80 -7.65
CA PHE A 17 0.10 -4.99 -8.86
C PHE A 17 1.37 -4.15 -9.02
N HIS A 18 1.44 -3.42 -10.14
CA HIS A 18 2.58 -2.55 -10.45
C HIS A 18 2.18 -1.11 -10.15
N PRO A 19 3.13 -0.21 -9.86
CA PRO A 19 2.82 1.17 -9.50
C PRO A 19 2.07 1.88 -10.63
N LYS A 20 2.19 1.39 -11.86
CA LYS A 20 1.46 2.00 -12.99
C LYS A 20 -0.03 1.71 -12.85
N PHE A 21 -0.32 0.70 -12.07
CA PHE A 21 -1.69 0.27 -11.83
C PHE A 21 -2.34 1.14 -10.80
N ILE A 22 -1.52 1.59 -9.87
CA ILE A 22 -1.97 2.21 -8.72
C ILE A 22 -1.70 3.68 -8.78
N LYS A 23 -2.74 4.43 -8.67
CA LYS A 23 -2.69 5.83 -8.90
C LYS A 23 -2.72 6.58 -7.59
N GLU A 24 -3.07 5.87 -6.53
CA GLU A 24 -2.97 6.43 -5.20
C GLU A 24 -2.45 5.43 -4.21
N LEU A 25 -1.66 5.95 -3.34
CA LEU A 25 -1.11 5.27 -2.20
C LEU A 25 -1.43 6.11 -0.97
N ARG A 26 -1.78 5.47 0.13
CA ARG A 26 -1.93 6.14 1.38
C ARG A 26 -1.60 5.17 2.48
N VAL A 27 -0.49 5.38 3.11
CA VAL A 27 0.01 4.47 4.08
C VAL A 27 -0.20 5.01 5.47
N ILE A 28 -1.05 4.33 6.23
CA ILE A 28 -1.42 4.81 7.55
C ILE A 28 -0.63 4.07 8.62
N GLU A 29 0.19 4.83 9.34
CA GLU A 29 1.05 4.26 10.38
C GLU A 29 0.27 4.14 11.68
N SER A 30 0.62 3.12 12.47
CA SER A 30 0.04 2.87 13.75
C SER A 30 -0.08 4.11 14.62
N GLY A 31 -1.26 4.24 15.20
CA GLY A 31 -1.66 5.41 15.95
C GLY A 31 -2.32 5.01 17.25
N PRO A 32 -3.14 5.91 17.81
CA PRO A 32 -4.02 5.56 18.92
C PRO A 32 -5.27 4.90 18.37
N HIS A 33 -5.15 4.54 17.11
CA HIS A 33 -6.25 4.12 16.28
C HIS A 33 -6.06 2.69 15.80
N CYS A 34 -4.81 2.37 15.54
CA CYS A 34 -4.41 1.10 15.01
C CYS A 34 -2.98 0.86 15.46
N ALA A 35 -2.71 -0.25 16.09
CA ALA A 35 -1.39 -0.47 16.67
C ALA A 35 -0.44 -1.06 15.65
N ASN A 36 -0.71 -0.79 14.39
CA ASN A 36 0.24 -1.11 13.33
C ASN A 36 0.03 -0.23 12.11
N THR A 37 0.81 -0.50 11.10
CA THR A 37 0.72 0.22 9.85
C THR A 37 0.12 -0.65 8.77
N GLU A 38 -0.77 -0.06 8.02
CA GLU A 38 -1.56 -0.74 7.01
C GLU A 38 -1.60 0.13 5.76
N ILE A 39 -1.62 -0.49 4.59
CA ILE A 39 -1.49 0.27 3.35
C ILE A 39 -2.83 0.47 2.65
N ILE A 40 -3.18 1.72 2.39
CA ILE A 40 -4.36 2.04 1.60
C ILE A 40 -3.87 2.43 0.21
N VAL A 41 -4.63 2.14 -0.82
CA VAL A 41 -4.24 2.45 -2.20
C VAL A 41 -5.45 2.55 -3.08
N LYS A 42 -5.20 3.00 -4.28
CA LYS A 42 -6.20 3.01 -5.30
C LYS A 42 -5.57 2.70 -6.64
N LEU A 43 -6.19 1.79 -7.33
CA LEU A 43 -5.78 1.45 -8.67
C LEU A 43 -6.69 2.12 -9.63
N SER A 44 -6.09 2.63 -10.67
CA SER A 44 -6.85 3.38 -11.66
C SER A 44 -7.86 2.49 -12.33
N ASP A 45 -7.43 1.30 -12.65
CA ASP A 45 -8.34 0.29 -13.17
C ASP A 45 -9.03 -0.41 -12.01
N GLY A 46 -8.38 -0.36 -10.86
CA GLY A 46 -8.60 -1.34 -9.83
C GLY A 46 -9.24 -0.87 -8.55
N ARG A 47 -9.97 0.24 -8.58
CA ARG A 47 -10.73 0.74 -7.43
C ARG A 47 -9.79 0.99 -6.26
N GLU A 48 -10.29 1.26 -5.08
CA GLU A 48 -9.41 1.58 -3.98
C GLU A 48 -9.47 0.49 -2.92
N LEU A 49 -8.28 0.02 -2.54
CA LEU A 49 -8.11 -1.22 -1.81
C LEU A 49 -7.28 -0.99 -0.55
N CYS A 50 -6.97 -2.11 0.11
CA CYS A 50 -6.03 -2.16 1.20
C CYS A 50 -4.94 -3.20 0.91
N LEU A 51 -3.68 -2.85 1.14
CA LEU A 51 -2.57 -3.74 0.81
C LEU A 51 -1.84 -4.23 2.05
N ASP A 52 -1.11 -5.33 1.86
CA ASP A 52 -0.36 -5.97 2.92
C ASP A 52 1.05 -5.40 2.99
N PRO A 53 1.34 -4.57 4.00
CA PRO A 53 2.67 -3.93 4.12
C PRO A 53 3.77 -4.92 4.45
N LYS A 54 3.40 -6.18 4.58
CA LYS A 54 4.31 -7.21 5.02
C LYS A 54 4.90 -7.91 3.81
N GLU A 55 4.29 -7.67 2.67
CA GLU A 55 4.60 -8.41 1.48
C GLU A 55 5.48 -7.61 0.51
N ASN A 56 6.41 -8.32 -0.07
CA ASN A 56 7.53 -7.76 -0.82
C ASN A 56 7.06 -7.11 -2.12
N TRP A 57 6.02 -7.69 -2.70
CA TRP A 57 5.43 -7.15 -3.92
C TRP A 57 4.89 -5.76 -3.67
N VAL A 58 4.39 -5.56 -2.48
CA VAL A 58 3.85 -4.29 -2.11
C VAL A 58 4.97 -3.31 -1.88
N GLN A 59 6.07 -3.85 -1.37
CA GLN A 59 7.17 -3.04 -0.97
C GLN A 59 7.76 -2.37 -2.18
N ARG A 60 7.60 -3.02 -3.30
CA ARG A 60 7.98 -2.49 -4.57
C ARG A 60 6.95 -1.52 -5.05
N VAL A 61 5.73 -1.97 -5.26
CA VAL A 61 4.73 -1.18 -5.88
C VAL A 61 4.47 0.12 -5.14
N VAL A 62 4.72 0.11 -3.87
CA VAL A 62 4.53 1.30 -3.06
C VAL A 62 5.77 2.17 -3.09
N GLU A 63 6.92 1.51 -3.03
CA GLU A 63 8.19 2.20 -3.10
C GLU A 63 8.40 2.83 -4.45
N LYS A 64 8.01 2.07 -5.46
CA LYS A 64 8.21 2.45 -6.82
C LYS A 64 7.13 3.44 -7.21
N PHE A 65 6.02 3.39 -6.49
CA PHE A 65 5.00 4.41 -6.60
C PHE A 65 5.52 5.75 -6.12
N LEU A 66 5.96 5.76 -4.87
CA LEU A 66 6.31 7.01 -4.18
C LEU A 66 7.41 7.75 -4.88
N MET B 1 9.59 13.29 -6.96
CA MET B 1 10.84 14.01 -7.22
C MET B 1 11.75 14.02 -6.01
N SER B 2 11.24 14.57 -4.90
CA SER B 2 12.01 14.72 -3.67
C SER B 2 12.97 15.91 -3.77
N ASN B 3 13.93 15.94 -2.86
CA ASN B 3 14.86 17.05 -2.62
C ASN B 3 15.12 17.08 -1.12
N ILE B 4 16.20 17.73 -0.69
CA ILE B 4 16.63 17.73 0.71
C ILE B 4 17.44 16.43 0.88
N THR B 5 17.65 15.97 2.12
CA THR B 5 18.24 14.64 2.39
C THR B 5 19.10 14.63 3.66
N ASP B 6 19.49 13.42 4.01
CA ASP B 6 20.21 13.04 5.22
C ASP B 6 19.89 11.55 5.37
N PRO B 7 20.71 10.73 6.09
CA PRO B 7 20.51 9.31 5.97
C PRO B 7 20.49 8.80 4.53
N GLN B 8 19.92 7.60 4.31
CA GLN B 8 19.75 7.01 2.97
C GLN B 8 19.52 5.51 3.04
N MET B 9 19.29 4.93 1.85
CA MET B 9 18.91 3.52 1.64
C MET B 9 17.82 3.48 0.57
N TRP B 10 17.64 2.32 -0.05
CA TRP B 10 16.66 2.13 -1.12
C TRP B 10 16.81 0.71 -1.65
N ASP B 11 16.22 0.44 -2.83
CA ASP B 11 16.25 -0.88 -3.49
C ASP B 11 14.97 -1.06 -4.26
N PHE B 12 14.90 -2.16 -5.02
CA PHE B 12 13.67 -2.64 -5.64
C PHE B 12 13.68 -2.32 -7.13
N ASP B 13 12.48 -2.28 -7.68
CA ASP B 13 12.22 -2.02 -9.08
C ASP B 13 10.75 -2.31 -9.24
N ASP B 14 10.12 -1.83 -10.28
CA ASP B 14 8.68 -1.78 -10.24
C ASP B 14 8.10 -3.09 -10.71
N LEU B 15 6.85 -3.37 -10.29
CA LEU B 15 6.14 -4.57 -10.70
C LEU B 15 6.33 -5.66 -9.65
N ASN B 16 6.31 -6.93 -10.10
CA ASN B 16 6.07 -8.14 -9.29
C ASN B 16 5.12 -9.05 -10.04
N PHE B 17 4.84 -10.22 -9.49
CA PHE B 17 4.17 -11.26 -10.27
C PHE B 17 4.09 -12.57 -9.50
N THR B 18 3.21 -13.42 -10.02
CA THR B 18 2.51 -14.44 -9.27
C THR B 18 1.32 -13.71 -8.71
N GLY B 19 0.23 -14.34 -8.33
CA GLY B 19 -0.87 -13.52 -7.91
C GLY B 19 -1.39 -12.70 -9.08
N MET B 20 -2.01 -11.56 -8.79
CA MET B 20 -2.61 -10.69 -9.80
C MET B 20 -3.15 -9.44 -9.11
N PRO B 21 -4.06 -8.72 -9.79
CA PRO B 21 -4.80 -7.67 -9.11
C PRO B 21 -6.16 -7.33 -9.74
N PRO B 22 -7.00 -6.63 -8.96
CA PRO B 22 -8.41 -6.63 -9.12
C PRO B 22 -9.06 -8.01 -9.32
N ALA B 23 -10.31 -8.10 -8.89
CA ALA B 23 -10.87 -9.36 -8.37
C ALA B 23 -10.44 -9.27 -6.93
N ASP B 24 -10.97 -9.97 -5.95
CA ASP B 24 -10.72 -9.38 -4.66
C ASP B 24 -11.19 -10.10 -3.40
N GLU B 25 -11.14 -9.24 -2.42
CA GLU B 25 -11.11 -9.45 -1.01
C GLU B 25 -10.68 -8.04 -0.59
N ASP B 26 -10.18 -7.83 0.62
CA ASP B 26 -9.65 -6.51 1.05
C ASP B 26 -10.74 -5.86 1.87
N TYR B 27 -10.59 -4.56 2.18
CA TYR B 27 -11.71 -3.66 2.52
C TYR B 27 -11.37 -2.79 3.71
N SER B 28 -12.28 -1.89 4.06
CA SER B 28 -12.06 -0.88 5.10
C SER B 28 -13.11 0.22 5.02
N PRO B 29 -13.07 1.19 5.96
CA PRO B 29 -14.06 2.26 5.97
C PRO B 29 -13.97 3.33 7.09
N SER A 1 -15.00 11.68 10.54
CA SER A 1 -15.44 11.79 11.95
C SER A 1 -14.26 11.53 12.89
N ALA A 2 -13.66 12.60 13.39
CA ALA A 2 -12.49 12.48 14.24
C ALA A 2 -12.88 12.27 15.71
N LYS A 3 -13.62 11.20 15.96
CA LYS A 3 -14.04 10.87 17.32
C LYS A 3 -13.82 9.39 17.59
N GLU A 4 -14.29 8.57 16.67
CA GLU A 4 -14.17 7.15 16.78
C GLU A 4 -13.56 6.61 15.49
N LEU A 5 -12.32 6.17 15.59
CA LEU A 5 -11.62 5.64 14.42
C LEU A 5 -11.14 4.22 14.67
N ARG A 6 -11.14 3.49 13.59
CA ARG A 6 -10.57 2.17 13.51
C ARG A 6 -9.42 2.28 12.54
N CYS A 7 -8.71 1.22 12.36
CA CYS A 7 -7.62 1.21 11.39
C CYS A 7 -8.14 1.66 10.03
N GLN A 8 -7.32 2.42 9.32
CA GLN A 8 -7.73 3.00 8.05
C GLN A 8 -7.94 1.89 7.02
N CYS A 9 -7.26 0.78 7.26
CA CYS A 9 -7.49 -0.46 6.58
C CYS A 9 -7.44 -1.56 7.61
N ILE A 10 -8.59 -2.18 7.86
CA ILE A 10 -8.72 -3.11 8.96
C ILE A 10 -8.00 -4.40 8.61
N LYS A 11 -7.98 -4.70 7.33
CA LYS A 11 -7.24 -5.81 6.83
C LYS A 11 -6.50 -5.38 5.60
N THR A 12 -5.84 -6.31 4.98
CA THR A 12 -5.14 -6.03 3.76
C THR A 12 -5.59 -6.98 2.67
N TYR A 13 -5.43 -6.56 1.45
CA TYR A 13 -5.94 -7.30 0.32
C TYR A 13 -4.77 -7.64 -0.60
N SER A 14 -4.48 -8.93 -0.63
CA SER A 14 -3.22 -9.45 -1.10
C SER A 14 -3.22 -9.67 -2.62
N LYS A 15 -3.42 -8.61 -3.37
CA LYS A 15 -3.48 -8.71 -4.82
C LYS A 15 -2.40 -7.87 -5.45
N PRO A 16 -1.38 -8.56 -5.99
CA PRO A 16 -0.19 -7.91 -6.55
C PRO A 16 -0.50 -7.12 -7.80
N PHE A 17 -0.17 -5.84 -7.74
CA PHE A 17 -0.26 -5.00 -8.91
C PHE A 17 1.07 -4.26 -9.16
N HIS A 18 1.09 -3.43 -10.20
CA HIS A 18 2.26 -2.62 -10.55
C HIS A 18 1.97 -1.16 -10.21
N PRO A 19 2.99 -0.34 -9.92
CA PRO A 19 2.80 1.08 -9.63
C PRO A 19 2.03 1.83 -10.73
N LYS A 20 2.14 1.36 -11.99
CA LYS A 20 1.40 2.02 -13.09
C LYS A 20 -0.08 1.73 -12.95
N PHE A 21 -0.37 0.70 -12.17
CA PHE A 21 -1.74 0.28 -11.94
C PHE A 21 -2.38 1.13 -10.88
N ILE A 22 -1.57 1.57 -9.95
CA ILE A 22 -2.03 2.17 -8.78
C ILE A 22 -1.84 3.66 -8.86
N LYS A 23 -2.92 4.37 -8.70
CA LYS A 23 -2.94 5.77 -8.90
C LYS A 23 -2.97 6.48 -7.56
N GLU A 24 -3.13 5.71 -6.50
CA GLU A 24 -2.96 6.29 -5.18
C GLU A 24 -2.40 5.31 -4.18
N LEU A 25 -1.59 5.90 -3.39
CA LEU A 25 -0.91 5.31 -2.27
C LEU A 25 -1.19 6.15 -1.02
N ARG A 26 -1.56 5.51 0.08
CA ARG A 26 -1.70 6.18 1.33
C ARG A 26 -1.41 5.21 2.46
N VAL A 27 -0.29 5.42 3.09
CA VAL A 27 0.20 4.48 4.06
C VAL A 27 0.02 5.01 5.48
N ILE A 28 -0.82 4.32 6.23
CA ILE A 28 -1.07 4.69 7.62
C ILE A 28 -0.32 3.77 8.56
N GLU A 29 0.53 4.36 9.37
CA GLU A 29 1.22 3.61 10.40
C GLU A 29 0.42 3.70 11.68
N SER A 30 0.67 2.78 12.61
CA SER A 30 -0.03 2.71 13.89
C SER A 30 -0.50 4.08 14.39
N GLY A 31 -1.80 4.18 14.57
CA GLY A 31 -2.43 5.42 14.94
C GLY A 31 -2.94 5.39 16.36
N PRO A 32 -3.68 6.42 16.79
CA PRO A 32 -4.46 6.36 18.02
C PRO A 32 -5.74 5.56 17.77
N HIS A 33 -5.81 4.97 16.57
CA HIS A 33 -6.94 4.21 16.14
C HIS A 33 -6.56 2.76 15.92
N CYS A 34 -5.29 2.54 15.73
CA CYS A 34 -4.80 1.22 15.36
C CYS A 34 -3.37 1.03 15.85
N ALA A 35 -3.06 -0.14 16.37
CA ALA A 35 -1.72 -0.43 16.85
C ALA A 35 -0.95 -1.18 15.78
N ASN A 36 -1.34 -0.98 14.53
CA ASN A 36 -0.73 -1.69 13.42
C ASN A 36 -0.45 -0.73 12.27
N THR A 37 -0.04 -1.27 11.16
CA THR A 37 0.26 -0.50 9.97
C THR A 37 -0.52 -1.04 8.79
N GLU A 38 -1.05 -0.16 7.97
CA GLU A 38 -1.86 -0.55 6.85
C GLU A 38 -1.64 0.38 5.66
N ILE A 39 -1.58 -0.20 4.48
CA ILE A 39 -1.41 0.59 3.29
C ILE A 39 -2.72 0.69 2.53
N ILE A 40 -3.22 1.88 2.34
CA ILE A 40 -4.42 2.09 1.55
C ILE A 40 -3.99 2.51 0.17
N VAL A 41 -4.68 2.06 -0.87
CA VAL A 41 -4.27 2.39 -2.23
C VAL A 41 -5.44 2.43 -3.17
N LYS A 42 -5.16 2.93 -4.36
CA LYS A 42 -6.06 2.84 -5.46
C LYS A 42 -5.35 2.35 -6.70
N LEU A 43 -6.05 1.52 -7.42
CA LEU A 43 -5.72 1.22 -8.79
C LEU A 43 -6.66 1.99 -9.66
N SER A 44 -6.08 2.64 -10.65
CA SER A 44 -6.85 3.51 -11.51
C SER A 44 -7.94 2.74 -12.19
N ASP A 45 -7.58 1.61 -12.74
CA ASP A 45 -8.56 0.71 -13.29
C ASP A 45 -9.14 -0.14 -12.17
N GLY A 46 -8.35 -0.24 -11.12
CA GLY A 46 -8.51 -1.32 -10.18
C GLY A 46 -8.96 -0.93 -8.80
N ARG A 47 -9.81 0.07 -8.69
CA ARG A 47 -10.53 0.32 -7.46
C ARG A 47 -9.63 0.88 -6.39
N GLU A 48 -10.13 1.02 -5.18
CA GLU A 48 -9.26 1.29 -4.07
C GLU A 48 -9.40 0.19 -3.02
N LEU A 49 -8.26 -0.27 -2.56
CA LEU A 49 -8.17 -1.45 -1.75
C LEU A 49 -7.06 -1.28 -0.69
N CYS A 50 -6.80 -2.33 0.07
CA CYS A 50 -5.81 -2.29 1.13
C CYS A 50 -4.63 -3.21 0.78
N LEU A 51 -3.42 -2.75 1.05
CA LEU A 51 -2.22 -3.53 0.77
C LEU A 51 -1.56 -3.99 2.05
N ASP A 52 -0.85 -5.11 1.95
CA ASP A 52 -0.10 -5.66 3.08
C ASP A 52 1.32 -5.12 3.07
N PRO A 53 1.65 -4.19 3.98
CA PRO A 53 2.97 -3.55 4.03
C PRO A 53 4.07 -4.54 4.40
N LYS A 54 3.67 -5.77 4.70
CA LYS A 54 4.59 -6.78 5.14
C LYS A 54 5.02 -7.63 3.95
N GLU A 55 4.31 -7.48 2.84
CA GLU A 55 4.62 -8.25 1.67
C GLU A 55 5.51 -7.43 0.71
N ASN A 56 6.48 -8.13 0.17
CA ASN A 56 7.60 -7.51 -0.53
C ASN A 56 7.20 -7.00 -1.91
N TRP A 57 6.24 -7.67 -2.53
CA TRP A 57 5.72 -7.22 -3.82
C TRP A 57 5.08 -5.86 -3.64
N VAL A 58 4.51 -5.65 -2.47
CA VAL A 58 3.98 -4.36 -2.13
C VAL A 58 5.09 -3.37 -1.99
N GLN A 59 6.12 -3.80 -1.27
CA GLN A 59 7.13 -2.90 -0.79
C GLN A 59 7.82 -2.23 -1.94
N ARG A 60 7.80 -2.90 -3.06
CA ARG A 60 8.42 -2.41 -4.26
C ARG A 60 7.47 -1.55 -5.07
N VAL A 61 6.29 -2.05 -5.33
CA VAL A 61 5.38 -1.34 -6.20
C VAL A 61 4.86 -0.07 -5.52
N VAL A 62 4.89 -0.09 -4.21
CA VAL A 62 4.53 1.07 -3.42
C VAL A 62 5.70 2.03 -3.30
N GLU A 63 6.86 1.48 -2.98
CA GLU A 63 8.07 2.28 -2.89
C GLU A 63 8.37 2.96 -4.22
N LYS A 64 8.18 2.21 -5.29
CA LYS A 64 8.45 2.68 -6.62
C LYS A 64 7.32 3.54 -7.12
N PHE A 65 6.16 3.41 -6.51
CA PHE A 65 5.11 4.40 -6.71
C PHE A 65 5.52 5.72 -6.09
N LEU A 66 5.83 5.69 -4.80
CA LEU A 66 6.19 6.88 -4.06
C LEU A 66 7.42 7.53 -4.63
N MET B 1 8.56 12.38 -5.58
CA MET B 1 8.20 12.45 -4.18
C MET B 1 8.73 13.75 -3.60
N SER B 2 10.05 13.90 -3.70
CA SER B 2 10.83 15.02 -3.18
C SER B 2 11.02 14.90 -1.67
N ASN B 3 12.11 15.53 -1.19
CA ASN B 3 12.47 15.60 0.23
C ASN B 3 13.50 14.51 0.52
N ILE B 4 14.22 14.60 1.64
CA ILE B 4 14.94 13.47 2.25
C ILE B 4 16.29 13.23 1.57
N THR B 5 16.86 12.05 1.84
CA THR B 5 17.97 11.47 1.07
C THR B 5 19.30 11.60 1.82
N ASP B 6 20.25 10.75 1.41
CA ASP B 6 21.58 10.60 2.04
C ASP B 6 22.07 9.21 1.65
N PRO B 7 23.41 8.94 1.65
CA PRO B 7 23.90 7.67 1.20
C PRO B 7 23.40 7.22 -0.17
N GLN B 8 23.48 5.91 -0.43
CA GLN B 8 22.98 5.30 -1.68
C GLN B 8 23.60 3.93 -1.91
N MET B 9 22.92 3.18 -2.79
CA MET B 9 23.29 1.84 -3.31
C MET B 9 22.06 0.95 -3.26
N TRP B 10 22.09 -0.14 -4.02
CA TRP B 10 20.95 -1.07 -4.11
C TRP B 10 19.67 -0.35 -4.54
N ASP B 11 18.60 -1.13 -4.67
CA ASP B 11 17.22 -0.61 -4.76
C ASP B 11 16.72 -0.69 -6.19
N PHE B 12 15.40 -0.61 -6.31
CA PHE B 12 14.68 -0.35 -7.56
C PHE B 12 14.00 -1.60 -8.07
N ASP B 13 12.98 -1.36 -8.90
CA ASP B 13 12.22 -2.34 -9.68
C ASP B 13 10.75 -2.13 -9.38
N ASP B 14 9.90 -2.52 -10.27
CA ASP B 14 8.46 -2.36 -10.08
C ASP B 14 7.75 -3.37 -10.93
N LEU B 15 6.49 -3.67 -10.59
CA LEU B 15 5.77 -4.79 -11.18
C LEU B 15 5.94 -5.95 -10.23
N ASN B 16 6.04 -7.18 -10.75
CA ASN B 16 5.61 -8.39 -10.08
C ASN B 16 5.02 -9.33 -11.10
N PHE B 17 4.53 -10.45 -10.64
CA PHE B 17 4.07 -11.52 -11.49
C PHE B 17 3.78 -12.71 -10.60
N THR B 18 2.94 -13.59 -11.11
CA THR B 18 2.15 -14.50 -10.30
C THR B 18 0.99 -13.65 -9.84
N GLY B 19 -0.15 -14.21 -9.50
CA GLY B 19 -1.20 -13.34 -9.02
C GLY B 19 -1.58 -12.31 -10.07
N MET B 20 -2.22 -11.24 -9.62
CA MET B 20 -2.62 -10.11 -10.46
C MET B 20 -3.49 -9.22 -9.59
N PRO B 21 -4.36 -8.36 -10.16
CA PRO B 21 -5.16 -7.52 -9.30
C PRO B 21 -6.51 -7.08 -9.86
N PRO B 22 -7.34 -6.57 -8.96
CA PRO B 22 -8.73 -6.75 -8.98
C PRO B 22 -9.21 -8.21 -9.18
N ALA B 23 -10.45 -8.45 -8.76
CA ALA B 23 -10.86 -9.73 -8.15
C ALA B 23 -10.58 -9.43 -6.69
N ASP B 24 -11.04 -10.11 -5.67
CA ASP B 24 -11.21 -9.25 -4.52
C ASP B 24 -11.43 -9.83 -3.14
N GLU B 25 -11.44 -8.83 -2.26
CA GLU B 25 -11.32 -8.89 -0.82
C GLU B 25 -11.02 -7.43 -0.41
N ASP B 26 -10.52 -7.20 0.79
CA ASP B 26 -10.20 -5.86 1.34
C ASP B 26 -11.40 -5.38 2.12
N TYR B 27 -11.19 -4.42 3.00
CA TYR B 27 -12.30 -3.72 3.63
C TYR B 27 -11.81 -2.75 4.69
N SER B 28 -12.72 -1.85 5.10
CA SER B 28 -12.40 -0.74 6.00
C SER B 28 -13.53 0.28 5.95
N PRO B 29 -13.55 1.27 6.89
CA PRO B 29 -14.63 2.25 6.93
C PRO B 29 -14.61 3.30 8.05
N SER A 1 -13.40 11.77 11.94
CA SER A 1 -13.32 12.54 13.20
C SER A 1 -12.34 11.88 14.16
N ALA A 2 -11.27 12.61 14.49
CA ALA A 2 -10.19 12.08 15.31
C ALA A 2 -10.59 11.98 16.79
N LYS A 3 -11.41 10.98 17.09
CA LYS A 3 -11.81 10.71 18.47
C LYS A 3 -11.90 9.21 18.71
N GLU A 4 -12.57 8.54 17.81
CA GLU A 4 -12.70 7.10 17.84
C GLU A 4 -12.61 6.59 16.43
N LEU A 5 -11.51 5.92 16.10
CA LEU A 5 -11.31 5.39 14.77
C LEU A 5 -10.89 3.94 14.82
N ARG A 6 -11.30 3.22 13.81
CA ARG A 6 -10.74 1.95 13.51
C ARG A 6 -9.73 2.20 12.43
N CYS A 7 -9.01 1.19 12.06
CA CYS A 7 -8.01 1.33 11.02
C CYS A 7 -8.65 1.91 9.76
N GLN A 8 -7.86 2.60 8.95
CA GLN A 8 -8.33 3.07 7.66
C GLN A 8 -8.51 1.87 6.74
N CYS A 9 -7.60 0.93 6.89
CA CYS A 9 -7.70 -0.37 6.27
C CYS A 9 -7.56 -1.45 7.35
N ILE A 10 -8.69 -1.98 7.81
CA ILE A 10 -8.69 -2.95 8.89
C ILE A 10 -8.23 -4.29 8.35
N LYS A 11 -8.57 -4.52 7.10
CA LYS A 11 -8.10 -5.65 6.35
C LYS A 11 -7.02 -5.19 5.40
N THR A 12 -6.28 -6.12 4.89
CA THR A 12 -5.42 -5.85 3.77
C THR A 12 -5.82 -6.75 2.64
N TYR A 13 -5.48 -6.35 1.45
CA TYR A 13 -5.92 -7.04 0.26
C TYR A 13 -4.70 -7.49 -0.53
N SER A 14 -4.47 -8.78 -0.48
CA SER A 14 -3.23 -9.37 -0.94
C SER A 14 -3.24 -9.63 -2.43
N LYS A 15 -3.48 -8.59 -3.22
CA LYS A 15 -3.53 -8.76 -4.67
C LYS A 15 -2.55 -7.83 -5.35
N PRO A 16 -1.63 -8.43 -6.13
CA PRO A 16 -0.42 -7.78 -6.60
C PRO A 16 -0.67 -6.84 -7.76
N PHE A 17 0.11 -5.78 -7.82
CA PHE A 17 0.08 -4.92 -8.98
C PHE A 17 1.41 -4.17 -9.19
N HIS A 18 1.48 -3.40 -10.27
CA HIS A 18 2.63 -2.53 -10.62
C HIS A 18 2.26 -1.10 -10.28
N PRO A 19 3.22 -0.21 -10.01
CA PRO A 19 2.93 1.18 -9.69
C PRO A 19 2.09 1.88 -10.78
N LYS A 20 2.13 1.37 -12.03
CA LYS A 20 1.32 1.96 -13.10
C LYS A 20 -0.14 1.69 -12.85
N PHE A 21 -0.40 0.67 -12.06
CA PHE A 21 -1.76 0.27 -11.75
C PHE A 21 -2.33 1.16 -10.69
N ILE A 22 -1.46 1.59 -9.81
CA ILE A 22 -1.84 2.20 -8.62
C ILE A 22 -1.60 3.68 -8.70
N LYS A 23 -2.69 4.39 -8.62
CA LYS A 23 -2.70 5.79 -8.87
C LYS A 23 -2.81 6.57 -7.59
N GLU A 24 -3.12 5.86 -6.51
CA GLU A 24 -3.08 6.46 -5.19
C GLU A 24 -2.60 5.48 -4.16
N LEU A 25 -1.75 5.99 -3.35
CA LEU A 25 -1.19 5.32 -2.20
C LEU A 25 -1.33 6.20 -0.96
N ARG A 26 -1.77 5.62 0.15
CA ARG A 26 -1.89 6.33 1.38
C ARG A 26 -1.56 5.41 2.53
N VAL A 27 -0.47 5.69 3.17
CA VAL A 27 0.10 4.79 4.13
C VAL A 27 -0.13 5.26 5.55
N ILE A 28 -0.86 4.46 6.32
CA ILE A 28 -1.16 4.79 7.70
C ILE A 28 -0.35 3.90 8.63
N GLU A 29 0.45 4.53 9.48
CA GLU A 29 1.23 3.80 10.46
C GLU A 29 0.43 3.72 11.77
N SER A 30 0.81 2.78 12.63
CA SER A 30 0.21 2.61 13.96
C SER A 30 -0.34 3.91 14.54
N GLY A 31 -1.59 3.87 14.93
CA GLY A 31 -2.29 5.04 15.40
C GLY A 31 -2.82 4.83 16.79
N PRO A 32 -3.55 5.82 17.34
CA PRO A 32 -4.34 5.63 18.54
C PRO A 32 -5.62 4.89 18.20
N HIS A 33 -5.70 4.43 16.96
CA HIS A 33 -6.85 3.73 16.46
C HIS A 33 -6.51 2.30 16.14
N CYS A 34 -5.32 2.11 15.61
CA CYS A 34 -4.88 0.82 15.18
C CYS A 34 -3.37 0.74 15.27
N ALA A 35 -2.88 -0.13 16.14
CA ALA A 35 -1.50 -0.11 16.58
C ALA A 35 -0.59 -0.87 15.61
N ASN A 36 -1.04 -0.97 14.38
CA ASN A 36 -0.24 -1.62 13.34
C ASN A 36 -0.04 -0.68 12.16
N THR A 37 0.58 -1.17 11.10
CA THR A 37 0.80 -0.38 9.90
C THR A 37 -0.03 -0.93 8.75
N GLU A 38 -0.59 -0.04 7.96
CA GLU A 38 -1.53 -0.41 6.93
C GLU A 38 -1.40 0.52 5.74
N ILE A 39 -1.50 -0.01 4.54
CA ILE A 39 -1.40 0.81 3.35
C ILE A 39 -2.70 0.83 2.57
N ILE A 40 -3.28 2.00 2.41
CA ILE A 40 -4.48 2.16 1.58
C ILE A 40 -4.03 2.52 0.16
N VAL A 41 -4.76 2.07 -0.85
CA VAL A 41 -4.33 2.28 -2.23
C VAL A 41 -5.49 2.27 -3.18
N LYS A 42 -5.24 2.82 -4.33
CA LYS A 42 -6.16 2.79 -5.41
C LYS A 42 -5.44 2.44 -6.70
N LEU A 43 -5.96 1.44 -7.36
CA LEU A 43 -5.57 1.17 -8.72
C LEU A 43 -6.58 1.83 -9.60
N SER A 44 -6.05 2.54 -10.57
CA SER A 44 -6.87 3.35 -11.41
C SER A 44 -7.88 2.51 -12.14
N ASP A 45 -7.42 1.43 -12.69
CA ASP A 45 -8.31 0.44 -13.27
C ASP A 45 -8.80 -0.50 -12.18
N GLY A 46 -8.02 -0.55 -11.11
CA GLY A 46 -8.04 -1.69 -10.22
C GLY A 46 -8.58 -1.45 -8.84
N ARG A 47 -9.53 -0.53 -8.70
CA ARG A 47 -10.28 -0.34 -7.47
C ARG A 47 -9.50 0.45 -6.45
N GLU A 48 -10.06 0.65 -5.28
CA GLU A 48 -9.25 1.10 -4.18
C GLU A 48 -9.32 0.09 -3.05
N LEU A 49 -8.16 -0.43 -2.72
CA LEU A 49 -8.03 -1.60 -1.94
C LEU A 49 -6.99 -1.39 -0.84
N CYS A 50 -6.71 -2.42 -0.07
CA CYS A 50 -5.80 -2.31 1.04
C CYS A 50 -4.57 -3.16 0.78
N LEU A 51 -3.43 -2.72 1.28
CA LEU A 51 -2.19 -3.42 1.02
C LEU A 51 -1.53 -3.90 2.29
N ASP A 52 -0.89 -5.05 2.17
CA ASP A 52 -0.14 -5.63 3.26
C ASP A 52 1.30 -5.14 3.19
N PRO A 53 1.71 -4.24 4.09
CA PRO A 53 3.06 -3.66 4.08
C PRO A 53 4.13 -4.69 4.38
N LYS A 54 3.67 -5.91 4.65
CA LYS A 54 4.54 -6.99 5.01
C LYS A 54 4.91 -7.80 3.77
N GLU A 55 4.22 -7.54 2.67
CA GLU A 55 4.44 -8.31 1.47
C GLU A 55 5.35 -7.57 0.49
N ASN A 56 6.24 -8.34 -0.11
CA ASN A 56 7.39 -7.83 -0.84
C ASN A 56 6.99 -7.18 -2.17
N TRP A 57 6.01 -7.77 -2.84
CA TRP A 57 5.51 -7.22 -4.09
C TRP A 57 4.93 -5.85 -3.87
N VAL A 58 4.39 -5.64 -2.68
CA VAL A 58 3.80 -4.38 -2.33
C VAL A 58 4.89 -3.39 -2.02
N GLN A 59 5.95 -3.90 -1.41
CA GLN A 59 6.99 -3.09 -0.92
C GLN A 59 7.63 -2.36 -2.05
N ARG A 60 7.61 -3.02 -3.17
CA ARG A 60 8.12 -2.47 -4.37
C ARG A 60 7.12 -1.52 -4.99
N VAL A 61 5.94 -2.00 -5.36
CA VAL A 61 4.96 -1.22 -6.06
C VAL A 61 4.67 0.09 -5.35
N VAL A 62 4.76 0.07 -4.04
CA VAL A 62 4.53 1.26 -3.25
C VAL A 62 5.77 2.14 -3.22
N GLU A 63 6.91 1.50 -3.03
CA GLU A 63 8.18 2.18 -3.05
C GLU A 63 8.43 2.85 -4.39
N LYS A 64 8.10 2.15 -5.46
CA LYS A 64 8.36 2.63 -6.79
C LYS A 64 7.31 3.66 -7.16
N PHE A 65 6.15 3.57 -6.49
CA PHE A 65 5.12 4.58 -6.61
C PHE A 65 5.59 5.88 -5.97
N LEU A 66 5.96 5.78 -4.70
CA LEU A 66 6.28 6.94 -3.88
C LEU A 66 7.46 7.71 -4.43
N MET B 1 10.88 12.90 -5.92
CA MET B 1 12.30 13.14 -6.10
C MET B 1 13.09 12.90 -4.82
N SER B 2 12.92 13.77 -3.82
CA SER B 2 13.71 13.72 -2.59
C SER B 2 15.13 14.23 -2.85
N ASN B 3 16.04 13.94 -1.92
CA ASN B 3 17.48 14.31 -1.99
C ASN B 3 17.97 14.66 -0.60
N ILE B 4 19.31 14.71 -0.47
CA ILE B 4 20.07 14.89 0.79
C ILE B 4 20.36 13.52 1.39
N THR B 5 21.35 13.46 2.30
CA THR B 5 21.79 12.23 2.99
C THR B 5 23.04 11.70 2.30
N ASP B 6 23.30 10.40 2.50
CA ASP B 6 24.42 9.69 1.87
C ASP B 6 24.61 8.36 2.60
N PRO B 7 25.22 7.35 1.92
CA PRO B 7 25.09 5.98 2.33
C PRO B 7 23.67 5.46 2.56
N GLN B 8 23.51 4.12 2.51
CA GLN B 8 22.25 3.41 2.79
C GLN B 8 21.78 2.80 1.47
N MET B 9 20.85 1.83 1.55
CA MET B 9 19.91 1.49 0.44
C MET B 9 19.83 -0.02 0.23
N TRP B 10 18.76 -0.42 -0.44
CA TRP B 10 18.55 -1.77 -0.96
C TRP B 10 17.14 -1.79 -1.54
N ASP B 11 16.83 -2.79 -2.36
CA ASP B 11 15.51 -2.96 -3.00
C ASP B 11 15.60 -2.54 -4.46
N PHE B 12 14.42 -2.34 -5.04
CA PHE B 12 14.19 -1.68 -6.32
C PHE B 12 13.75 -2.67 -7.38
N ASP B 13 13.06 -2.08 -8.36
CA ASP B 13 12.47 -2.70 -9.55
C ASP B 13 10.99 -2.42 -9.45
N ASP B 14 10.26 -2.46 -10.54
CA ASP B 14 8.81 -2.25 -10.45
C ASP B 14 8.11 -3.31 -11.26
N LEU B 15 6.82 -3.52 -10.96
CA LEU B 15 6.03 -4.61 -11.57
C LEU B 15 6.01 -5.76 -10.58
N ASN B 16 5.99 -6.97 -11.11
CA ASN B 16 5.42 -8.19 -10.50
C ASN B 16 4.65 -8.89 -11.59
N PHE B 17 4.38 -10.17 -11.37
CA PHE B 17 3.82 -11.03 -12.41
C PHE B 17 3.83 -12.46 -11.91
N THR B 18 2.98 -13.25 -12.57
CA THR B 18 2.35 -14.45 -12.00
C THR B 18 1.17 -13.86 -11.25
N GLY B 19 0.16 -14.61 -10.88
CA GLY B 19 -0.87 -13.93 -10.16
C GLY B 19 -1.60 -12.96 -11.06
N MET B 20 -2.10 -11.89 -10.48
CA MET B 20 -3.05 -10.98 -11.10
C MET B 20 -3.21 -9.79 -10.17
N PRO B 21 -4.33 -9.06 -10.29
CA PRO B 21 -4.70 -8.05 -9.31
C PRO B 21 -6.22 -7.87 -9.30
N PRO B 22 -6.82 -6.84 -8.62
CA PRO B 22 -8.21 -6.93 -8.43
C PRO B 22 -8.65 -8.26 -7.80
N ALA B 23 -9.95 -8.64 -7.91
CA ALA B 23 -10.53 -9.70 -7.06
C ALA B 23 -11.19 -8.97 -5.93
N ASP B 24 -11.25 -9.54 -4.75
CA ASP B 24 -11.90 -8.82 -3.68
C ASP B 24 -11.59 -9.40 -2.31
N GLU B 25 -11.78 -8.49 -1.38
CA GLU B 25 -11.18 -8.41 -0.07
C GLU B 25 -10.71 -6.95 -0.04
N ASP B 26 -10.03 -6.49 1.03
CA ASP B 26 -9.71 -5.06 1.26
C ASP B 26 -10.72 -4.52 2.24
N TYR B 27 -10.89 -3.21 2.29
CA TYR B 27 -12.14 -2.54 2.71
C TYR B 27 -11.84 -1.31 3.56
N SER B 28 -12.90 -0.68 4.06
CA SER B 28 -12.79 0.57 4.80
C SER B 28 -14.18 1.19 4.94
N PRO B 29 -14.35 2.16 5.88
CA PRO B 29 -15.68 2.76 6.09
C PRO B 29 -15.83 3.81 7.22
N SER A 1 -15.36 12.63 14.86
CA SER A 1 -14.46 11.60 14.29
C SER A 1 -13.51 11.05 15.36
N ALA A 2 -12.78 11.95 16.01
CA ALA A 2 -11.81 11.56 17.02
C ALA A 2 -12.47 11.20 18.35
N LYS A 3 -12.92 9.95 18.45
CA LYS A 3 -13.49 9.44 19.69
C LYS A 3 -13.07 7.99 19.91
N GLU A 4 -13.40 7.16 18.95
CA GLU A 4 -13.05 5.76 18.97
C GLU A 4 -12.59 5.34 17.59
N LEU A 5 -11.31 5.10 17.45
CA LEU A 5 -10.77 4.73 16.16
C LEU A 5 -10.20 3.34 16.15
N ARG A 6 -10.42 2.72 15.04
CA ARG A 6 -9.84 1.46 14.69
C ARG A 6 -8.95 1.73 13.53
N CYS A 7 -8.25 0.73 13.09
CA CYS A 7 -7.36 0.85 11.94
C CYS A 7 -8.09 1.51 10.78
N GLN A 8 -7.39 2.38 10.06
CA GLN A 8 -7.94 3.05 8.90
C GLN A 8 -8.09 2.06 7.76
N CYS A 9 -7.29 1.01 7.84
CA CYS A 9 -7.41 -0.14 6.96
C CYS A 9 -7.23 -1.40 7.77
N ILE A 10 -8.37 -1.96 8.17
CA ILE A 10 -8.40 -3.04 9.15
C ILE A 10 -7.99 -4.36 8.51
N LYS A 11 -8.28 -4.48 7.23
CA LYS A 11 -7.93 -5.65 6.47
C LYS A 11 -7.04 -5.21 5.36
N THR A 12 -6.26 -6.11 4.86
CA THR A 12 -5.49 -5.82 3.70
C THR A 12 -5.84 -6.81 2.62
N TYR A 13 -5.59 -6.44 1.40
CA TYR A 13 -6.04 -7.21 0.27
C TYR A 13 -4.81 -7.65 -0.52
N SER A 14 -4.67 -8.95 -0.67
CA SER A 14 -3.44 -9.57 -1.08
C SER A 14 -3.34 -9.72 -2.61
N LYS A 15 -3.42 -8.62 -3.33
CA LYS A 15 -3.34 -8.65 -4.78
C LYS A 15 -2.19 -7.79 -5.28
N PRO A 16 -1.15 -8.47 -5.77
CA PRO A 16 0.10 -7.84 -6.23
C PRO A 16 -0.02 -7.13 -7.57
N PHE A 17 0.38 -5.86 -7.57
CA PHE A 17 0.38 -5.05 -8.79
C PHE A 17 1.63 -4.13 -8.86
N HIS A 18 1.75 -3.41 -9.98
CA HIS A 18 2.84 -2.42 -10.22
C HIS A 18 2.31 -1.03 -9.93
N PRO A 19 3.20 -0.08 -9.56
CA PRO A 19 2.82 1.30 -9.29
C PRO A 19 2.06 1.95 -10.45
N LYS A 20 2.24 1.43 -11.68
CA LYS A 20 1.54 1.97 -12.84
C LYS A 20 0.05 1.69 -12.75
N PHE A 21 -0.28 0.70 -11.94
CA PHE A 21 -1.65 0.31 -11.76
C PHE A 21 -2.31 1.15 -10.69
N ILE A 22 -1.51 1.55 -9.73
CA ILE A 22 -1.96 2.12 -8.55
C ILE A 22 -1.63 3.59 -8.54
N LYS A 23 -2.67 4.37 -8.59
CA LYS A 23 -2.53 5.76 -8.87
C LYS A 23 -2.67 6.59 -7.64
N GLU A 24 -3.11 5.99 -6.54
CA GLU A 24 -3.04 6.72 -5.27
C GLU A 24 -2.96 5.83 -4.07
N LEU A 25 -1.84 6.01 -3.42
CA LEU A 25 -1.50 5.34 -2.20
C LEU A 25 -1.79 6.23 -1.00
N ARG A 26 -2.21 5.61 0.08
CA ARG A 26 -2.37 6.29 1.34
C ARG A 26 -2.02 5.32 2.42
N VAL A 27 -0.90 5.55 3.02
CA VAL A 27 -0.32 4.62 3.93
C VAL A 27 -0.49 5.08 5.37
N ILE A 28 -1.21 4.28 6.12
CA ILE A 28 -1.44 4.58 7.52
C ILE A 28 -0.51 3.75 8.39
N GLU A 29 0.52 4.41 8.88
CA GLU A 29 1.45 3.77 9.79
C GLU A 29 0.90 3.84 11.21
N SER A 30 1.38 2.95 12.08
CA SER A 30 0.94 2.85 13.48
C SER A 30 0.36 4.13 14.05
N GLY A 31 -0.87 4.04 14.47
CA GLY A 31 -1.63 5.16 14.95
C GLY A 31 -1.93 5.02 16.42
N PRO A 32 -2.64 5.99 17.01
CA PRO A 32 -3.22 5.85 18.33
C PRO A 32 -4.52 5.04 18.24
N HIS A 33 -4.71 4.42 17.08
CA HIS A 33 -5.86 3.59 16.83
C HIS A 33 -5.44 2.17 16.55
N CYS A 34 -4.33 2.03 15.84
CA CYS A 34 -3.83 0.74 15.47
C CYS A 34 -2.33 0.81 15.32
N ALA A 35 -1.63 0.06 16.17
CA ALA A 35 -0.18 0.20 16.35
C ALA A 35 0.57 -0.56 15.27
N ASN A 36 -0.07 -0.72 14.15
CA ASN A 36 0.49 -1.42 13.01
C ASN A 36 0.51 -0.53 11.79
N THR A 37 0.99 -1.06 10.69
CA THR A 37 1.02 -0.34 9.43
C THR A 37 0.07 -0.99 8.43
N GLU A 38 -0.60 -0.17 7.66
CA GLU A 38 -1.64 -0.62 6.76
C GLU A 38 -1.75 0.34 5.58
N ILE A 39 -1.87 -0.19 4.37
CA ILE A 39 -1.82 0.66 3.18
C ILE A 39 -3.14 0.67 2.43
N ILE A 40 -3.72 1.85 2.25
CA ILE A 40 -4.89 1.98 1.39
C ILE A 40 -4.42 2.42 0.00
N VAL A 41 -5.07 1.95 -1.06
CA VAL A 41 -4.61 2.27 -2.41
C VAL A 41 -5.71 2.22 -3.45
N LYS A 42 -5.53 3.05 -4.46
CA LYS A 42 -6.38 3.08 -5.61
C LYS A 42 -5.63 2.60 -6.83
N LEU A 43 -6.21 1.65 -7.50
CA LEU A 43 -5.76 1.27 -8.82
C LEU A 43 -6.65 1.92 -9.82
N SER A 44 -6.03 2.57 -10.79
CA SER A 44 -6.78 3.30 -11.78
C SER A 44 -7.73 2.38 -12.52
N ASP A 45 -7.22 1.30 -12.98
CA ASP A 45 -8.03 0.29 -13.61
C ASP A 45 -8.65 -0.60 -12.54
N GLY A 46 -8.05 -0.52 -11.36
CA GLY A 46 -8.19 -1.59 -10.41
C GLY A 46 -9.00 -1.32 -9.17
N ARG A 47 -9.74 -0.22 -9.12
CA ARG A 47 -10.57 0.10 -7.96
C ARG A 47 -9.69 0.37 -6.73
N GLU A 48 -10.30 0.66 -5.59
CA GLU A 48 -9.53 1.01 -4.41
C GLU A 48 -9.67 -0.04 -3.33
N LEU A 49 -8.53 -0.53 -2.89
CA LEU A 49 -8.42 -1.65 -2.00
C LEU A 49 -7.39 -1.39 -0.88
N CYS A 50 -7.04 -2.44 -0.14
CA CYS A 50 -6.02 -2.35 0.90
C CYS A 50 -4.83 -3.22 0.53
N LEU A 51 -3.65 -2.82 0.97
CA LEU A 51 -2.44 -3.58 0.66
C LEU A 51 -1.73 -4.04 1.90
N ASP A 52 -1.06 -5.18 1.77
CA ASP A 52 -0.35 -5.83 2.86
C ASP A 52 1.09 -5.33 2.93
N PRO A 53 1.42 -4.49 3.91
CA PRO A 53 2.75 -3.87 4.01
C PRO A 53 3.83 -4.89 4.38
N LYS A 54 3.43 -6.14 4.53
CA LYS A 54 4.34 -7.18 4.92
C LYS A 54 4.85 -7.92 3.69
N GLU A 55 4.11 -7.76 2.60
CA GLU A 55 4.38 -8.50 1.39
C GLU A 55 5.30 -7.72 0.46
N ASN A 56 6.37 -8.39 0.08
CA ASN A 56 7.47 -7.86 -0.72
C ASN A 56 7.01 -7.13 -1.98
N TRP A 57 5.99 -7.68 -2.64
CA TRP A 57 5.48 -7.07 -3.87
C TRP A 57 4.94 -5.68 -3.60
N VAL A 58 4.39 -5.51 -2.42
CA VAL A 58 3.84 -4.26 -2.01
C VAL A 58 4.96 -3.31 -1.69
N GLN A 59 6.04 -3.87 -1.15
CA GLN A 59 7.10 -3.08 -0.65
C GLN A 59 7.75 -2.36 -1.81
N ARG A 60 7.64 -2.98 -2.95
CA ARG A 60 8.07 -2.40 -4.17
C ARG A 60 7.02 -1.45 -4.68
N VAL A 61 5.84 -1.92 -5.02
CA VAL A 61 4.84 -1.09 -5.64
C VAL A 61 4.58 0.20 -4.87
N VAL A 62 4.73 0.11 -3.58
CA VAL A 62 4.61 1.29 -2.72
C VAL A 62 5.86 2.15 -2.78
N GLU A 63 7.01 1.53 -2.56
CA GLU A 63 8.29 2.22 -2.63
C GLU A 63 8.52 2.83 -4.00
N LYS A 64 8.10 2.11 -5.02
CA LYS A 64 8.29 2.52 -6.39
C LYS A 64 7.23 3.55 -6.73
N PHE A 65 6.13 3.51 -6.01
CA PHE A 65 5.11 4.53 -6.14
C PHE A 65 5.62 5.85 -5.63
N LEU A 66 6.02 5.86 -4.36
CA LEU A 66 6.40 7.08 -3.67
C LEU A 66 7.60 7.73 -4.32
N MET B 1 9.38 12.68 -5.62
CA MET B 1 10.57 13.48 -5.36
C MET B 1 11.28 13.01 -4.10
N SER B 2 10.58 13.07 -2.97
CA SER B 2 11.08 12.59 -1.68
C SER B 2 12.12 13.57 -1.11
N ASN B 3 12.90 13.10 -0.14
CA ASN B 3 13.82 13.91 0.67
C ASN B 3 13.87 13.30 2.07
N ILE B 4 14.90 13.67 2.84
CA ILE B 4 15.12 13.13 4.18
C ILE B 4 15.95 11.85 4.00
N THR B 5 16.04 10.99 5.02
CA THR B 5 16.76 9.71 4.96
C THR B 5 17.38 9.37 6.30
N ASP B 6 17.84 8.12 6.37
CA ASP B 6 18.30 7.43 7.58
C ASP B 6 18.19 5.94 7.27
N PRO B 7 18.92 5.04 7.99
CA PRO B 7 18.94 3.67 7.59
C PRO B 7 19.30 3.42 6.12
N GLN B 8 18.93 2.26 5.59
CA GLN B 8 19.24 1.86 4.21
C GLN B 8 19.08 0.36 4.06
N MET B 9 19.64 -0.20 2.97
CA MET B 9 19.35 -1.55 2.45
C MET B 9 19.26 -1.45 0.93
N TRP B 10 19.37 -2.59 0.25
CA TRP B 10 19.30 -2.61 -1.21
C TRP B 10 17.88 -2.89 -1.68
N ASP B 11 17.67 -2.83 -3.00
CA ASP B 11 16.33 -2.84 -3.62
C ASP B 11 16.33 -2.07 -4.93
N PHE B 12 15.23 -2.26 -5.65
CA PHE B 12 14.76 -1.47 -6.79
C PHE B 12 14.07 -2.39 -7.79
N ASP B 13 13.17 -1.76 -8.55
CA ASP B 13 12.39 -2.34 -9.66
C ASP B 13 10.93 -2.18 -9.27
N ASP B 14 10.00 -2.19 -10.19
CA ASP B 14 8.60 -2.09 -9.78
C ASP B 14 7.77 -3.16 -10.45
N LEU B 15 6.61 -3.47 -9.86
CA LEU B 15 5.77 -4.58 -10.31
C LEU B 15 6.17 -5.79 -9.44
N ASN B 16 6.13 -7.00 -10.00
CA ASN B 16 6.04 -8.29 -9.30
C ASN B 16 5.01 -9.13 -10.03
N PHE B 17 4.76 -10.35 -9.56
CA PHE B 17 4.04 -11.32 -10.36
C PHE B 17 4.02 -12.67 -9.65
N THR B 18 3.13 -13.52 -10.13
CA THR B 18 2.49 -14.57 -9.33
C THR B 18 1.31 -13.84 -8.71
N GLY B 19 0.27 -14.50 -8.24
CA GLY B 19 -0.83 -13.68 -7.78
C GLY B 19 -1.47 -12.98 -8.97
N MET B 20 -2.06 -11.82 -8.72
CA MET B 20 -2.90 -11.13 -9.69
C MET B 20 -3.24 -9.75 -9.16
N PRO B 21 -4.27 -9.11 -9.73
CA PRO B 21 -4.78 -7.87 -9.17
C PRO B 21 -6.26 -7.63 -9.51
N PRO B 22 -6.87 -6.56 -8.95
CA PRO B 22 -8.28 -6.56 -8.81
C PRO B 22 -8.84 -7.82 -8.18
N ALA B 23 -10.16 -8.08 -8.31
CA ALA B 23 -10.84 -9.11 -7.50
C ALA B 23 -11.39 -8.35 -6.32
N ASP B 24 -11.52 -8.97 -5.16
CA ASP B 24 -12.10 -8.24 -4.07
C ASP B 24 -11.92 -8.92 -2.72
N GLU B 25 -12.01 -8.04 -1.75
CA GLU B 25 -11.51 -8.15 -0.37
C GLU B 25 -10.81 -6.82 -0.13
N ASP B 26 -10.43 -6.55 1.11
CA ASP B 26 -10.05 -5.20 1.62
C ASP B 26 -11.22 -4.67 2.42
N TYR B 27 -10.99 -3.68 3.28
CA TYR B 27 -11.98 -3.23 4.27
C TYR B 27 -11.40 -2.05 5.05
N SER B 28 -12.28 -1.34 5.75
CA SER B 28 -11.92 -0.09 6.44
C SER B 28 -13.18 0.67 6.83
N PRO B 29 -13.04 1.84 7.52
CA PRO B 29 -14.22 2.59 7.94
C PRO B 29 -13.98 3.90 8.75
N SER A 1 -14.46 11.54 14.63
CA SER A 1 -13.18 11.17 14.01
C SER A 1 -12.10 10.94 15.07
N ALA A 2 -11.73 11.99 15.79
CA ALA A 2 -10.67 11.90 16.78
C ALA A 2 -11.23 11.48 18.14
N LYS A 3 -11.88 10.34 18.18
CA LYS A 3 -12.45 9.80 19.40
C LYS A 3 -12.31 8.30 19.42
N GLU A 4 -12.76 7.69 18.36
CA GLU A 4 -12.65 6.27 18.16
C GLU A 4 -12.03 6.00 16.81
N LEU A 5 -10.79 5.57 16.81
CA LEU A 5 -10.13 5.18 15.58
C LEU A 5 -9.72 3.72 15.62
N ARG A 6 -10.01 3.10 14.52
CA ARG A 6 -9.61 1.76 14.23
C ARG A 6 -8.79 1.84 12.97
N CYS A 7 -8.23 0.73 12.57
CA CYS A 7 -7.38 0.69 11.39
C CYS A 7 -8.11 1.30 10.20
N GLN A 8 -7.40 2.07 9.38
CA GLN A 8 -7.97 2.63 8.17
C GLN A 8 -8.27 1.52 7.18
N CYS A 9 -7.60 0.40 7.38
CA CYS A 9 -7.87 -0.80 6.66
C CYS A 9 -7.85 -1.98 7.64
N ILE A 10 -9.04 -2.50 7.95
CA ILE A 10 -9.16 -3.55 8.95
C ILE A 10 -8.63 -4.85 8.37
N LYS A 11 -8.66 -4.91 7.06
CA LYS A 11 -8.10 -6.00 6.31
C LYS A 11 -7.03 -5.45 5.43
N THR A 12 -6.22 -6.34 4.91
CA THR A 12 -5.38 -6.03 3.81
C THR A 12 -5.76 -6.99 2.70
N TYR A 13 -5.53 -6.59 1.48
CA TYR A 13 -5.98 -7.33 0.35
C TYR A 13 -4.79 -7.69 -0.52
N SER A 14 -4.57 -8.98 -0.63
CA SER A 14 -3.32 -9.55 -1.06
C SER A 14 -3.23 -9.70 -2.59
N LYS A 15 -3.36 -8.61 -3.30
CA LYS A 15 -3.32 -8.65 -4.76
C LYS A 15 -2.20 -7.80 -5.28
N PRO A 16 -1.16 -8.46 -5.81
CA PRO A 16 0.02 -7.79 -6.31
C PRO A 16 -0.21 -7.13 -7.65
N PHE A 17 0.04 -5.84 -7.70
CA PHE A 17 -0.04 -5.09 -8.93
C PHE A 17 1.25 -4.28 -9.16
N HIS A 18 1.30 -3.52 -10.25
CA HIS A 18 2.47 -2.67 -10.57
C HIS A 18 2.18 -1.25 -10.13
N PRO A 19 3.19 -0.42 -9.84
CA PRO A 19 2.98 0.98 -9.48
C PRO A 19 2.17 1.73 -10.52
N LYS A 20 2.24 1.31 -11.79
CA LYS A 20 1.45 1.93 -12.84
C LYS A 20 -0.01 1.57 -12.67
N PHE A 21 -0.26 0.56 -11.85
CA PHE A 21 -1.60 0.09 -11.59
C PHE A 21 -2.21 0.88 -10.47
N ILE A 22 -1.38 1.31 -9.54
CA ILE A 22 -1.81 1.89 -8.36
C ILE A 22 -1.54 3.37 -8.44
N LYS A 23 -2.60 4.12 -8.46
CA LYS A 23 -2.52 5.50 -8.76
C LYS A 23 -2.65 6.33 -7.51
N GLU A 24 -3.09 5.69 -6.45
CA GLU A 24 -3.14 6.37 -5.17
C GLU A 24 -2.61 5.45 -4.09
N LEU A 25 -1.71 5.99 -3.38
CA LEU A 25 -1.16 5.43 -2.20
C LEU A 25 -1.57 6.25 -0.98
N ARG A 26 -1.88 5.58 0.10
CA ARG A 26 -2.13 6.22 1.35
C ARG A 26 -1.66 5.33 2.48
N VAL A 27 -0.61 5.75 3.11
CA VAL A 27 0.10 4.92 4.04
C VAL A 27 -0.14 5.36 5.47
N ILE A 28 -0.91 4.56 6.19
CA ILE A 28 -1.25 4.89 7.56
C ILE A 28 -0.41 4.07 8.53
N GLU A 29 0.29 4.78 9.41
CA GLU A 29 1.14 4.14 10.41
C GLU A 29 0.35 3.91 11.69
N SER A 30 0.75 2.87 12.43
CA SER A 30 0.20 2.60 13.76
C SER A 30 -0.14 3.87 14.55
N GLY A 31 -1.37 3.94 15.01
CA GLY A 31 -1.86 5.09 15.73
C GLY A 31 -2.26 4.72 17.13
N PRO A 32 -3.06 5.57 17.78
CA PRO A 32 -3.71 5.22 19.03
C PRO A 32 -4.95 4.40 18.71
N HIS A 33 -4.98 3.95 17.47
CA HIS A 33 -6.13 3.36 16.87
C HIS A 33 -5.87 1.90 16.53
N CYS A 34 -4.66 1.67 16.09
CA CYS A 34 -4.21 0.39 15.64
C CYS A 34 -2.70 0.33 15.79
N ALA A 35 -2.20 -0.74 16.39
CA ALA A 35 -0.78 -0.86 16.68
C ALA A 35 -0.03 -1.42 15.48
N ASN A 36 -0.63 -1.26 14.32
CA ASN A 36 -0.07 -1.78 13.08
C ASN A 36 0.05 -0.70 12.02
N THR A 37 0.68 -1.04 10.93
CA THR A 37 0.79 -0.17 9.78
C THR A 37 -0.02 -0.77 8.64
N GLU A 38 -0.64 0.10 7.87
CA GLU A 38 -1.59 -0.34 6.86
C GLU A 38 -1.48 0.53 5.62
N ILE A 39 -1.61 -0.09 4.46
CA ILE A 39 -1.54 0.67 3.23
C ILE A 39 -2.89 0.69 2.54
N ILE A 40 -3.43 1.88 2.35
CA ILE A 40 -4.61 2.04 1.53
C ILE A 40 -4.15 2.44 0.13
N VAL A 41 -4.81 1.96 -0.91
CA VAL A 41 -4.35 2.24 -2.27
C VAL A 41 -5.47 2.16 -3.28
N LYS A 42 -5.36 3.03 -4.27
CA LYS A 42 -6.29 3.05 -5.37
C LYS A 42 -5.60 2.68 -6.66
N LEU A 43 -6.11 1.66 -7.31
CA LEU A 43 -5.73 1.33 -8.65
C LEU A 43 -6.44 2.24 -9.60
N SER A 44 -5.70 2.68 -10.59
CA SER A 44 -6.21 3.66 -11.52
C SER A 44 -7.40 3.11 -12.25
N ASP A 45 -7.21 1.92 -12.75
CA ASP A 45 -8.30 1.21 -13.37
C ASP A 45 -9.12 0.49 -12.30
N GLY A 46 -8.47 0.27 -11.17
CA GLY A 46 -8.89 -0.80 -10.30
C GLY A 46 -9.50 -0.45 -8.97
N ARG A 47 -9.90 0.79 -8.74
CA ARG A 47 -10.56 1.17 -7.48
C ARG A 47 -9.59 0.99 -6.31
N GLU A 48 -10.01 1.27 -5.11
CA GLU A 48 -9.09 1.25 -4.00
C GLU A 48 -9.35 0.11 -3.05
N LEU A 49 -8.26 -0.51 -2.67
CA LEU A 49 -8.24 -1.71 -1.89
C LEU A 49 -7.44 -1.44 -0.62
N CYS A 50 -7.12 -2.49 0.11
CA CYS A 50 -6.19 -2.41 1.21
C CYS A 50 -4.98 -3.27 0.86
N LEU A 51 -3.78 -2.83 1.23
CA LEU A 51 -2.59 -3.59 0.89
C LEU A 51 -1.84 -4.01 2.14
N ASP A 52 -1.12 -5.11 1.98
CA ASP A 52 -0.36 -5.70 3.07
C ASP A 52 1.06 -5.13 3.10
N PRO A 53 1.32 -4.15 3.99
CA PRO A 53 2.56 -3.38 3.98
C PRO A 53 3.79 -4.24 4.25
N LYS A 54 3.57 -5.46 4.69
CA LYS A 54 4.65 -6.32 5.09
C LYS A 54 5.04 -7.23 3.94
N GLU A 55 4.24 -7.21 2.89
CA GLU A 55 4.49 -8.07 1.74
C GLU A 55 5.43 -7.38 0.76
N ASN A 56 6.29 -8.20 0.17
CA ASN A 56 7.45 -7.74 -0.58
C ASN A 56 7.05 -7.08 -1.90
N TRP A 57 6.03 -7.62 -2.54
CA TRP A 57 5.53 -7.06 -3.78
C TRP A 57 5.01 -5.66 -3.53
N VAL A 58 4.52 -5.42 -2.33
CA VAL A 58 4.00 -4.13 -1.97
C VAL A 58 5.14 -3.17 -1.78
N GLN A 59 6.20 -3.67 -1.19
CA GLN A 59 7.27 -2.84 -0.77
C GLN A 59 7.91 -2.18 -1.96
N ARG A 60 7.88 -2.91 -3.04
CA ARG A 60 8.44 -2.47 -4.26
C ARG A 60 7.48 -1.58 -5.02
N VAL A 61 6.31 -2.07 -5.30
CA VAL A 61 5.39 -1.36 -6.14
C VAL A 61 4.87 -0.10 -5.48
N VAL A 62 5.04 -0.03 -4.17
CA VAL A 62 4.65 1.15 -3.43
C VAL A 62 5.81 2.15 -3.39
N GLU A 63 6.99 1.62 -3.18
CA GLU A 63 8.20 2.42 -3.21
C GLU A 63 8.40 3.01 -4.60
N LYS A 64 8.21 2.15 -5.57
CA LYS A 64 8.42 2.46 -6.95
C LYS A 64 7.25 3.29 -7.48
N PHE A 65 6.11 3.18 -6.80
CA PHE A 65 5.03 4.13 -7.04
C PHE A 65 5.47 5.53 -6.68
N LEU A 66 5.96 5.66 -5.46
CA LEU A 66 6.31 6.97 -4.89
C LEU A 66 7.34 7.70 -5.71
N MET B 1 10.34 12.25 -9.20
CA MET B 1 11.77 12.15 -9.52
C MET B 1 12.59 11.93 -8.26
N SER B 2 12.48 12.87 -7.32
CA SER B 2 13.14 12.79 -6.02
C SER B 2 14.64 13.10 -6.15
N ASN B 3 15.38 12.76 -5.09
CA ASN B 3 16.80 13.08 -4.90
C ASN B 3 17.02 13.31 -3.42
N ILE B 4 18.29 13.25 -2.98
CA ILE B 4 18.66 13.31 -1.56
C ILE B 4 18.63 11.88 -1.02
N THR B 5 18.82 11.69 0.31
CA THR B 5 18.78 10.38 1.01
C THR B 5 19.74 10.36 2.19
N ASP B 6 19.92 9.17 2.76
CA ASP B 6 20.59 8.93 4.04
C ASP B 6 20.12 7.55 4.47
N PRO B 7 20.73 6.88 5.50
CA PRO B 7 20.42 5.49 5.68
C PRO B 7 20.63 4.61 4.46
N GLN B 8 19.97 3.46 4.39
CA GLN B 8 20.18 2.49 3.31
C GLN B 8 19.57 1.13 3.67
N MET B 9 19.83 0.17 2.78
CA MET B 9 19.13 -1.12 2.70
C MET B 9 18.89 -1.41 1.22
N TRP B 10 18.58 -2.66 0.88
CA TRP B 10 18.47 -3.04 -0.51
C TRP B 10 17.01 -3.10 -0.95
N ASP B 11 16.82 -3.06 -2.27
CA ASP B 11 15.51 -3.11 -2.95
C ASP B 11 15.60 -2.26 -4.21
N PHE B 12 14.63 -2.48 -5.10
CA PHE B 12 14.42 -1.74 -6.33
C PHE B 12 13.83 -2.68 -7.38
N ASP B 13 13.11 -2.08 -8.32
CA ASP B 13 12.46 -2.73 -9.47
C ASP B 13 10.97 -2.47 -9.31
N ASP B 14 10.17 -2.54 -10.34
CA ASP B 14 8.73 -2.41 -10.14
C ASP B 14 8.00 -3.52 -10.85
N LEU B 15 6.77 -3.81 -10.40
CA LEU B 15 6.00 -4.95 -10.87
C LEU B 15 6.26 -6.11 -9.90
N ASN B 16 6.24 -7.34 -10.40
CA ASN B 16 6.06 -8.57 -9.61
C ASN B 16 5.11 -9.47 -10.37
N PHE B 17 4.75 -10.60 -9.80
CA PHE B 17 4.09 -11.68 -10.54
C PHE B 17 3.92 -12.89 -9.66
N THR B 18 3.02 -13.76 -10.13
CA THR B 18 2.25 -14.70 -9.32
C THR B 18 1.09 -13.88 -8.80
N GLY B 19 0.00 -14.46 -8.37
CA GLY B 19 -1.08 -13.60 -7.98
C GLY B 19 -1.58 -12.82 -9.17
N MET B 20 -2.19 -11.67 -8.90
CA MET B 20 -2.72 -10.81 -9.94
C MET B 20 -3.32 -9.58 -9.29
N PRO B 21 -4.21 -8.88 -9.99
CA PRO B 21 -4.96 -7.82 -9.34
C PRO B 21 -6.33 -7.56 -9.98
N PRO B 22 -7.17 -6.86 -9.22
CA PRO B 22 -8.59 -6.98 -9.32
C PRO B 22 -9.13 -8.43 -9.35
N ALA B 23 -10.36 -8.59 -8.89
CA ALA B 23 -10.79 -9.79 -8.17
C ALA B 23 -10.44 -9.40 -6.75
N ASP B 24 -10.89 -9.98 -5.67
CA ASP B 24 -11.00 -9.06 -4.57
C ASP B 24 -11.21 -9.60 -3.16
N GLU B 25 -11.25 -8.60 -2.28
CA GLU B 25 -10.95 -8.69 -0.87
C GLU B 25 -10.81 -7.23 -0.37
N ASP B 26 -10.51 -7.04 0.91
CA ASP B 26 -10.29 -5.71 1.54
C ASP B 26 -11.55 -5.30 2.27
N TYR B 27 -11.42 -4.37 3.21
CA TYR B 27 -12.57 -3.79 3.88
C TYR B 27 -12.13 -2.90 5.03
N SER B 28 -13.11 -2.24 5.66
CA SER B 28 -12.86 -1.19 6.65
C SER B 28 -14.15 -0.42 6.92
N PRO B 29 -14.10 0.66 7.73
CA PRO B 29 -15.32 1.41 8.06
C PRO B 29 -15.19 2.62 9.01
N SER A 1 -10.52 15.09 12.75
CA SER A 1 -11.65 14.51 13.50
C SER A 1 -11.17 13.34 14.37
N ALA A 2 -10.06 13.56 15.08
CA ALA A 2 -9.44 12.50 15.86
C ALA A 2 -10.11 12.34 17.22
N LYS A 3 -11.29 11.75 17.21
CA LYS A 3 -11.99 11.40 18.45
C LYS A 3 -12.10 9.89 18.55
N GLU A 4 -12.62 9.29 17.49
CA GLU A 4 -12.66 7.86 17.37
C GLU A 4 -12.19 7.48 15.98
N LEU A 5 -10.99 6.94 15.91
CA LEU A 5 -10.44 6.50 14.64
C LEU A 5 -10.22 5.01 14.65
N ARG A 6 -10.39 4.45 13.48
CA ARG A 6 -10.07 3.08 13.23
C ARG A 6 -8.97 3.10 12.21
N CYS A 7 -8.43 1.97 11.91
CA CYS A 7 -7.42 1.89 10.89
C CYS A 7 -8.06 2.24 9.55
N GLN A 8 -7.36 3.00 8.70
CA GLN A 8 -7.91 3.36 7.38
C GLN A 8 -8.11 2.12 6.53
N CYS A 9 -7.43 1.06 6.92
CA CYS A 9 -7.68 -0.26 6.43
C CYS A 9 -7.64 -1.23 7.60
N ILE A 10 -8.78 -1.86 7.88
CA ILE A 10 -8.89 -2.77 9.01
C ILE A 10 -8.20 -4.07 8.66
N LYS A 11 -8.28 -4.42 7.39
CA LYS A 11 -7.57 -5.53 6.84
C LYS A 11 -6.60 -5.04 5.81
N THR A 12 -5.79 -5.94 5.31
CA THR A 12 -5.03 -5.69 4.12
C THR A 12 -5.44 -6.72 3.10
N TYR A 13 -5.28 -6.40 1.86
CA TYR A 13 -5.76 -7.26 0.80
C TYR A 13 -4.58 -7.68 -0.05
N SER A 14 -4.51 -8.95 -0.35
CA SER A 14 -3.32 -9.54 -0.88
C SER A 14 -3.36 -9.72 -2.40
N LYS A 15 -3.60 -8.64 -3.14
CA LYS A 15 -3.67 -8.74 -4.58
C LYS A 15 -2.70 -7.79 -5.26
N PRO A 16 -1.79 -8.35 -6.06
CA PRO A 16 -0.62 -7.66 -6.58
C PRO A 16 -0.94 -6.68 -7.70
N PHE A 17 -0.11 -5.67 -7.82
CA PHE A 17 -0.18 -4.77 -8.96
C PHE A 17 1.18 -4.09 -9.23
N HIS A 18 1.21 -3.26 -10.27
CA HIS A 18 2.38 -2.48 -10.67
C HIS A 18 2.12 -1.01 -10.36
N PRO A 19 3.16 -0.19 -10.08
CA PRO A 19 3.00 1.23 -9.79
C PRO A 19 2.20 1.98 -10.85
N LYS A 20 2.24 1.52 -12.11
CA LYS A 20 1.49 2.21 -13.17
C LYS A 20 0.00 1.99 -12.97
N PHE A 21 -0.30 0.98 -12.17
CA PHE A 21 -1.66 0.60 -11.89
C PHE A 21 -2.20 1.39 -10.72
N ILE A 22 -1.31 1.72 -9.81
CA ILE A 22 -1.67 2.29 -8.59
C ILE A 22 -1.43 3.76 -8.65
N LYS A 23 -2.51 4.47 -8.59
CA LYS A 23 -2.51 5.88 -8.86
C LYS A 23 -2.61 6.64 -7.58
N GLU A 24 -2.94 5.95 -6.50
CA GLU A 24 -2.96 6.59 -5.19
C GLU A 24 -2.56 5.60 -4.14
N LEU A 25 -1.74 6.06 -3.28
CA LEU A 25 -1.23 5.34 -2.15
C LEU A 25 -1.48 6.18 -0.91
N ARG A 26 -1.85 5.56 0.20
CA ARG A 26 -2.06 6.27 1.44
C ARG A 26 -1.86 5.32 2.60
N VAL A 27 -0.80 5.52 3.30
CA VAL A 27 -0.41 4.61 4.34
C VAL A 27 -0.69 5.19 5.71
N ILE A 28 -1.48 4.45 6.50
CA ILE A 28 -1.82 4.88 7.83
C ILE A 28 -0.97 4.14 8.87
N GLU A 29 -0.37 4.90 9.77
CA GLU A 29 0.47 4.33 10.81
C GLU A 29 -0.37 4.08 12.05
N SER A 30 0.00 3.05 12.81
CA SER A 30 -0.67 2.73 14.07
C SER A 30 -1.03 3.98 14.87
N GLY A 31 -2.30 4.08 15.21
CA GLY A 31 -2.80 5.19 15.99
C GLY A 31 -3.08 4.77 17.41
N PRO A 32 -3.68 5.66 18.22
CA PRO A 32 -4.47 5.24 19.37
C PRO A 32 -5.81 4.76 18.81
N HIS A 33 -5.79 4.61 17.49
CA HIS A 33 -6.87 4.07 16.71
C HIS A 33 -6.55 2.65 16.32
N CYS A 34 -5.27 2.42 16.05
CA CYS A 34 -4.82 1.22 15.38
C CYS A 34 -3.49 0.76 15.95
N ALA A 35 -3.30 -0.55 16.09
CA ALA A 35 -2.04 -1.05 16.59
C ALA A 35 -1.18 -1.59 15.45
N ASN A 36 -1.53 -1.17 14.24
CA ASN A 36 -0.80 -1.60 13.05
C ASN A 36 -0.55 -0.44 12.12
N THR A 37 0.27 -0.72 11.14
CA THR A 37 0.47 0.15 10.02
C THR A 37 -0.08 -0.54 8.79
N GLU A 38 -0.99 0.12 8.14
CA GLU A 38 -1.77 -0.48 7.08
C GLU A 38 -1.71 0.40 5.85
N ILE A 39 -1.53 -0.18 4.69
CA ILE A 39 -1.35 0.61 3.50
C ILE A 39 -2.62 0.63 2.65
N ILE A 40 -3.16 1.82 2.42
CA ILE A 40 -4.33 1.98 1.56
C ILE A 40 -3.84 2.36 0.17
N VAL A 41 -4.53 1.92 -0.87
CA VAL A 41 -4.10 2.20 -2.23
C VAL A 41 -5.26 2.17 -3.18
N LYS A 42 -5.02 2.75 -4.32
CA LYS A 42 -5.97 2.74 -5.37
C LYS A 42 -5.30 2.48 -6.68
N LEU A 43 -5.83 1.52 -7.37
CA LEU A 43 -5.49 1.26 -8.73
C LEU A 43 -6.53 1.93 -9.58
N SER A 44 -6.05 2.67 -10.55
CA SER A 44 -6.92 3.48 -11.37
C SER A 44 -7.92 2.60 -12.09
N ASP A 45 -7.43 1.53 -12.63
CA ASP A 45 -8.30 0.52 -13.20
C ASP A 45 -8.79 -0.43 -12.10
N GLY A 46 -8.00 -0.46 -11.04
CA GLY A 46 -8.00 -1.58 -10.13
C GLY A 46 -8.52 -1.34 -8.73
N ARG A 47 -9.45 -0.41 -8.58
CA ARG A 47 -10.17 -0.23 -7.31
C ARG A 47 -9.33 0.49 -6.27
N GLU A 48 -9.87 0.68 -5.09
CA GLU A 48 -9.07 1.15 -3.98
C GLU A 48 -9.13 0.14 -2.85
N LEU A 49 -8.01 -0.48 -2.55
CA LEU A 49 -7.98 -1.62 -1.70
C LEU A 49 -6.89 -1.47 -0.63
N CYS A 50 -6.64 -2.52 0.14
CA CYS A 50 -5.71 -2.46 1.24
C CYS A 50 -4.49 -3.31 0.93
N LEU A 51 -3.34 -2.89 1.42
CA LEU A 51 -2.10 -3.57 1.08
C LEU A 51 -1.39 -4.08 2.30
N ASP A 52 -0.76 -5.24 2.10
CA ASP A 52 0.03 -5.88 3.13
C ASP A 52 1.47 -5.39 3.06
N PRO A 53 1.90 -4.54 4.01
CA PRO A 53 3.24 -3.97 4.01
C PRO A 53 4.32 -5.04 4.18
N LYS A 54 3.87 -6.26 4.42
CA LYS A 54 4.74 -7.35 4.73
C LYS A 54 5.06 -8.14 3.47
N GLU A 55 4.42 -7.78 2.36
CA GLU A 55 4.63 -8.49 1.12
C GLU A 55 5.55 -7.71 0.17
N ASN A 56 6.42 -8.46 -0.46
CA ASN A 56 7.55 -7.93 -1.21
C ASN A 56 7.11 -7.27 -2.51
N TRP A 57 6.10 -7.85 -3.16
CA TRP A 57 5.57 -7.28 -4.40
C TRP A 57 5.01 -5.91 -4.12
N VAL A 58 4.52 -5.72 -2.90
CA VAL A 58 3.95 -4.45 -2.51
C VAL A 58 5.05 -3.46 -2.26
N GLN A 59 6.14 -3.97 -1.71
CA GLN A 59 7.21 -3.15 -1.27
C GLN A 59 7.80 -2.42 -2.42
N ARG A 60 7.82 -3.10 -3.53
CA ARG A 60 8.42 -2.58 -4.71
C ARG A 60 7.49 -1.66 -5.44
N VAL A 61 6.30 -2.11 -5.71
CA VAL A 61 5.39 -1.37 -6.53
C VAL A 61 4.92 -0.10 -5.84
N VAL A 62 4.92 -0.12 -4.53
CA VAL A 62 4.59 1.08 -3.77
C VAL A 62 5.81 1.98 -3.62
N GLU A 63 6.96 1.36 -3.42
CA GLU A 63 8.21 2.10 -3.28
C GLU A 63 8.58 2.77 -4.59
N LYS A 64 8.33 2.07 -5.68
CA LYS A 64 8.61 2.58 -7.01
C LYS A 64 7.51 3.55 -7.42
N PHE A 65 6.35 3.41 -6.81
CA PHE A 65 5.29 4.41 -6.97
C PHE A 65 5.69 5.72 -6.32
N LEU A 66 6.05 5.65 -5.05
CA LEU A 66 6.39 6.83 -4.27
C LEU A 66 7.53 7.61 -4.91
N MET B 1 9.09 12.12 -5.97
CA MET B 1 10.29 12.26 -5.15
C MET B 1 10.05 11.78 -3.73
N SER B 2 9.11 12.42 -3.02
CA SER B 2 8.82 12.07 -1.63
C SER B 2 9.94 12.61 -0.73
N ASN B 3 10.05 12.04 0.48
CA ASN B 3 11.01 12.45 1.52
C ASN B 3 10.43 12.15 2.90
N ILE B 4 11.34 12.11 3.89
CA ILE B 4 11.07 11.62 5.24
C ILE B 4 11.29 10.10 5.21
N THR B 5 11.58 9.48 6.35
CA THR B 5 11.90 8.04 6.44
C THR B 5 13.05 7.79 7.44
N ASP B 6 13.69 6.64 7.28
CA ASP B 6 14.76 6.14 8.13
C ASP B 6 14.94 4.66 7.78
N PRO B 7 16.13 4.07 8.03
CA PRO B 7 16.50 2.83 7.39
C PRO B 7 16.37 2.80 5.86
N GLN B 8 17.02 1.81 5.23
CA GLN B 8 17.03 1.66 3.76
C GLN B 8 18.27 0.87 3.32
N MET B 9 18.22 0.42 2.06
CA MET B 9 19.29 -0.30 1.34
C MET B 9 18.63 -1.43 0.56
N TRP B 10 19.32 -1.92 -0.48
CA TRP B 10 18.79 -2.97 -1.36
C TRP B 10 17.49 -2.51 -2.04
N ASP B 11 17.11 -3.23 -3.11
CA ASP B 11 15.78 -3.14 -3.75
C ASP B 11 15.85 -2.42 -5.08
N PHE B 12 14.79 -2.61 -5.84
CA PHE B 12 14.40 -1.79 -7.00
C PHE B 12 13.72 -2.68 -8.01
N ASP B 13 12.85 -2.02 -8.78
CA ASP B 13 12.16 -2.52 -9.98
C ASP B 13 10.69 -2.39 -9.69
N ASP B 14 9.85 -2.35 -10.70
CA ASP B 14 8.43 -2.29 -10.45
C ASP B 14 7.73 -3.36 -11.25
N LEU B 15 6.50 -3.70 -10.81
CA LEU B 15 5.74 -4.81 -11.40
C LEU B 15 6.03 -6.03 -10.54
N ASN B 16 6.02 -7.22 -11.16
CA ASN B 16 5.89 -8.52 -10.50
C ASN B 16 4.94 -9.36 -11.33
N PHE B 17 4.60 -10.54 -10.84
CA PHE B 17 3.99 -11.56 -11.68
C PHE B 17 3.89 -12.85 -10.88
N THR B 18 3.02 -13.74 -11.37
CA THR B 18 2.36 -14.73 -10.54
C THR B 18 1.17 -13.97 -9.98
N GLY B 19 0.14 -14.58 -9.46
CA GLY B 19 -0.87 -13.72 -8.89
C GLY B 19 -1.69 -13.05 -9.98
N MET B 20 -2.16 -11.86 -9.67
CA MET B 20 -3.22 -11.17 -10.40
C MET B 20 -3.35 -9.78 -9.82
N PRO B 21 -4.52 -9.16 -9.98
CA PRO B 21 -4.87 -8.00 -9.17
C PRO B 21 -6.40 -7.82 -9.05
N PRO B 22 -6.90 -6.77 -8.36
CA PRO B 22 -8.30 -6.71 -8.16
C PRO B 22 -8.88 -7.99 -7.57
N ALA B 23 -10.19 -8.22 -7.71
CA ALA B 23 -10.89 -9.27 -6.95
C ALA B 23 -11.46 -8.55 -5.78
N ASP B 24 -11.58 -9.18 -4.63
CA ASP B 24 -12.13 -8.45 -3.52
C ASP B 24 -11.87 -9.12 -2.20
N GLU B 25 -11.96 -8.26 -1.22
CA GLU B 25 -11.40 -8.33 0.11
C GLU B 25 -10.73 -6.97 0.28
N ASP B 26 -10.42 -6.57 1.51
CA ASP B 26 -10.02 -5.20 1.88
C ASP B 26 -11.26 -4.51 2.43
N TYR B 27 -11.09 -3.47 3.25
CA TYR B 27 -12.24 -2.75 3.81
C TYR B 27 -11.86 -1.82 4.94
N SER B 28 -12.86 -1.06 5.38
CA SER B 28 -12.76 -0.09 6.47
C SER B 28 -13.98 0.84 6.38
N PRO B 29 -14.30 1.59 7.46
CA PRO B 29 -15.46 2.48 7.41
C PRO B 29 -15.83 3.28 8.68
N SER A 1 -13.77 8.94 10.38
CA SER A 1 -14.77 9.20 11.44
C SER A 1 -14.14 9.94 12.61
N ALA A 2 -14.43 11.24 12.70
CA ALA A 2 -13.84 12.08 13.74
C ALA A 2 -14.63 11.98 15.04
N LYS A 3 -14.78 10.76 15.51
CA LYS A 3 -15.41 10.48 16.79
C LYS A 3 -14.73 9.27 17.40
N GLU A 4 -14.70 8.24 16.60
CA GLU A 4 -13.98 7.02 16.89
C GLU A 4 -13.19 6.66 15.66
N LEU A 5 -11.89 6.59 15.79
CA LEU A 5 -11.05 6.29 14.66
C LEU A 5 -10.39 4.96 14.81
N ARG A 6 -10.61 4.18 13.77
CA ARG A 6 -10.12 2.85 13.62
C ARG A 6 -9.16 2.88 12.45
N CYS A 7 -8.51 1.78 12.20
CA CYS A 7 -7.60 1.71 11.07
C CYS A 7 -8.41 1.92 9.77
N GLN A 8 -7.84 2.66 8.82
CA GLN A 8 -8.55 2.89 7.55
C GLN A 8 -8.52 1.65 6.70
N CYS A 9 -7.61 0.74 7.02
CA CYS A 9 -7.61 -0.58 6.44
C CYS A 9 -7.45 -1.60 7.55
N ILE A 10 -8.57 -2.12 8.00
CA ILE A 10 -8.57 -3.12 9.05
C ILE A 10 -8.16 -4.45 8.44
N LYS A 11 -8.52 -4.60 7.19
CA LYS A 11 -8.12 -5.71 6.38
C LYS A 11 -7.02 -5.28 5.45
N THR A 12 -6.34 -6.23 4.87
CA THR A 12 -5.49 -5.97 3.75
C THR A 12 -5.97 -6.79 2.58
N TYR A 13 -5.57 -6.38 1.42
CA TYR A 13 -6.02 -6.99 0.20
C TYR A 13 -4.79 -7.47 -0.56
N SER A 14 -4.59 -8.77 -0.53
CA SER A 14 -3.36 -9.38 -0.96
C SER A 14 -3.37 -9.64 -2.47
N LYS A 15 -3.59 -8.60 -3.25
CA LYS A 15 -3.65 -8.74 -4.69
C LYS A 15 -2.67 -7.80 -5.37
N PRO A 16 -1.75 -8.38 -6.16
CA PRO A 16 -0.55 -7.70 -6.64
C PRO A 16 -0.83 -6.73 -7.77
N PHE A 17 0.01 -5.73 -7.87
CA PHE A 17 -0.03 -4.84 -9.02
C PHE A 17 1.34 -4.14 -9.24
N HIS A 18 1.37 -3.28 -10.27
CA HIS A 18 2.55 -2.44 -10.61
C HIS A 18 2.22 -1.01 -10.22
N PRO A 19 3.21 -0.14 -9.94
CA PRO A 19 2.96 1.24 -9.54
C PRO A 19 2.15 2.00 -10.60
N LYS A 20 2.24 1.58 -11.86
CA LYS A 20 1.46 2.23 -12.93
C LYS A 20 -0.02 1.89 -12.76
N PHE A 21 -0.27 0.84 -11.99
CA PHE A 21 -1.62 0.40 -11.73
C PHE A 21 -2.22 1.24 -10.63
N ILE A 22 -1.38 1.62 -9.70
CA ILE A 22 -1.79 2.20 -8.50
C ILE A 22 -1.55 3.68 -8.58
N LYS A 23 -2.63 4.38 -8.57
CA LYS A 23 -2.62 5.77 -8.86
C LYS A 23 -2.74 6.55 -7.57
N GLU A 24 -3.03 5.84 -6.49
CA GLU A 24 -3.01 6.44 -5.18
C GLU A 24 -2.51 5.46 -4.15
N LEU A 25 -1.76 6.02 -3.25
CA LEU A 25 -1.24 5.39 -2.09
C LEU A 25 -1.65 6.25 -0.89
N ARG A 26 -2.00 5.62 0.22
CA ARG A 26 -2.33 6.34 1.42
C ARG A 26 -2.10 5.46 2.62
N VAL A 27 -1.09 5.79 3.36
CA VAL A 27 -0.57 4.90 4.36
C VAL A 27 -0.93 5.34 5.76
N ILE A 28 -1.56 4.42 6.49
CA ILE A 28 -1.93 4.66 7.88
C ILE A 28 -0.97 3.95 8.82
N GLU A 29 -0.07 4.70 9.41
CA GLU A 29 0.86 4.16 10.39
C GLU A 29 0.17 4.03 11.73
N SER A 30 0.59 3.03 12.52
CA SER A 30 0.06 2.83 13.86
C SER A 30 -0.08 4.14 14.64
N GLY A 31 -1.29 4.40 15.10
CA GLY A 31 -1.60 5.61 15.83
C GLY A 31 -2.51 5.30 17.00
N PRO A 32 -3.27 6.28 17.50
CA PRO A 32 -4.23 6.03 18.58
C PRO A 32 -5.50 5.36 18.04
N HIS A 33 -5.44 4.99 16.78
CA HIS A 33 -6.52 4.33 16.10
C HIS A 33 -6.15 2.91 15.72
N CYS A 34 -4.85 2.69 15.60
CA CYS A 34 -4.36 1.46 15.05
C CYS A 34 -3.00 1.13 15.66
N ALA A 35 -2.79 -0.12 16.04
CA ALA A 35 -1.51 -0.52 16.59
C ALA A 35 -0.63 -1.13 15.52
N ASN A 36 -0.98 -0.84 14.28
CA ASN A 36 -0.28 -1.41 13.13
C ASN A 36 -0.17 -0.37 12.03
N THR A 37 0.54 -0.71 10.98
CA THR A 37 0.60 0.12 9.80
C THR A 37 -0.09 -0.58 8.66
N GLU A 38 -1.04 0.13 8.08
CA GLU A 38 -1.89 -0.41 7.05
C GLU A 38 -1.83 0.48 5.84
N ILE A 39 -1.63 -0.11 4.68
CA ILE A 39 -1.45 0.70 3.48
C ILE A 39 -2.72 0.70 2.63
N ILE A 40 -3.27 1.87 2.41
CA ILE A 40 -4.39 2.03 1.48
C ILE A 40 -3.83 2.36 0.11
N VAL A 41 -4.47 1.88 -0.94
CA VAL A 41 -4.03 2.17 -2.31
C VAL A 41 -5.16 2.05 -3.27
N LYS A 42 -5.08 2.82 -4.31
CA LYS A 42 -6.04 2.74 -5.36
C LYS A 42 -5.35 2.44 -6.68
N LEU A 43 -5.85 1.45 -7.36
CA LEU A 43 -5.49 1.19 -8.71
C LEU A 43 -6.49 1.86 -9.56
N SER A 44 -6.01 2.63 -10.51
CA SER A 44 -6.90 3.45 -11.28
C SER A 44 -7.82 2.59 -12.10
N ASP A 45 -7.28 1.53 -12.63
CA ASP A 45 -8.07 0.52 -13.27
C ASP A 45 -8.58 -0.47 -12.23
N GLY A 46 -7.87 -0.52 -11.11
CA GLY A 46 -7.91 -1.66 -10.24
C GLY A 46 -8.48 -1.45 -8.85
N ARG A 47 -9.41 -0.51 -8.71
CA ARG A 47 -10.17 -0.33 -7.46
C ARG A 47 -9.38 0.43 -6.42
N GLU A 48 -9.95 0.61 -5.25
CA GLU A 48 -9.19 1.11 -4.13
C GLU A 48 -9.23 0.08 -3.01
N LEU A 49 -8.08 -0.48 -2.72
CA LEU A 49 -7.96 -1.64 -1.92
C LEU A 49 -6.95 -1.41 -0.78
N CYS A 50 -6.68 -2.46 -0.02
CA CYS A 50 -5.78 -2.38 1.12
C CYS A 50 -4.54 -3.22 0.85
N LEU A 51 -3.41 -2.82 1.39
CA LEU A 51 -2.18 -3.51 1.09
C LEU A 51 -1.48 -4.02 2.33
N ASP A 52 -0.81 -5.15 2.13
CA ASP A 52 0.01 -5.77 3.16
C ASP A 52 1.43 -5.27 3.04
N PRO A 53 1.86 -4.35 3.93
CA PRO A 53 3.18 -3.74 3.85
C PRO A 53 4.31 -4.73 4.16
N LYS A 54 3.92 -5.97 4.41
CA LYS A 54 4.86 -7.01 4.74
C LYS A 54 5.21 -7.79 3.50
N GLU A 55 4.34 -7.72 2.50
CA GLU A 55 4.53 -8.50 1.29
C GLU A 55 5.42 -7.76 0.29
N ASN A 56 6.34 -8.51 -0.31
CA ASN A 56 7.45 -7.93 -1.06
C ASN A 56 7.01 -7.28 -2.37
N TRP A 57 6.02 -7.88 -3.01
CA TRP A 57 5.47 -7.32 -4.25
C TRP A 57 4.92 -5.93 -3.98
N VAL A 58 4.40 -5.74 -2.79
CA VAL A 58 3.83 -4.48 -2.40
C VAL A 58 4.95 -3.51 -2.10
N GLN A 59 6.03 -4.04 -1.55
CA GLN A 59 7.07 -3.23 -1.06
C GLN A 59 7.72 -2.51 -2.21
N ARG A 60 7.67 -3.15 -3.34
CA ARG A 60 8.16 -2.63 -4.55
C ARG A 60 7.17 -1.64 -5.13
N VAL A 61 5.96 -2.08 -5.39
CA VAL A 61 4.98 -1.27 -6.06
C VAL A 61 4.73 0.04 -5.34
N VAL A 62 4.84 0.02 -4.05
CA VAL A 62 4.63 1.23 -3.27
C VAL A 62 5.91 2.05 -3.23
N GLU A 63 7.03 1.36 -3.15
CA GLU A 63 8.33 2.01 -3.18
C GLU A 63 8.59 2.68 -4.51
N LYS A 64 8.20 2.01 -5.58
CA LYS A 64 8.44 2.51 -6.91
C LYS A 64 7.38 3.57 -7.21
N PHE A 65 6.26 3.50 -6.51
CA PHE A 65 5.25 4.53 -6.59
C PHE A 65 5.74 5.80 -5.93
N LEU A 66 6.09 5.69 -4.66
CA LEU A 66 6.43 6.85 -3.86
C LEU A 66 7.65 7.57 -4.39
N MET B 1 11.30 12.73 -6.19
CA MET B 1 12.76 12.75 -6.10
C MET B 1 13.21 13.16 -4.71
N SER B 2 12.81 14.35 -4.28
CA SER B 2 13.16 14.89 -2.97
C SER B 2 14.61 15.40 -2.94
N ASN B 3 15.12 15.58 -1.72
CA ASN B 3 16.43 16.20 -1.42
C ASN B 3 16.28 16.90 -0.09
N ILE B 4 17.42 17.22 0.56
CA ILE B 4 17.45 17.62 1.97
C ILE B 4 17.52 16.30 2.73
N THR B 5 17.54 16.31 4.08
CA THR B 5 17.30 15.10 4.90
C THR B 5 18.61 14.48 5.39
N ASP B 6 18.57 13.18 5.63
CA ASP B 6 19.66 12.42 6.22
C ASP B 6 19.07 11.04 6.58
N PRO B 7 19.91 9.98 6.66
CA PRO B 7 19.44 8.64 6.45
C PRO B 7 18.62 8.40 5.18
N GLN B 8 18.50 7.13 4.76
CA GLN B 8 17.87 6.77 3.49
C GLN B 8 18.43 5.43 3.01
N MET B 9 18.20 5.14 1.72
CA MET B 9 18.60 3.93 1.00
C MET B 9 17.43 3.51 0.10
N TRP B 10 17.70 2.66 -0.86
CA TRP B 10 16.69 2.24 -1.81
C TRP B 10 16.90 0.77 -2.17
N ASP B 11 16.22 0.35 -3.24
CA ASP B 11 16.19 -1.05 -3.70
C ASP B 11 14.85 -1.29 -4.33
N PHE B 12 14.70 -2.44 -4.99
CA PHE B 12 13.41 -2.92 -5.51
C PHE B 12 13.35 -2.71 -7.02
N ASP B 13 12.13 -2.65 -7.50
CA ASP B 13 11.82 -2.56 -8.93
C ASP B 13 10.33 -2.72 -9.04
N ASP B 14 9.75 -2.28 -10.12
CA ASP B 14 8.31 -2.24 -10.18
C ASP B 14 7.78 -3.29 -11.12
N LEU B 15 6.49 -3.61 -10.94
CA LEU B 15 5.83 -4.68 -11.69
C LEU B 15 5.85 -5.90 -10.81
N ASN B 16 5.94 -7.10 -11.40
CA ASN B 16 5.42 -8.35 -10.85
C ASN B 16 4.80 -9.15 -11.98
N PHE B 17 4.49 -10.38 -11.66
CA PHE B 17 4.00 -11.38 -12.60
C PHE B 17 3.99 -12.69 -11.85
N THR B 18 3.13 -13.60 -12.29
CA THR B 18 2.57 -14.60 -11.39
C THR B 18 1.43 -13.86 -10.73
N GLY B 19 0.46 -14.51 -10.10
CA GLY B 19 -0.53 -13.68 -9.45
C GLY B 19 -1.37 -12.95 -10.47
N MET B 20 -1.88 -11.80 -10.06
CA MET B 20 -2.94 -11.08 -10.76
C MET B 20 -3.13 -9.74 -10.06
N PRO B 21 -4.30 -9.13 -10.21
CA PRO B 21 -4.71 -8.02 -9.35
C PRO B 21 -6.25 -7.88 -9.30
N PRO B 22 -6.82 -6.86 -8.62
CA PRO B 22 -8.22 -6.86 -8.45
C PRO B 22 -8.77 -8.17 -7.86
N ALA B 23 -10.08 -8.44 -7.99
CA ALA B 23 -10.76 -9.48 -7.18
C ALA B 23 -11.35 -8.73 -6.02
N ASP B 24 -11.40 -9.32 -4.85
CA ASP B 24 -11.97 -8.61 -3.73
C ASP B 24 -11.58 -9.25 -2.41
N GLU B 25 -11.72 -8.41 -1.42
CA GLU B 25 -10.93 -8.36 -0.21
C GLU B 25 -10.60 -6.87 -0.11
N ASP B 26 -9.93 -6.42 0.96
CA ASP B 26 -9.66 -4.98 1.25
C ASP B 26 -10.68 -4.52 2.25
N TYR B 27 -10.88 -3.20 2.34
CA TYR B 27 -12.11 -2.58 2.86
C TYR B 27 -11.76 -1.32 3.63
N SER B 28 -12.75 -0.77 4.35
CA SER B 28 -12.59 0.47 5.11
C SER B 28 -13.96 1.01 5.52
N PRO B 29 -13.99 1.97 6.49
CA PRO B 29 -15.27 2.50 6.95
C PRO B 29 -15.26 3.55 8.08
N SER A 1 -15.17 9.21 12.44
CA SER A 1 -15.24 9.61 13.85
C SER A 1 -13.83 9.81 14.42
N ALA A 2 -13.59 10.95 15.04
CA ALA A 2 -12.28 11.24 15.60
C ALA A 2 -12.31 11.10 17.12
N LYS A 3 -12.74 9.95 17.59
CA LYS A 3 -12.67 9.62 19.00
C LYS A 3 -12.47 8.13 19.19
N GLU A 4 -13.32 7.36 18.52
CA GLU A 4 -13.19 5.93 18.49
C GLU A 4 -13.26 5.46 17.04
N LEU A 5 -12.11 5.09 16.50
CA LEU A 5 -12.01 4.64 15.15
C LEU A 5 -11.13 3.42 15.04
N ARG A 6 -11.42 2.64 14.02
CA ARG A 6 -10.66 1.46 13.72
C ARG A 6 -9.67 1.83 12.66
N CYS A 7 -8.81 0.90 12.35
CA CYS A 7 -7.77 1.11 11.36
C CYS A 7 -8.42 1.47 10.02
N GLN A 8 -7.81 2.41 9.29
CA GLN A 8 -8.36 2.86 8.01
C GLN A 8 -8.29 1.75 6.97
N CYS A 9 -7.47 0.75 7.26
CA CYS A 9 -7.52 -0.52 6.59
C CYS A 9 -7.37 -1.63 7.62
N ILE A 10 -8.49 -2.19 8.03
CA ILE A 10 -8.48 -3.25 9.04
C ILE A 10 -8.08 -4.58 8.39
N LYS A 11 -8.47 -4.73 7.14
CA LYS A 11 -8.13 -5.87 6.34
C LYS A 11 -7.03 -5.48 5.38
N THR A 12 -6.40 -6.47 4.80
CA THR A 12 -5.54 -6.24 3.67
C THR A 12 -6.02 -7.06 2.49
N TYR A 13 -5.64 -6.63 1.33
CA TYR A 13 -6.03 -7.27 0.11
C TYR A 13 -4.75 -7.63 -0.64
N SER A 14 -4.42 -8.90 -0.60
CA SER A 14 -3.10 -9.40 -0.92
C SER A 14 -2.93 -9.75 -2.39
N LYS A 15 -3.17 -8.80 -3.27
CA LYS A 15 -3.06 -9.08 -4.70
C LYS A 15 -2.06 -8.17 -5.38
N PRO A 16 -1.02 -8.77 -5.98
CA PRO A 16 0.07 -8.03 -6.59
C PRO A 16 -0.35 -7.27 -7.84
N PHE A 17 -0.10 -5.98 -7.82
CA PHE A 17 -0.23 -5.15 -9.00
C PHE A 17 1.09 -4.39 -9.24
N HIS A 18 1.11 -3.54 -10.27
CA HIS A 18 2.30 -2.72 -10.62
C HIS A 18 2.02 -1.26 -10.30
N PRO A 19 3.05 -0.43 -10.01
CA PRO A 19 2.87 1.00 -9.78
C PRO A 19 2.04 1.70 -10.86
N LYS A 20 2.10 1.20 -12.10
CA LYS A 20 1.32 1.81 -13.17
C LYS A 20 -0.16 1.53 -12.97
N PHE A 21 -0.44 0.57 -12.12
CA PHE A 21 -1.80 0.20 -11.79
C PHE A 21 -2.32 1.06 -10.67
N ILE A 22 -1.43 1.43 -9.77
CA ILE A 22 -1.80 2.01 -8.55
C ILE A 22 -1.44 3.49 -8.59
N LYS A 23 -2.47 4.28 -8.50
CA LYS A 23 -2.36 5.68 -8.72
C LYS A 23 -2.45 6.44 -7.43
N GLU A 24 -2.83 5.75 -6.37
CA GLU A 24 -2.79 6.35 -5.05
C GLU A 24 -2.39 5.33 -4.02
N LEU A 25 -1.49 5.75 -3.22
CA LEU A 25 -0.97 5.02 -2.10
C LEU A 25 -1.06 5.89 -0.84
N ARG A 26 -1.51 5.33 0.26
CA ARG A 26 -1.53 6.06 1.52
C ARG A 26 -1.18 5.10 2.65
N VAL A 27 -0.20 5.47 3.45
CA VAL A 27 0.26 4.59 4.51
C VAL A 27 -0.24 5.09 5.86
N ILE A 28 -1.12 4.33 6.47
CA ILE A 28 -1.61 4.67 7.80
C ILE A 28 -0.91 3.82 8.86
N GLU A 29 -0.04 4.47 9.61
CA GLU A 29 0.73 3.81 10.65
C GLU A 29 -0.09 3.74 11.94
N SER A 30 0.21 2.74 12.77
CA SER A 30 -0.40 2.59 14.09
C SER A 30 -0.68 3.93 14.76
N GLY A 31 -1.91 4.12 15.19
CA GLY A 31 -2.33 5.37 15.78
C GLY A 31 -3.08 5.14 17.08
N PRO A 32 -3.91 6.09 17.49
CA PRO A 32 -4.74 5.96 18.69
C PRO A 32 -5.95 5.05 18.44
N HIS A 33 -5.98 4.50 17.24
CA HIS A 33 -7.04 3.66 16.78
C HIS A 33 -6.56 2.26 16.50
N CYS A 34 -5.29 2.17 16.19
CA CYS A 34 -4.76 0.97 15.58
C CYS A 34 -3.35 0.71 16.07
N ALA A 35 -3.08 -0.54 16.40
CA ALA A 35 -1.77 -0.94 16.85
C ALA A 35 -1.00 -1.58 15.70
N ASN A 36 -1.31 -1.12 14.51
CA ASN A 36 -0.70 -1.66 13.30
C ASN A 36 -0.58 -0.60 12.24
N THR A 37 0.21 -0.92 11.25
CA THR A 37 0.40 -0.08 10.08
C THR A 37 -0.15 -0.81 8.87
N GLU A 38 -0.90 -0.08 8.07
CA GLU A 38 -1.60 -0.67 6.94
C GLU A 38 -1.66 0.32 5.79
N ILE A 39 -1.61 -0.19 4.58
CA ILE A 39 -1.54 0.65 3.40
C ILE A 39 -2.87 0.70 2.64
N ILE A 40 -3.40 1.89 2.49
CA ILE A 40 -4.57 2.08 1.64
C ILE A 40 -4.08 2.41 0.23
N VAL A 41 -4.80 1.95 -0.79
CA VAL A 41 -4.33 2.13 -2.16
C VAL A 41 -5.48 2.24 -3.11
N LYS A 42 -5.20 2.84 -4.22
CA LYS A 42 -6.11 2.92 -5.30
C LYS A 42 -5.40 2.62 -6.60
N LEU A 43 -5.96 1.67 -7.31
CA LEU A 43 -5.59 1.41 -8.66
C LEU A 43 -6.50 2.19 -9.54
N SER A 44 -5.89 2.82 -10.51
CA SER A 44 -6.60 3.75 -11.36
C SER A 44 -7.69 3.04 -12.11
N ASP A 45 -7.34 1.90 -12.64
CA ASP A 45 -8.31 1.03 -13.23
C ASP A 45 -8.94 0.15 -12.16
N GLY A 46 -8.19 0.02 -11.08
CA GLY A 46 -8.36 -1.11 -10.20
C GLY A 46 -8.88 -0.81 -8.81
N ARG A 47 -9.67 0.22 -8.65
CA ARG A 47 -10.38 0.47 -7.41
C ARG A 47 -9.47 0.89 -6.29
N GLU A 48 -10.03 1.08 -5.12
CA GLU A 48 -9.19 1.34 -3.97
C GLU A 48 -9.42 0.28 -2.90
N LEU A 49 -8.32 -0.32 -2.49
CA LEU A 49 -8.34 -1.47 -1.65
C LEU A 49 -7.25 -1.35 -0.57
N CYS A 50 -6.98 -2.44 0.16
CA CYS A 50 -6.02 -2.40 1.25
C CYS A 50 -4.81 -3.28 0.92
N LEU A 51 -3.63 -2.84 1.32
CA LEU A 51 -2.42 -3.59 1.03
C LEU A 51 -1.69 -3.99 2.29
N ASP A 52 -0.90 -5.04 2.15
CA ASP A 52 -0.03 -5.51 3.22
C ASP A 52 1.34 -4.85 3.09
N PRO A 53 1.63 -3.82 3.92
CA PRO A 53 2.91 -3.09 3.86
C PRO A 53 4.09 -3.98 4.21
N LYS A 54 3.79 -5.18 4.63
CA LYS A 54 4.79 -6.10 5.10
C LYS A 54 5.22 -7.01 3.98
N GLU A 55 4.46 -7.00 2.89
CA GLU A 55 4.75 -7.87 1.77
C GLU A 55 5.60 -7.16 0.72
N ASN A 56 6.53 -7.92 0.19
CA ASN A 56 7.63 -7.40 -0.60
C ASN A 56 7.19 -6.94 -1.98
N TRP A 57 6.21 -7.65 -2.55
CA TRP A 57 5.65 -7.26 -3.84
C TRP A 57 5.06 -5.86 -3.73
N VAL A 58 4.53 -5.57 -2.56
CA VAL A 58 3.99 -4.26 -2.30
C VAL A 58 5.11 -3.27 -2.20
N GLN A 59 6.18 -3.70 -1.56
CA GLN A 59 7.22 -2.82 -1.16
C GLN A 59 7.95 -2.28 -2.35
N ARG A 60 7.83 -2.98 -3.46
CA ARG A 60 8.42 -2.58 -4.67
C ARG A 60 7.49 -1.66 -5.43
N VAL A 61 6.29 -2.12 -5.66
CA VAL A 61 5.38 -1.42 -6.51
C VAL A 61 4.88 -0.14 -5.84
N VAL A 62 4.95 -0.14 -4.54
CA VAL A 62 4.67 1.05 -3.74
C VAL A 62 5.88 1.97 -3.68
N GLU A 63 7.06 1.42 -3.38
CA GLU A 63 8.28 2.20 -3.35
C GLU A 63 8.47 2.91 -4.68
N LYS A 64 8.30 2.14 -5.72
CA LYS A 64 8.57 2.58 -7.05
C LYS A 64 7.41 3.43 -7.55
N PHE A 65 6.24 3.24 -6.94
CA PHE A 65 5.15 4.20 -7.11
C PHE A 65 5.57 5.58 -6.63
N LEU A 66 6.07 5.62 -5.39
CA LEU A 66 6.46 6.88 -4.76
C LEU A 66 7.52 7.61 -5.54
N MET B 1 10.13 12.85 -8.81
CA MET B 1 11.48 12.99 -9.32
C MET B 1 12.53 12.65 -8.26
N SER B 2 12.53 13.39 -7.16
CA SER B 2 13.50 13.19 -6.08
C SER B 2 14.87 13.72 -6.51
N ASN B 3 15.90 13.34 -5.75
CA ASN B 3 17.32 13.73 -5.96
C ASN B 3 17.96 13.91 -4.59
N ILE B 4 19.30 13.85 -4.55
CA ILE B 4 20.14 13.94 -3.33
C ILE B 4 20.27 12.54 -2.75
N THR B 5 21.24 12.37 -1.84
CA THR B 5 21.56 11.06 -1.23
C THR B 5 23.07 10.96 -0.95
N ASP B 6 23.51 9.73 -0.75
CA ASP B 6 24.85 9.37 -0.29
C ASP B 6 24.73 7.95 0.24
N PRO B 7 25.84 7.17 0.35
CA PRO B 7 25.70 5.76 0.54
C PRO B 7 24.81 5.06 -0.49
N GLN B 8 24.30 3.88 -0.16
CA GLN B 8 23.52 3.04 -1.08
C GLN B 8 23.47 1.62 -0.57
N MET B 9 22.66 0.81 -1.26
CA MET B 9 22.26 -0.55 -0.85
C MET B 9 20.77 -0.69 -1.16
N TRP B 10 20.25 -1.91 -1.10
CA TRP B 10 18.85 -2.20 -1.35
C TRP B 10 18.51 -2.01 -2.83
N ASP B 11 17.22 -2.11 -3.13
CA ASP B 11 16.67 -2.13 -4.48
C ASP B 11 15.45 -3.05 -4.45
N PHE B 12 15.04 -3.53 -5.63
CA PHE B 12 13.69 -4.03 -5.89
C PHE B 12 13.39 -3.83 -7.36
N ASP B 13 12.12 -3.79 -7.72
CA ASP B 13 11.70 -3.75 -9.11
C ASP B 13 10.18 -3.86 -9.13
N ASP B 14 9.56 -3.43 -10.19
CA ASP B 14 8.12 -3.25 -10.18
C ASP B 14 7.44 -4.23 -11.11
N LEU B 15 6.11 -4.40 -10.91
CA LEU B 15 5.34 -5.42 -11.59
C LEU B 15 5.28 -6.57 -10.62
N ASN B 16 5.26 -7.81 -11.09
CA ASN B 16 4.74 -8.96 -10.35
C ASN B 16 3.98 -9.86 -11.29
N PHE B 17 3.55 -10.98 -10.74
CA PHE B 17 2.92 -12.06 -11.46
C PHE B 17 2.82 -13.21 -10.50
N THR B 18 1.89 -14.10 -10.79
CA THR B 18 1.23 -14.92 -9.78
C THR B 18 0.17 -14.00 -9.22
N GLY B 19 -0.90 -14.48 -8.63
CA GLY B 19 -1.86 -13.51 -8.15
C GLY B 19 -2.41 -12.71 -9.33
N MET B 20 -2.89 -11.51 -9.05
CA MET B 20 -3.43 -10.60 -10.06
C MET B 20 -3.92 -9.35 -9.37
N PRO B 21 -4.82 -8.58 -10.02
CA PRO B 21 -5.48 -7.51 -9.32
C PRO B 21 -6.87 -7.15 -9.86
N PRO B 22 -7.62 -6.44 -9.02
CA PRO B 22 -9.04 -6.42 -9.03
C PRO B 22 -9.74 -7.80 -9.15
N ALA B 23 -10.95 -7.85 -8.59
CA ALA B 23 -11.53 -9.08 -8.00
C ALA B 23 -10.99 -8.99 -6.59
N ASP B 24 -11.52 -9.57 -5.54
CA ASP B 24 -11.17 -8.89 -4.28
C ASP B 24 -11.47 -9.57 -2.97
N GLU B 25 -11.39 -8.64 -2.02
CA GLU B 25 -11.17 -8.78 -0.62
C GLU B 25 -10.79 -7.33 -0.30
N ASP B 26 -10.11 -7.07 0.82
CA ASP B 26 -9.81 -5.73 1.36
C ASP B 26 -10.82 -5.43 2.43
N TYR B 27 -10.91 -4.17 2.83
CA TYR B 27 -12.13 -3.57 3.38
C TYR B 27 -11.80 -2.69 4.56
N SER B 28 -12.82 -2.00 5.07
CA SER B 28 -12.68 -1.07 6.20
C SER B 28 -13.91 -0.17 6.28
N PRO B 29 -14.11 0.52 7.44
CA PRO B 29 -15.30 1.34 7.61
C PRO B 29 -15.50 2.06 8.97
#